data_5HRM
#
_entry.id   5HRM
#
_cell.length_a   60.977
_cell.length_b   91.273
_cell.length_c   96.328
_cell.angle_alpha   78.900
_cell.angle_beta   73.600
_cell.angle_gamma   89.860
#
_symmetry.space_group_name_H-M   'P 1'
#
loop_
_entity.id
_entity.type
_entity.pdbx_description
1 polymer 'Haloalkylphosphorus hydrolase'
2 non-polymer 'MANGANESE (II) ION'
3 water water
#
_entity_poly.entity_id   1
_entity_poly.type   'polypeptide(L)'
_entity_poly.pdbx_seq_one_letter_code
;QVVIGPGDRPETGLQGQTTIEDVVSGRSKLPYHAGVRLVGRTDIWNRGGNLQLSWVDQCAYVSTFKQAGPITANSRSALF
LREPAGVAVIDVRDPRAPKPVRLLRDRGSIDAVETMHAIAAPGRKVLVAGAYSGGIAGRGEEDAAWLSIYDASNCLNPKL
QSEFKWPANIHMVTISPNGRRVYGTEVVPGLGSGKGGLHVLDISDMKRPRYLGRFGVTRPNGLTAGFTPHEVSISHDERR
IYAAVLASETGDVPVGASILASDGDVPVENGSVYILDNSDIVDGRSQPKMRLVGEAKQGGFHSVVPASINGVPHLVGAAE
LGACPGTWPRIINIADEKNPKIVGEFKLQMNIKENCDAIRFTPRKEDPYASFIPIPDITARLGAVGSHFNDVDDARNTRL
GLFPFFAGGVRIVDLRDPTKPVEVGYYKPGANPDTPLSGNGLNWTGLNDQVTDGCMSHVRYVPESGHIWFACVTTGFHVV
ELNPDLRARLGFPTVKLEHHHHHH
;
_entity_poly.pdbx_strand_id   A,B,C,D
#
loop_
_chem_comp.id
_chem_comp.type
_chem_comp.name
_chem_comp.formula
MN non-polymer 'MANGANESE (II) ION' 'Mn 2'
#
# COMPACT_ATOMS: atom_id res chain seq x y z
N GLN A 1 -8.23 56.87 -20.54
CA GLN A 1 -9.37 55.97 -20.56
C GLN A 1 -9.43 55.17 -21.86
N VAL A 2 -9.92 53.95 -21.79
CA VAL A 2 -9.92 53.11 -22.97
C VAL A 2 -11.02 53.43 -23.98
N VAL A 3 -10.61 53.79 -25.18
CA VAL A 3 -11.55 54.01 -26.22
C VAL A 3 -11.84 52.64 -26.82
N ILE A 4 -13.08 52.20 -26.64
CA ILE A 4 -13.51 50.95 -27.19
C ILE A 4 -14.02 51.17 -28.60
N GLY A 5 -13.39 50.53 -29.56
CA GLY A 5 -13.82 50.67 -30.92
C GLY A 5 -13.80 49.33 -31.58
N PRO A 6 -13.92 49.35 -32.89
CA PRO A 6 -13.89 48.13 -33.70
C PRO A 6 -12.68 47.24 -33.44
N GLY A 7 -12.87 45.93 -33.49
CA GLY A 7 -11.81 44.99 -33.24
C GLY A 7 -11.57 44.67 -31.77
N ASP A 8 -12.08 45.51 -30.89
CA ASP A 8 -11.95 45.29 -29.46
C ASP A 8 -12.95 44.26 -28.86
N ARG A 9 -12.53 43.59 -27.81
CA ARG A 9 -13.38 42.63 -27.10
C ARG A 9 -13.32 42.95 -25.62
N PRO A 10 -14.10 43.96 -25.19
CA PRO A 10 -13.94 44.60 -23.88
C PRO A 10 -14.25 43.73 -22.72
N GLU A 11 -13.75 44.13 -21.56
CA GLU A 11 -14.17 43.52 -20.31
C GLU A 11 -15.64 43.82 -20.11
N THR A 12 -16.34 42.86 -19.51
CA THR A 12 -17.78 42.93 -19.34
C THR A 12 -18.20 43.47 -17.97
N GLY A 13 -17.37 43.25 -16.95
CA GLY A 13 -17.70 43.69 -15.61
C GLY A 13 -16.96 44.95 -15.22
N LEU A 14 -16.61 45.06 -13.95
CA LEU A 14 -15.78 46.17 -13.49
C LEU A 14 -14.38 46.05 -14.08
N GLN A 15 -13.68 47.17 -14.14
CA GLN A 15 -12.34 47.20 -14.69
C GLN A 15 -11.41 46.23 -13.93
N GLY A 16 -10.92 45.21 -14.63
CA GLY A 16 -10.02 44.23 -14.05
C GLY A 16 -10.72 42.97 -13.61
N GLN A 17 -12.04 42.94 -13.72
CA GLN A 17 -12.81 41.84 -13.14
C GLN A 17 -12.99 40.67 -14.11
N THR A 18 -12.92 39.46 -13.58
CA THR A 18 -13.37 38.31 -14.35
C THR A 18 -14.70 37.88 -13.75
N THR A 19 -15.73 37.98 -14.56
CA THR A 19 -17.09 37.94 -14.09
C THR A 19 -17.54 36.46 -13.99
N ILE A 20 -18.28 36.09 -12.94
CA ILE A 20 -18.72 34.69 -12.83
C ILE A 20 -19.63 34.29 -14.00
N GLU A 21 -20.41 35.23 -14.50
CA GLU A 21 -21.25 34.99 -15.64
C GLU A 21 -20.40 34.51 -16.85
N ASP A 22 -19.25 35.11 -17.08
CA ASP A 22 -18.37 34.76 -18.19
C ASP A 22 -17.66 33.43 -17.94
N VAL A 23 -17.37 33.14 -16.68
CA VAL A 23 -16.79 31.84 -16.34
C VAL A 23 -17.79 30.73 -16.66
N VAL A 24 -19.02 30.94 -16.22
CA VAL A 24 -20.06 29.95 -16.43
C VAL A 24 -20.46 29.81 -17.91
N SER A 25 -20.50 30.92 -18.65
CA SER A 25 -20.92 30.85 -20.05
C SER A 25 -19.80 30.30 -20.92
N GLY A 26 -18.57 30.36 -20.43
CA GLY A 26 -17.38 29.95 -21.17
C GLY A 26 -16.66 31.10 -21.87
N ARG A 27 -17.28 32.27 -21.86
CA ARG A 27 -16.66 33.47 -22.44
C ARG A 27 -15.26 33.78 -21.86
N SER A 28 -15.04 33.42 -20.59
CA SER A 28 -13.75 33.68 -19.95
C SER A 28 -12.57 32.94 -20.60
N LYS A 29 -12.86 31.93 -21.43
CA LYS A 29 -11.81 31.16 -22.06
C LYS A 29 -11.26 31.83 -23.32
N LEU A 30 -11.91 32.89 -23.76
CA LEU A 30 -11.52 33.61 -24.96
C LEU A 30 -10.93 34.96 -24.55
N PRO A 31 -10.08 35.54 -25.40
CA PRO A 31 -9.41 36.78 -25.01
C PRO A 31 -10.32 37.97 -24.80
N TYR A 32 -9.85 38.92 -23.99
CA TYR A 32 -10.43 40.24 -23.90
C TYR A 32 -9.33 41.24 -24.21
N HIS A 33 -9.69 42.34 -24.87
CA HIS A 33 -8.71 43.37 -25.18
C HIS A 33 -9.36 44.67 -25.61
N ALA A 34 -8.66 45.77 -25.35
CA ALA A 34 -9.01 47.08 -25.89
C ALA A 34 -7.70 47.82 -26.16
N GLY A 35 -7.66 48.62 -27.23
CA GLY A 35 -6.51 49.48 -27.48
C GLY A 35 -5.32 48.78 -28.10
N VAL A 36 -5.35 47.45 -28.15
CA VAL A 36 -4.23 46.71 -28.70
C VAL A 36 -4.74 45.66 -29.68
N ARG A 37 -3.84 45.14 -30.47
CA ARG A 37 -4.15 43.97 -31.25
C ARG A 37 -3.08 42.90 -31.21
N LEU A 38 -3.50 41.65 -31.26
CA LEU A 38 -2.59 40.53 -31.22
C LEU A 38 -1.83 40.50 -32.54
N VAL A 39 -0.51 40.40 -32.43
CA VAL A 39 0.32 40.22 -33.61
C VAL A 39 0.56 38.74 -33.85
N GLY A 40 0.99 38.04 -32.81
CA GLY A 40 1.26 36.62 -32.92
C GLY A 40 1.35 35.98 -31.55
N ARG A 41 1.31 34.65 -31.50
CA ARG A 41 1.33 33.95 -30.23
C ARG A 41 1.77 32.50 -30.41
N THR A 42 2.47 31.96 -29.43
CA THR A 42 2.70 30.50 -29.38
C THR A 42 2.40 29.96 -28.00
N ASP A 43 1.73 28.81 -27.94
CA ASP A 43 1.46 28.18 -26.65
C ASP A 43 2.62 27.34 -26.13
N ILE A 44 3.74 27.38 -26.84
CA ILE A 44 4.99 26.74 -26.40
C ILE A 44 4.84 25.23 -26.16
N TRP A 45 4.56 24.50 -27.24
CA TRP A 45 4.22 23.08 -27.18
C TRP A 45 3.05 22.83 -26.23
N ASN A 46 2.17 23.83 -26.13
CA ASN A 46 0.97 23.75 -25.31
C ASN A 46 1.27 23.28 -23.89
N ARG A 47 2.32 23.84 -23.30
CA ARG A 47 2.93 23.28 -22.09
C ARG A 47 2.34 23.78 -20.76
N GLY A 48 1.90 25.04 -20.72
CA GLY A 48 1.52 25.66 -19.46
C GLY A 48 2.69 25.93 -18.52
N GLY A 49 2.38 26.37 -17.30
CA GLY A 49 3.41 26.57 -16.30
C GLY A 49 4.46 27.61 -16.65
N ASN A 50 4.13 28.53 -17.55
CA ASN A 50 5.08 29.59 -17.89
C ASN A 50 5.14 30.68 -16.85
N LEU A 51 6.32 31.25 -16.65
CA LEU A 51 6.40 32.38 -15.72
C LEU A 51 7.13 33.58 -16.32
N GLN A 52 8.46 33.53 -16.32
CA GLN A 52 9.27 34.72 -16.59
C GLN A 52 9.58 34.83 -18.08
N LEU A 53 9.73 36.06 -18.54
CA LEU A 53 10.15 36.32 -19.90
C LEU A 53 11.45 37.12 -19.91
N SER A 54 12.43 36.63 -20.67
CA SER A 54 13.61 37.42 -20.98
C SER A 54 13.83 37.40 -22.49
N TRP A 55 14.78 38.18 -22.98
CA TRP A 55 14.97 38.32 -24.43
C TRP A 55 16.35 38.81 -24.78
N VAL A 56 16.82 38.37 -25.95
CA VAL A 56 18.01 38.88 -26.58
C VAL A 56 17.69 39.04 -28.07
N ASP A 57 17.85 40.25 -28.59
CA ASP A 57 17.55 40.53 -30.01
C ASP A 57 16.14 40.09 -30.41
N GLN A 58 16.05 39.09 -31.28
CA GLN A 58 14.76 38.64 -31.80
C GLN A 58 14.34 37.31 -31.20
N CYS A 59 14.91 36.94 -30.05
CA CYS A 59 14.59 35.71 -29.35
C CYS A 59 14.05 35.96 -27.98
N ALA A 60 13.07 35.16 -27.60
CA ALA A 60 12.46 35.27 -26.27
C ALA A 60 12.83 34.03 -25.47
N TYR A 61 13.03 34.21 -24.18
CA TYR A 61 13.28 33.10 -23.26
C TYR A 61 12.17 33.04 -22.20
N VAL A 62 11.51 31.90 -22.07
CA VAL A 62 10.39 31.76 -21.15
C VAL A 62 10.64 30.65 -20.13
N SER A 63 10.66 31.00 -18.85
CA SER A 63 10.90 30.02 -17.79
C SER A 63 9.62 29.23 -17.50
N THR A 64 9.76 28.12 -16.77
CA THR A 64 8.62 27.44 -16.20
C THR A 64 8.73 27.36 -14.67
N PHE A 65 7.62 27.04 -14.00
CA PHE A 65 7.66 26.77 -12.58
C PHE A 65 6.84 25.51 -12.29
N LYS A 66 7.26 24.74 -11.31
CA LYS A 66 6.70 23.41 -11.14
C LYS A 66 5.54 23.43 -10.15
N GLN A 67 4.58 22.52 -10.35
CA GLN A 67 3.44 22.45 -9.46
C GLN A 67 3.79 21.88 -8.09
N ALA A 68 4.92 21.17 -8.02
CA ALA A 68 5.38 20.60 -6.75
C ALA A 68 5.58 21.65 -5.67
N GLY A 69 5.74 22.91 -6.04
CA GLY A 69 5.76 23.99 -5.07
C GLY A 69 7.01 24.84 -5.16
N PRO A 70 6.94 26.07 -4.60
CA PRO A 70 8.03 27.04 -4.77
C PRO A 70 9.37 26.55 -4.26
N ILE A 71 9.38 25.89 -3.10
CA ILE A 71 10.65 25.57 -2.45
C ILE A 71 10.90 24.06 -2.28
N THR A 72 10.11 23.26 -2.98
CA THR A 72 10.31 21.81 -3.03
C THR A 72 11.59 21.52 -3.78
N ALA A 73 12.38 20.59 -3.27
CA ALA A 73 13.64 20.20 -3.92
C ALA A 73 13.39 19.73 -5.35
N ASN A 74 14.24 20.15 -6.28
CA ASN A 74 14.13 19.67 -7.66
C ASN A 74 14.36 18.15 -7.75
N SER A 75 15.25 17.62 -6.92
CA SER A 75 15.52 16.18 -6.88
C SER A 75 14.30 15.35 -6.46
N ARG A 76 13.32 15.96 -5.78
CA ARG A 76 12.14 15.23 -5.36
C ARG A 76 10.97 15.46 -6.32
N SER A 77 11.20 16.22 -7.38
CA SER A 77 10.12 16.68 -8.23
C SER A 77 10.19 16.20 -9.69
N ALA A 78 10.85 15.07 -9.94
CA ALA A 78 11.01 14.59 -11.32
C ALA A 78 9.69 14.39 -12.07
N LEU A 79 8.61 14.08 -11.36
CA LEU A 79 7.30 13.91 -12.00
C LEU A 79 6.76 15.23 -12.57
N PHE A 80 7.36 16.35 -12.18
CA PHE A 80 6.89 17.66 -12.60
C PHE A 80 7.92 18.37 -13.48
N LEU A 81 9.05 17.70 -13.72
CA LEU A 81 10.15 18.34 -14.44
C LEU A 81 10.49 17.69 -15.78
N ARG A 82 9.63 16.81 -16.26
CA ARG A 82 9.79 16.23 -17.59
C ARG A 82 9.53 17.29 -18.68
N GLU A 83 10.05 17.05 -19.89
CA GLU A 83 9.71 17.91 -21.01
C GLU A 83 8.18 17.99 -21.04
N PRO A 84 7.62 19.17 -21.36
CA PRO A 84 8.30 20.40 -21.82
C PRO A 84 8.69 21.43 -20.75
N ALA A 85 8.98 21.01 -19.52
CA ALA A 85 9.52 21.94 -18.54
C ALA A 85 10.92 22.44 -18.93
N GLY A 86 11.25 23.66 -18.53
CA GLY A 86 12.55 24.23 -18.83
C GLY A 86 12.41 25.61 -19.45
N VAL A 87 13.53 26.25 -19.73
CA VAL A 87 13.46 27.57 -20.34
C VAL A 87 13.31 27.37 -21.84
N ALA A 88 12.22 27.87 -22.39
CA ALA A 88 11.98 27.70 -23.81
C ALA A 88 12.63 28.84 -24.59
N VAL A 89 13.32 28.48 -25.67
CA VAL A 89 13.89 29.47 -26.56
C VAL A 89 12.94 29.67 -27.71
N ILE A 90 12.48 30.91 -27.89
CA ILE A 90 11.49 31.24 -28.89
C ILE A 90 11.98 32.18 -30.01
N ASP A 91 11.89 31.72 -31.25
CA ASP A 91 12.32 32.49 -32.42
C ASP A 91 11.20 33.46 -32.78
N VAL A 92 11.45 34.76 -32.62
CA VAL A 92 10.46 35.78 -32.93
C VAL A 92 10.87 36.61 -34.17
N ARG A 93 11.66 36.01 -35.05
CA ARG A 93 12.02 36.73 -36.28
C ARG A 93 10.78 37.09 -37.13
N ASP A 94 9.78 36.20 -37.14
CA ASP A 94 8.45 36.55 -37.62
C ASP A 94 7.49 36.66 -36.44
N PRO A 95 7.20 37.90 -36.01
CA PRO A 95 6.36 38.13 -34.82
C PRO A 95 4.95 37.61 -35.02
N ARG A 96 4.50 37.49 -36.26
CA ARG A 96 3.19 36.98 -36.54
C ARG A 96 3.12 35.49 -36.33
N ALA A 97 4.28 34.85 -36.21
CA ALA A 97 4.37 33.40 -36.00
C ALA A 97 5.59 33.02 -35.18
N PRO A 98 5.60 33.37 -33.89
CA PRO A 98 6.76 33.05 -33.03
C PRO A 98 6.87 31.54 -32.91
N LYS A 99 8.07 31.01 -32.86
CA LYS A 99 8.24 29.59 -32.89
C LYS A 99 9.13 29.07 -31.77
N PRO A 100 8.61 28.12 -30.99
CA PRO A 100 9.47 27.51 -29.98
C PRO A 100 10.51 26.66 -30.67
N VAL A 101 11.78 26.84 -30.36
CA VAL A 101 12.80 26.08 -31.06
C VAL A 101 13.58 25.11 -30.16
N ARG A 102 13.74 25.48 -28.91
CA ARG A 102 14.67 24.79 -28.04
C ARG A 102 14.23 24.85 -26.59
N LEU A 103 14.59 23.83 -25.82
CA LEU A 103 14.29 23.76 -24.39
C LEU A 103 15.60 23.62 -23.59
N LEU A 104 15.85 24.55 -22.68
CA LEU A 104 17.05 24.50 -21.87
C LEU A 104 16.72 23.89 -20.51
N ARG A 105 17.39 22.80 -20.19
CA ARG A 105 17.02 21.97 -19.04
C ARG A 105 18.25 21.60 -18.22
N ASP A 106 19.09 22.61 -17.97
CA ASP A 106 20.25 22.40 -17.13
C ASP A 106 19.87 22.65 -15.66
N ARG A 107 20.86 22.67 -14.77
CA ARG A 107 20.55 22.77 -13.35
C ARG A 107 19.78 24.05 -12.98
N GLY A 108 20.14 25.17 -13.61
CA GLY A 108 19.48 26.42 -13.29
C GLY A 108 18.25 26.68 -14.15
N SER A 109 18.19 26.06 -15.32
CA SER A 109 17.11 26.32 -16.26
C SER A 109 15.94 25.33 -16.20
N ILE A 110 16.14 24.18 -15.55
CA ILE A 110 15.07 23.18 -15.48
C ILE A 110 13.81 23.73 -14.76
N ASP A 111 14.03 24.53 -13.72
CA ASP A 111 12.95 25.10 -12.93
C ASP A 111 13.34 26.50 -12.49
N ALA A 112 13.44 27.41 -13.44
CA ALA A 112 13.88 28.74 -13.13
C ALA A 112 12.90 29.67 -12.44
N VAL A 113 11.61 29.50 -12.67
CA VAL A 113 10.58 30.30 -12.04
C VAL A 113 10.82 31.81 -12.30
N GLU A 114 11.01 32.61 -11.26
CA GLU A 114 11.30 34.05 -11.46
C GLU A 114 12.77 34.34 -11.75
N THR A 115 13.62 33.32 -11.56
CA THR A 115 15.06 33.50 -11.51
C THR A 115 15.70 33.35 -12.90
N MET A 116 15.51 34.37 -13.73
CA MET A 116 16.05 34.34 -15.08
C MET A 116 16.17 35.77 -15.59
N HIS A 117 17.25 36.06 -16.29
CA HIS A 117 17.39 37.36 -16.93
C HIS A 117 18.31 37.20 -18.14
N ALA A 118 18.20 38.12 -19.09
CA ALA A 118 19.08 38.12 -20.24
C ALA A 118 19.39 39.55 -20.60
N ILE A 119 20.59 39.77 -21.11
CA ILE A 119 21.00 41.10 -21.53
C ILE A 119 21.83 41.00 -22.80
N ALA A 120 21.65 41.99 -23.67
CA ALA A 120 22.44 42.15 -24.88
C ALA A 120 23.23 43.44 -24.69
N ALA A 121 24.51 43.29 -24.38
CA ALA A 121 25.40 44.40 -24.05
C ALA A 121 26.50 44.46 -25.11
N PRO A 122 27.31 45.54 -25.15
CA PRO A 122 28.34 45.60 -26.19
C PRO A 122 29.33 44.44 -26.08
N GLY A 123 29.40 43.61 -27.12
CA GLY A 123 30.33 42.51 -27.14
C GLY A 123 29.92 41.35 -26.25
N ARG A 124 28.73 41.41 -25.69
CA ARG A 124 28.25 40.33 -24.87
C ARG A 124 26.77 40.12 -24.88
N LYS A 125 26.33 38.94 -25.24
CA LYS A 125 24.94 38.54 -25.07
C LYS A 125 24.90 37.36 -24.11
N VAL A 126 24.16 37.51 -23.02
CA VAL A 126 24.20 36.49 -21.97
C VAL A 126 22.82 36.22 -21.37
N LEU A 127 22.55 34.95 -21.11
CA LEU A 127 21.30 34.56 -20.50
C LEU A 127 21.68 33.78 -19.26
N VAL A 128 21.05 34.08 -18.13
CA VAL A 128 21.26 33.29 -16.93
C VAL A 128 19.94 32.81 -16.36
N ALA A 129 19.96 31.60 -15.83
CA ALA A 129 18.76 31.05 -15.21
C ALA A 129 19.18 30.24 -13.99
N GLY A 130 18.45 30.40 -12.90
CA GLY A 130 18.85 29.83 -11.63
C GLY A 130 17.76 28.99 -10.99
N ALA A 131 18.19 28.02 -10.17
CA ALA A 131 17.27 27.17 -9.42
C ALA A 131 16.62 27.96 -8.29
N TYR A 132 15.46 28.53 -8.60
CA TYR A 132 14.64 29.28 -7.66
C TYR A 132 14.47 28.56 -6.31
N SER A 133 14.33 27.23 -6.35
CA SER A 133 14.11 26.46 -5.13
C SER A 133 15.39 25.93 -4.49
N GLY A 134 16.55 26.26 -5.06
CA GLY A 134 17.77 25.61 -4.65
C GLY A 134 18.42 26.26 -3.45
N GLY A 135 19.20 25.49 -2.71
CA GLY A 135 19.99 26.02 -1.61
C GLY A 135 19.25 26.15 -0.27
N ILE A 136 18.06 25.57 -0.16
CA ILE A 136 17.42 25.44 1.14
C ILE A 136 18.32 24.58 2.03
N ALA A 137 18.48 25.00 3.29
CA ALA A 137 19.39 24.31 4.21
C ALA A 137 19.03 22.84 4.39
N GLY A 138 20.05 22.00 4.51
CA GLY A 138 19.85 20.59 4.83
C GLY A 138 19.58 19.68 3.64
N ARG A 139 19.91 20.14 2.44
CA ARG A 139 19.70 19.36 1.24
C ARG A 139 21.02 19.03 0.56
N GLY A 140 20.98 18.10 -0.39
CA GLY A 140 22.16 17.69 -1.11
C GLY A 140 22.58 18.65 -2.20
N GLU A 141 23.80 18.47 -2.71
CA GLU A 141 24.42 19.28 -3.72
C GLU A 141 23.60 19.43 -4.98
N GLU A 142 22.91 18.38 -5.38
CA GLU A 142 22.06 18.47 -6.56
C GLU A 142 20.94 19.50 -6.36
N ASP A 143 20.57 19.74 -5.11
CA ASP A 143 19.51 20.69 -4.80
C ASP A 143 20.05 22.04 -4.35
N ALA A 144 21.31 22.32 -4.65
CA ALA A 144 21.89 23.62 -4.35
C ALA A 144 21.31 24.75 -5.20
N ALA A 145 21.60 25.98 -4.82
CA ALA A 145 21.19 27.14 -5.61
C ALA A 145 22.06 27.31 -6.86
N TRP A 146 21.81 26.51 -7.89
CA TRP A 146 22.62 26.59 -9.11
C TRP A 146 22.22 27.76 -10.00
N LEU A 147 23.21 28.35 -10.66
CA LEU A 147 22.95 29.35 -11.68
C LEU A 147 23.57 28.92 -13.00
N SER A 148 22.75 28.62 -14.00
CA SER A 148 23.28 28.28 -15.32
C SER A 148 23.49 29.54 -16.17
N ILE A 149 24.68 29.64 -16.75
CA ILE A 149 25.10 30.83 -17.49
C ILE A 149 25.31 30.48 -18.95
N TYR A 150 24.59 31.16 -19.83
CA TYR A 150 24.62 30.88 -21.27
C TYR A 150 25.19 32.02 -22.09
N ASP A 151 26.10 31.70 -22.98
CA ASP A 151 26.50 32.62 -24.04
C ASP A 151 25.40 32.61 -25.08
N ALA A 152 24.74 33.74 -25.26
CA ALA A 152 23.67 33.86 -26.22
C ALA A 152 24.08 34.64 -27.49
N SER A 153 25.33 34.54 -27.90
CA SER A 153 25.80 35.18 -29.12
C SER A 153 24.95 34.81 -30.29
N ASN A 154 24.59 33.55 -30.35
CA ASN A 154 23.52 33.10 -31.23
C ASN A 154 22.29 32.82 -30.36
N CYS A 155 21.37 33.78 -30.37
CA CYS A 155 20.26 33.79 -29.43
C CYS A 155 19.32 32.59 -29.56
N LEU A 156 19.31 31.96 -30.73
CA LEU A 156 18.51 30.77 -30.97
C LEU A 156 19.15 29.52 -30.35
N ASN A 157 20.44 29.59 -30.07
CA ASN A 157 21.14 28.43 -29.50
C ASN A 157 22.12 28.83 -28.40
N PRO A 158 21.60 29.24 -27.23
CA PRO A 158 22.42 29.65 -26.08
C PRO A 158 23.31 28.50 -25.63
N LYS A 159 24.60 28.77 -25.42
CA LYS A 159 25.56 27.73 -25.07
C LYS A 159 25.99 27.81 -23.62
N LEU A 160 25.68 26.77 -22.86
CA LEU A 160 26.00 26.65 -21.44
C LEU A 160 27.49 26.84 -21.24
N GLN A 161 27.86 27.87 -20.48
CA GLN A 161 29.27 28.17 -20.21
C GLN A 161 29.72 27.59 -18.88
N SER A 162 28.85 27.67 -17.88
CA SER A 162 29.16 27.07 -16.59
C SER A 162 27.91 27.06 -15.73
N GLU A 163 28.00 26.34 -14.62
CA GLU A 163 26.96 26.36 -13.62
C GLU A 163 27.60 26.71 -12.28
N PHE A 164 27.15 27.81 -11.71
CA PHE A 164 27.75 28.33 -10.48
C PHE A 164 26.83 28.05 -9.31
N LYS A 165 27.40 27.67 -8.17
CA LYS A 165 26.59 27.42 -6.99
C LYS A 165 26.66 28.58 -5.98
N TRP A 166 25.56 29.33 -5.86
CA TRP A 166 25.48 30.41 -4.88
C TRP A 166 25.53 29.81 -3.49
N PRO A 167 26.11 30.54 -2.52
CA PRO A 167 26.13 30.05 -1.13
C PRO A 167 24.83 30.29 -0.33
N ALA A 168 23.73 30.56 -1.02
CA ALA A 168 22.43 30.77 -0.36
C ALA A 168 21.35 30.63 -1.43
N ASN A 169 20.08 30.56 -1.03
CA ASN A 169 19.01 30.64 -2.02
C ASN A 169 18.96 32.01 -2.68
N ILE A 170 18.98 32.04 -4.01
CA ILE A 170 18.89 33.31 -4.74
C ILE A 170 17.56 33.32 -5.47
N HIS A 171 16.84 34.42 -5.32
CA HIS A 171 15.43 34.48 -5.66
C HIS A 171 15.20 35.10 -7.04
N MET A 172 15.74 36.30 -7.23
CA MET A 172 15.77 36.89 -8.56
C MET A 172 17.17 37.36 -8.92
N VAL A 173 17.47 37.35 -10.21
CA VAL A 173 18.76 37.79 -10.70
C VAL A 173 18.60 38.92 -11.70
N THR A 174 19.52 39.87 -11.64
CA THR A 174 19.57 40.96 -12.59
C THR A 174 21.00 41.08 -13.09
N ILE A 175 21.19 40.94 -14.38
CA ILE A 175 22.50 41.15 -14.99
C ILE A 175 22.70 42.66 -15.16
N SER A 176 23.90 43.15 -14.85
CA SER A 176 24.24 44.55 -15.04
C SER A 176 24.16 44.91 -16.53
N PRO A 177 23.98 46.21 -16.83
CA PRO A 177 23.90 46.65 -18.24
C PRO A 177 25.10 46.27 -19.12
N ASN A 178 26.32 46.25 -18.58
CA ASN A 178 27.47 45.79 -19.35
C ASN A 178 27.60 44.26 -19.50
N GLY A 179 26.69 43.52 -18.86
CA GLY A 179 26.73 42.08 -18.99
C GLY A 179 27.82 41.37 -18.20
N ARG A 180 28.49 42.11 -17.32
CA ARG A 180 29.67 41.60 -16.60
C ARG A 180 29.40 41.08 -15.19
N ARG A 181 28.29 41.52 -14.59
CA ARG A 181 27.94 41.11 -13.23
C ARG A 181 26.49 40.65 -13.08
N VAL A 182 26.26 39.70 -12.16
CA VAL A 182 24.91 39.29 -11.79
C VAL A 182 24.59 39.64 -10.34
N TYR A 183 23.47 40.35 -10.15
CA TYR A 183 23.00 40.71 -8.82
C TYR A 183 21.86 39.76 -8.43
N GLY A 184 22.05 38.99 -7.37
CA GLY A 184 21.07 37.99 -7.01
C GLY A 184 20.51 38.30 -5.64
N THR A 185 19.19 38.38 -5.54
CA THR A 185 18.55 38.70 -4.28
C THR A 185 18.40 37.47 -3.38
N GLU A 186 18.63 37.67 -2.09
CA GLU A 186 18.34 36.62 -1.11
C GLU A 186 17.18 37.11 -0.25
N VAL A 187 16.03 36.47 -0.38
CA VAL A 187 14.85 36.84 0.38
C VAL A 187 14.47 35.69 1.35
N VAL A 188 14.99 34.49 1.06
CA VAL A 188 14.73 33.27 1.81
C VAL A 188 16.02 32.84 2.48
N PRO A 189 15.97 32.40 3.75
CA PRO A 189 14.82 32.26 4.64
C PRO A 189 14.47 33.50 5.47
N GLY A 190 15.27 34.56 5.34
CA GLY A 190 15.05 35.76 6.15
C GLY A 190 13.63 36.31 6.12
N LEU A 191 13.08 36.39 4.91
CA LEU A 191 11.74 36.97 4.65
C LEU A 191 11.45 38.23 5.50
N GLY A 192 10.41 38.18 6.33
CA GLY A 192 10.00 39.33 7.14
C GLY A 192 11.01 39.82 8.18
N SER A 193 11.98 38.99 8.52
CA SER A 193 13.00 39.40 9.49
C SER A 193 13.98 40.39 8.87
N GLY A 194 13.95 40.50 7.55
CA GLY A 194 14.89 41.37 6.86
C GLY A 194 16.31 40.83 6.85
N LYS A 195 16.47 39.57 7.26
CA LYS A 195 17.81 38.99 7.33
C LYS A 195 18.24 38.27 6.06
N GLY A 196 18.71 39.02 5.09
CA GLY A 196 19.14 38.48 3.80
C GLY A 196 20.08 39.50 3.20
N GLY A 197 20.12 39.58 1.88
CA GLY A 197 20.95 40.58 1.24
C GLY A 197 21.02 40.46 -0.27
N LEU A 198 22.00 41.15 -0.84
CA LEU A 198 22.19 41.18 -2.27
C LEU A 198 23.55 40.56 -2.57
N HIS A 199 23.52 39.45 -3.31
CA HIS A 199 24.72 38.74 -3.69
C HIS A 199 25.19 39.24 -5.04
N VAL A 200 26.50 39.32 -5.23
CA VAL A 200 27.05 39.76 -6.49
C VAL A 200 28.04 38.75 -7.09
N LEU A 201 27.80 38.38 -8.35
CA LEU A 201 28.65 37.43 -9.06
C LEU A 201 29.30 38.04 -10.32
N ASP A 202 30.63 38.00 -10.40
CA ASP A 202 31.33 38.44 -11.60
C ASP A 202 31.31 37.34 -12.67
N ILE A 203 30.77 37.65 -13.84
CA ILE A 203 30.66 36.67 -14.91
C ILE A 203 31.33 37.14 -16.18
N SER A 204 32.32 38.02 -16.03
CA SER A 204 33.07 38.55 -17.17
C SER A 204 33.75 37.41 -17.95
N ASP A 205 34.21 36.40 -17.23
CA ASP A 205 34.46 35.10 -17.82
C ASP A 205 33.27 34.21 -17.47
N MET A 206 32.41 33.96 -18.46
CA MET A 206 31.22 33.17 -18.26
C MET A 206 31.49 31.72 -17.85
N LYS A 207 32.65 31.21 -18.24
CA LYS A 207 33.05 29.87 -17.89
C LYS A 207 33.63 29.77 -16.50
N ARG A 208 34.11 30.88 -15.98
CA ARG A 208 34.74 30.93 -14.65
C ARG A 208 34.20 32.10 -13.82
N PRO A 209 32.96 31.99 -13.35
CA PRO A 209 32.36 33.10 -12.60
C PRO A 209 33.01 33.22 -11.22
N ARG A 210 33.07 34.44 -10.69
CA ARG A 210 33.73 34.71 -9.43
C ARG A 210 32.81 35.50 -8.50
N TYR A 211 32.56 34.91 -7.33
CA TYR A 211 31.64 35.45 -6.34
C TYR A 211 32.24 36.67 -5.64
N LEU A 212 31.50 37.77 -5.62
CA LEU A 212 31.98 39.00 -5.00
C LEU A 212 31.51 39.21 -3.56
N GLY A 213 30.54 38.42 -3.11
CA GLY A 213 30.08 38.57 -1.75
C GLY A 213 28.60 38.89 -1.61
N ARG A 214 28.15 38.88 -0.36
CA ARG A 214 26.79 39.22 0.01
C ARG A 214 26.74 40.56 0.69
N PHE A 215 25.85 41.43 0.26
CA PHE A 215 25.87 42.80 0.75
C PHE A 215 24.62 43.14 1.52
N GLY A 216 24.78 43.92 2.58
CA GLY A 216 23.66 44.49 3.28
C GLY A 216 23.59 45.96 2.87
N VAL A 217 22.80 46.74 3.60
CA VAL A 217 22.64 48.16 3.33
C VAL A 217 23.45 48.97 4.35
N THR A 218 24.34 49.81 3.84
CA THR A 218 25.17 50.65 4.69
C THR A 218 24.57 52.06 4.83
N ARG A 219 24.41 52.51 6.07
CA ARG A 219 23.76 53.79 6.34
C ARG A 219 24.72 54.82 6.90
N PRO A 220 24.25 56.05 6.97
CA PRO A 220 25.09 57.16 7.41
C PRO A 220 25.77 56.92 8.75
N ASN A 221 25.17 56.10 9.59
CA ASN A 221 25.73 55.80 10.87
C ASN A 221 26.90 54.86 10.82
N GLY A 222 27.33 54.49 9.64
CA GLY A 222 28.45 53.59 9.49
C GLY A 222 28.13 52.11 9.60
N LEU A 223 26.91 51.78 9.99
CA LEU A 223 26.53 50.39 10.14
C LEU A 223 25.90 49.78 8.90
N THR A 224 26.15 48.49 8.71
CA THR A 224 25.54 47.73 7.62
C THR A 224 24.53 46.75 8.21
N ALA A 225 23.30 46.76 7.70
CA ALA A 225 22.26 45.88 8.21
C ALA A 225 21.70 45.05 7.08
N GLY A 226 21.17 43.89 7.41
CA GLY A 226 20.60 43.04 6.39
C GLY A 226 19.33 43.65 5.83
N PHE A 227 18.93 43.17 4.66
CA PHE A 227 17.63 43.47 4.10
C PHE A 227 17.22 42.30 3.22
N THR A 228 15.94 42.21 2.88
CA THR A 228 15.49 41.16 1.99
C THR A 228 14.87 41.77 0.74
N PRO A 229 15.72 42.09 -0.25
CA PRO A 229 15.21 42.59 -1.53
C PRO A 229 14.60 41.46 -2.31
N HIS A 230 13.48 41.71 -2.97
CA HIS A 230 12.91 40.68 -3.82
C HIS A 230 13.56 40.71 -5.20
N GLU A 231 13.73 41.90 -5.73
CA GLU A 231 14.31 42.11 -7.03
C GLU A 231 14.99 43.48 -7.09
N VAL A 232 16.06 43.61 -7.85
CA VAL A 232 16.66 44.92 -8.10
C VAL A 232 16.65 45.28 -9.59
N SER A 233 16.61 46.58 -9.88
CA SER A 233 16.95 47.04 -11.20
C SER A 233 18.19 47.92 -11.04
N ILE A 234 18.88 48.17 -12.15
CA ILE A 234 20.17 48.85 -12.10
C ILE A 234 20.24 49.99 -13.10
N SER A 235 20.86 51.10 -12.70
CA SER A 235 20.98 52.26 -13.58
C SER A 235 21.93 51.97 -14.75
N HIS A 236 21.86 52.82 -15.77
CA HIS A 236 22.64 52.65 -17.00
C HIS A 236 24.14 52.56 -16.77
N ASP A 237 24.64 53.29 -15.78
CA ASP A 237 26.07 53.26 -15.47
C ASP A 237 26.39 52.37 -14.28
N GLU A 238 25.38 51.66 -13.77
CA GLU A 238 25.52 50.70 -12.69
C GLU A 238 25.81 51.34 -11.32
N ARG A 239 25.82 52.66 -11.25
CA ARG A 239 26.18 53.33 -10.01
C ARG A 239 25.00 53.46 -9.05
N ARG A 240 23.80 53.17 -9.55
CA ARG A 240 22.64 53.13 -8.67
C ARG A 240 21.93 51.80 -8.78
N ILE A 241 21.58 51.24 -7.63
CA ILE A 241 20.73 50.05 -7.59
C ILE A 241 19.39 50.40 -6.96
N TYR A 242 18.30 50.08 -7.65
CA TYR A 242 16.97 50.32 -7.12
C TYR A 242 16.42 48.99 -6.65
N ALA A 243 16.27 48.86 -5.35
CA ALA A 243 15.88 47.60 -4.76
C ALA A 243 14.45 47.67 -4.28
N ALA A 244 13.67 46.68 -4.70
CA ALA A 244 12.35 46.48 -4.12
C ALA A 244 12.56 45.61 -2.90
N VAL A 245 12.10 46.08 -1.74
CA VAL A 245 12.53 45.51 -0.46
C VAL A 245 11.36 45.03 0.38
N LEU A 246 11.39 43.75 0.73
CA LEU A 246 10.37 43.18 1.57
C LEU A 246 10.48 43.65 3.03
N ALA A 247 11.69 43.62 3.57
CA ALA A 247 11.92 43.97 4.97
C ALA A 247 13.36 44.37 5.20
N SER A 248 13.59 45.07 6.31
CA SER A 248 14.93 45.44 6.74
C SER A 248 15.19 44.89 8.13
N GLU A 249 16.43 44.53 8.39
CA GLU A 249 16.85 44.09 9.70
C GLU A 249 16.75 45.23 10.70
N THR A 250 16.71 46.46 10.22
CA THR A 250 16.48 47.62 11.09
C THR A 250 15.01 47.70 11.45
N GLY A 251 14.19 46.91 10.75
CA GLY A 251 12.80 46.76 11.09
C GLY A 251 11.93 47.93 10.66
N ASP A 252 12.41 48.81 9.82
CA ASP A 252 11.62 49.99 9.50
C ASP A 252 10.55 49.71 8.47
N VAL A 253 10.62 48.57 7.82
CA VAL A 253 9.79 48.33 6.66
C VAL A 253 8.60 47.43 6.99
N PRO A 254 7.38 47.94 6.75
CA PRO A 254 6.16 47.23 7.13
C PRO A 254 5.98 45.97 6.29
N VAL A 255 5.72 44.87 6.98
CA VAL A 255 5.57 43.55 6.36
C VAL A 255 4.21 43.02 6.75
N GLY A 256 3.43 42.57 5.78
CA GLY A 256 2.05 42.24 6.05
C GLY A 256 1.61 40.85 5.62
N ALA A 257 0.32 40.74 5.29
CA ALA A 257 -0.32 39.46 5.02
C ALA A 257 0.30 38.70 3.86
N SER A 258 -0.09 37.43 3.75
CA SER A 258 0.32 36.58 2.64
C SER A 258 -0.26 37.06 1.32
N ILE A 259 0.61 37.16 0.30
CA ILE A 259 0.18 37.50 -1.05
C ILE A 259 -0.77 36.47 -1.65
N LEU A 260 -0.78 35.29 -1.08
CA LEU A 260 -1.56 34.24 -1.63
C LEU A 260 -2.79 33.95 -0.81
N ALA A 261 -3.04 34.74 0.24
CA ALA A 261 -4.22 34.52 1.06
C ALA A 261 -5.47 34.77 0.24
N SER A 262 -6.36 33.80 0.28
CA SER A 262 -7.57 33.74 -0.54
C SER A 262 -8.51 34.88 -0.35
N ASP A 263 -9.05 34.91 0.85
CA ASP A 263 -10.00 35.90 1.26
C ASP A 263 -9.58 36.31 2.64
N GLY A 264 -8.90 37.44 2.69
CA GLY A 264 -8.46 37.96 3.95
C GLY A 264 -8.79 39.42 3.92
N ASP A 265 -8.92 39.99 5.09
CA ASP A 265 -9.22 41.38 5.23
C ASP A 265 -7.91 42.14 5.16
N VAL A 266 -7.05 41.78 6.08
CA VAL A 266 -5.74 42.36 6.24
C VAL A 266 -5.03 42.49 4.91
N PRO A 267 -4.79 43.73 4.47
CA PRO A 267 -4.10 43.94 3.22
C PRO A 267 -2.64 43.61 3.18
N VAL A 268 -2.20 43.31 1.98
CA VAL A 268 -0.78 43.14 1.70
C VAL A 268 -0.11 44.50 1.80
N GLU A 269 0.94 44.61 2.58
CA GLU A 269 1.64 45.86 2.68
C GLU A 269 2.63 46.04 1.54
N ASN A 270 2.93 47.26 1.23
CA ASN A 270 3.74 47.56 0.10
C ASN A 270 5.21 47.42 0.17
N GLY A 271 5.75 47.33 1.34
CA GLY A 271 7.19 47.29 1.53
C GLY A 271 7.83 48.62 1.21
N SER A 272 9.10 48.61 0.82
CA SER A 272 9.82 49.85 0.61
C SER A 272 10.76 49.75 -0.59
N VAL A 273 11.08 50.89 -1.18
CA VAL A 273 12.07 50.93 -2.25
C VAL A 273 13.32 51.63 -1.76
N TYR A 274 14.48 50.99 -1.92
CA TYR A 274 15.75 51.59 -1.51
C TYR A 274 16.52 52.02 -2.73
N ILE A 275 17.09 53.22 -2.67
CA ILE A 275 18.07 53.63 -3.68
C ILE A 275 19.46 53.45 -3.09
N LEU A 276 20.27 52.63 -3.76
CA LEU A 276 21.59 52.28 -3.28
C LEU A 276 22.68 52.80 -4.21
N ASP A 277 23.68 53.42 -3.60
CA ASP A 277 24.89 53.88 -4.27
C ASP A 277 25.79 52.66 -4.45
N ASN A 278 26.09 52.33 -5.71
CA ASN A 278 26.87 51.15 -6.06
C ASN A 278 28.25 51.51 -6.60
N SER A 279 28.71 52.73 -6.30
CA SER A 279 29.97 53.24 -6.85
C SER A 279 31.20 52.42 -6.46
N ASP A 280 31.21 51.85 -5.25
CA ASP A 280 32.32 51.01 -4.82
C ASP A 280 32.59 49.85 -5.77
N ILE A 281 31.55 49.08 -6.10
CA ILE A 281 31.70 47.98 -7.04
C ILE A 281 32.07 48.48 -8.45
N VAL A 282 31.43 49.56 -8.89
CA VAL A 282 31.68 50.09 -10.22
C VAL A 282 33.14 50.56 -10.38
N ASP A 283 33.66 51.22 -9.36
CA ASP A 283 35.02 51.75 -9.42
C ASP A 283 36.06 50.74 -8.93
N GLY A 284 35.58 49.63 -8.37
CA GLY A 284 36.47 48.55 -7.94
C GLY A 284 37.13 48.77 -6.59
N ARG A 285 36.46 49.49 -5.71
CA ARG A 285 37.00 49.77 -4.39
C ARG A 285 36.98 48.51 -3.54
N SER A 286 37.99 48.35 -2.68
CA SER A 286 38.06 47.13 -1.89
C SER A 286 37.10 47.26 -0.70
N GLN A 287 36.65 46.12 -0.20
CA GLN A 287 35.58 46.06 0.82
C GLN A 287 34.40 46.94 0.38
N PRO A 288 33.85 46.66 -0.80
CA PRO A 288 32.82 47.55 -1.36
C PRO A 288 31.57 47.56 -0.48
N LYS A 289 30.90 48.71 -0.39
CA LYS A 289 29.64 48.79 0.32
C LYS A 289 28.51 49.23 -0.62
N MET A 290 27.27 48.95 -0.22
CA MET A 290 26.12 49.56 -0.89
C MET A 290 25.48 50.54 0.08
N ARG A 291 25.52 51.82 -0.26
CA ARG A 291 25.13 52.88 0.67
C ARG A 291 23.76 53.41 0.33
N LEU A 292 22.92 53.50 1.36
CA LEU A 292 21.55 53.95 1.20
C LEU A 292 21.55 55.42 0.81
N VAL A 293 20.95 55.73 -0.34
CA VAL A 293 20.87 57.11 -0.79
C VAL A 293 19.53 57.68 -0.34
N GLY A 294 18.48 56.88 -0.54
CA GLY A 294 17.13 57.34 -0.25
C GLY A 294 16.18 56.16 -0.11
N GLU A 295 15.04 56.41 0.50
CA GLU A 295 14.07 55.38 0.70
C GLU A 295 12.65 55.86 0.43
N ALA A 296 11.90 55.10 -0.36
CA ALA A 296 10.49 55.43 -0.57
C ALA A 296 9.61 54.39 0.11
N LYS A 297 9.10 54.74 1.29
CA LYS A 297 8.20 53.89 2.02
C LYS A 297 6.94 53.65 1.22
N GLN A 298 6.43 52.43 1.29
CA GLN A 298 5.31 51.99 0.48
C GLN A 298 5.58 51.97 -1.02
N GLY A 299 6.83 51.94 -1.39
CA GLY A 299 7.24 52.02 -2.78
C GLY A 299 7.04 50.74 -3.56
N GLY A 300 6.98 49.60 -2.88
CA GLY A 300 6.72 48.34 -3.54
C GLY A 300 7.82 47.33 -3.25
N PHE A 301 7.46 46.17 -2.69
CA PHE A 301 8.48 45.19 -2.32
C PHE A 301 8.88 44.23 -3.45
N HIS A 302 8.04 44.12 -4.47
CA HIS A 302 8.23 43.06 -5.46
C HIS A 302 9.13 43.44 -6.65
N SER A 303 8.84 44.58 -7.27
CA SER A 303 9.64 45.02 -8.40
C SER A 303 9.65 46.53 -8.47
N VAL A 304 10.79 47.10 -8.87
CA VAL A 304 10.90 48.53 -9.10
C VAL A 304 11.77 48.78 -10.32
N VAL A 305 11.30 49.64 -11.23
CA VAL A 305 12.02 49.91 -12.47
C VAL A 305 12.15 51.42 -12.70
N PRO A 306 13.24 51.84 -13.37
CA PRO A 306 13.40 53.26 -13.67
C PRO A 306 12.51 53.71 -14.82
N ALA A 307 12.19 55.00 -14.80
CA ALA A 307 11.35 55.61 -15.82
C ALA A 307 11.78 57.06 -15.93
N SER A 308 11.63 57.65 -17.10
CA SER A 308 11.92 59.05 -17.28
C SER A 308 10.71 59.70 -17.94
N ILE A 309 9.98 60.50 -17.18
CA ILE A 309 8.71 61.03 -17.64
C ILE A 309 8.81 62.53 -17.84
N ASN A 310 8.71 62.96 -19.09
CA ASN A 310 8.98 64.35 -19.46
C ASN A 310 10.32 64.85 -18.91
N GLY A 311 11.35 64.02 -18.99
CA GLY A 311 12.68 64.40 -18.58
C GLY A 311 12.95 64.29 -17.09
N VAL A 312 11.93 63.94 -16.31
CA VAL A 312 12.10 63.81 -14.86
C VAL A 312 12.24 62.33 -14.44
N PRO A 313 13.36 62.00 -13.76
CA PRO A 313 13.62 60.65 -13.25
C PRO A 313 12.57 60.14 -12.27
N HIS A 314 11.98 58.98 -12.58
CA HIS A 314 10.99 58.33 -11.74
C HIS A 314 11.34 56.85 -11.55
N LEU A 315 10.74 56.23 -10.54
CA LEU A 315 10.70 54.78 -10.41
C LEU A 315 9.23 54.33 -10.42
N VAL A 316 8.98 53.15 -10.96
CA VAL A 316 7.69 52.51 -10.81
C VAL A 316 7.89 51.24 -9.99
N GLY A 317 7.22 51.18 -8.84
CA GLY A 317 7.36 50.05 -7.93
C GLY A 317 6.02 49.44 -7.61
N ALA A 318 6.01 48.18 -7.22
CA ALA A 318 4.79 47.52 -6.79
C ALA A 318 5.08 46.32 -5.89
N ALA A 319 4.11 45.99 -5.06
CA ALA A 319 4.12 44.72 -4.37
C ALA A 319 3.62 43.68 -5.38
N GLU A 320 2.99 42.61 -4.91
CA GLU A 320 2.50 41.59 -5.83
C GLU A 320 1.21 40.93 -5.35
N LEU A 321 0.38 40.54 -6.29
CA LEU A 321 -0.84 39.81 -6.03
C LEU A 321 -1.68 40.29 -4.85
N GLY A 322 -2.12 39.37 -3.98
CA GLY A 322 -2.92 39.65 -2.82
C GLY A 322 -4.43 39.58 -3.06
N ALA A 323 -5.17 39.19 -2.04
CA ALA A 323 -6.63 39.11 -2.13
C ALA A 323 -7.22 40.52 -2.34
N CYS A 324 -8.44 40.61 -2.81
CA CYS A 324 -9.14 41.85 -2.89
C CYS A 324 -8.86 42.72 -1.69
N PRO A 325 -8.38 43.94 -1.88
CA PRO A 325 -8.26 44.64 -3.17
C PRO A 325 -6.88 44.52 -3.85
N GLY A 326 -6.08 43.50 -3.51
CA GLY A 326 -4.82 43.24 -4.19
C GLY A 326 -3.69 44.25 -3.95
N THR A 327 -2.86 44.41 -4.98
CA THR A 327 -1.71 45.33 -4.95
C THR A 327 -1.62 46.01 -6.31
N TRP A 328 -0.96 47.17 -6.35
CA TRP A 328 -0.94 47.94 -7.59
C TRP A 328 0.29 48.86 -7.61
N PRO A 329 0.69 49.30 -8.80
CA PRO A 329 1.92 50.12 -8.91
C PRO A 329 1.81 51.53 -8.35
N ARG A 330 2.95 52.06 -7.97
CA ARG A 330 3.10 53.39 -7.46
C ARG A 330 4.11 54.10 -8.31
N ILE A 331 3.88 55.38 -8.59
CA ILE A 331 4.85 56.16 -9.33
C ILE A 331 5.66 56.98 -8.33
N ILE A 332 6.99 56.89 -8.43
CA ILE A 332 7.87 57.52 -7.46
C ILE A 332 8.77 58.56 -8.15
N ASN A 333 8.73 59.80 -7.67
CA ASN A 333 9.62 60.85 -8.18
C ASN A 333 10.96 60.76 -7.46
N ILE A 334 12.04 60.64 -8.22
CA ILE A 334 13.37 60.64 -7.63
C ILE A 334 14.29 61.74 -8.18
N ALA A 335 13.72 62.91 -8.49
CA ALA A 335 14.53 64.05 -8.93
C ALA A 335 15.48 64.44 -7.81
N ASP A 336 15.02 64.30 -6.57
CA ASP A 336 15.91 64.31 -5.41
C ASP A 336 15.99 62.87 -4.92
N GLU A 337 17.06 62.18 -5.27
CA GLU A 337 17.19 60.75 -4.92
C GLU A 337 17.34 60.53 -3.42
N LYS A 338 17.76 61.57 -2.69
CA LYS A 338 17.83 61.50 -1.24
C LYS A 338 16.45 61.53 -0.60
N ASN A 339 15.48 62.05 -1.34
CA ASN A 339 14.10 62.13 -0.86
C ASN A 339 13.08 61.70 -1.91
N PRO A 340 13.04 60.39 -2.22
CA PRO A 340 12.07 59.82 -3.15
C PRO A 340 10.66 60.11 -2.67
N LYS A 341 9.76 60.39 -3.60
CA LYS A 341 8.40 60.79 -3.26
C LYS A 341 7.39 60.03 -4.12
N ILE A 342 6.45 59.34 -3.47
CA ILE A 342 5.36 58.74 -4.23
C ILE A 342 4.42 59.83 -4.72
N VAL A 343 4.19 59.90 -6.02
CA VAL A 343 3.40 60.98 -6.58
C VAL A 343 2.11 60.53 -7.28
N GLY A 344 1.98 59.24 -7.52
CA GLY A 344 0.80 58.70 -8.19
C GLY A 344 0.65 57.21 -7.96
N GLU A 345 -0.50 56.69 -8.26
CA GLU A 345 -0.84 55.28 -8.10
C GLU A 345 -1.70 54.88 -9.27
N PHE A 346 -1.45 53.72 -9.86
CA PHE A 346 -2.38 53.17 -10.84
C PHE A 346 -3.22 52.03 -10.25
N LYS A 347 -4.51 52.26 -10.09
CA LYS A 347 -5.42 51.27 -9.52
C LYS A 347 -6.50 50.93 -10.54
N LEU A 348 -6.90 49.67 -10.57
CA LEU A 348 -8.09 49.26 -11.31
C LEU A 348 -9.29 49.37 -10.37
N GLN A 349 -10.49 49.42 -10.94
CA GLN A 349 -11.70 49.36 -10.12
C GLN A 349 -11.69 48.14 -9.18
N MET A 350 -11.10 47.03 -9.63
CA MET A 350 -10.96 45.84 -8.80
C MET A 350 -9.94 46.02 -7.67
N ASN A 351 -9.22 47.13 -7.68
CA ASN A 351 -8.36 47.45 -6.55
C ASN A 351 -9.02 48.39 -5.54
N ILE A 352 -10.34 48.58 -5.69
CA ILE A 352 -11.11 49.40 -4.74
C ILE A 352 -11.89 48.47 -3.81
N LYS A 353 -11.70 48.61 -2.53
CA LYS A 353 -12.33 47.72 -1.59
C LYS A 353 -13.82 47.63 -1.70
N GLU A 354 -14.46 48.76 -1.92
CA GLU A 354 -15.91 48.77 -1.96
C GLU A 354 -16.44 48.05 -3.18
N ASN A 355 -15.69 48.02 -4.27
CA ASN A 355 -16.11 47.24 -5.44
C ASN A 355 -15.94 45.75 -5.15
N CYS A 356 -14.82 45.39 -4.53
CA CYS A 356 -14.53 43.99 -4.19
C CYS A 356 -15.67 43.43 -3.35
N ASP A 357 -16.17 44.25 -2.42
CA ASP A 357 -17.28 43.85 -1.56
C ASP A 357 -18.56 43.68 -2.36
N ALA A 358 -18.80 44.60 -3.29
CA ALA A 358 -20.04 44.62 -4.06
C ALA A 358 -20.22 43.43 -4.99
N ILE A 359 -19.12 42.81 -5.43
CA ILE A 359 -19.25 41.68 -6.34
C ILE A 359 -19.38 40.32 -5.64
N ARG A 360 -19.13 40.28 -4.34
CA ARG A 360 -19.23 39.03 -3.59
C ARG A 360 -20.63 38.43 -3.71
N PHE A 361 -20.68 37.11 -3.82
CA PHE A 361 -21.96 36.41 -3.80
C PHE A 361 -22.57 36.49 -2.41
N THR A 362 -21.71 36.50 -1.39
CA THR A 362 -22.15 36.64 0.00
C THR A 362 -21.27 37.64 0.72
N PRO A 363 -21.90 38.69 1.28
CA PRO A 363 -21.20 39.68 2.12
C PRO A 363 -20.58 39.00 3.33
N ARG A 364 -19.44 39.48 3.77
CA ARG A 364 -18.73 38.92 4.90
C ARG A 364 -19.58 38.89 6.16
N LYS A 365 -20.37 39.91 6.37
CA LYS A 365 -21.25 39.97 7.52
C LYS A 365 -22.39 38.98 7.53
N GLU A 366 -22.63 38.33 6.42
CA GLU A 366 -23.69 37.32 6.32
C GLU A 366 -23.18 35.88 6.53
N ASP A 367 -21.87 35.73 6.62
CA ASP A 367 -21.26 34.41 6.72
C ASP A 367 -20.99 34.01 8.17
N PRO A 368 -21.79 33.07 8.70
CA PRO A 368 -21.66 32.66 10.11
C PRO A 368 -20.45 31.77 10.33
N TYR A 369 -19.89 31.23 9.25
CA TYR A 369 -18.71 30.39 9.31
C TYR A 369 -17.42 31.18 9.22
N ALA A 370 -17.54 32.52 9.15
CA ALA A 370 -16.44 33.43 8.81
C ALA A 370 -15.11 33.09 9.48
N SER A 371 -15.13 32.88 10.80
CA SER A 371 -13.90 32.47 11.49
C SER A 371 -13.85 30.94 11.69
N PHE A 372 -15.00 30.33 11.92
CA PHE A 372 -15.04 28.92 12.26
C PHE A 372 -14.53 28.01 11.12
N ILE A 373 -15.13 28.15 9.95
CA ILE A 373 -14.68 27.42 8.77
C ILE A 373 -14.54 28.43 7.64
N PRO A 374 -13.37 29.11 7.56
CA PRO A 374 -13.18 30.16 6.56
C PRO A 374 -13.28 29.56 5.17
N ILE A 375 -14.09 30.17 4.33
CA ILE A 375 -14.28 29.70 2.97
C ILE A 375 -14.31 30.92 2.07
N PRO A 376 -13.43 30.96 1.06
CA PRO A 376 -13.36 32.10 0.13
C PRO A 376 -14.64 32.21 -0.70
N ASP A 377 -15.11 33.44 -0.91
CA ASP A 377 -16.24 33.66 -1.82
C ASP A 377 -15.88 33.09 -3.18
N ILE A 378 -16.89 32.67 -3.94
CA ILE A 378 -16.64 32.10 -5.26
C ILE A 378 -15.89 33.11 -6.15
N THR A 379 -16.11 34.41 -5.93
CA THR A 379 -15.41 35.43 -6.69
C THR A 379 -13.90 35.43 -6.44
N ALA A 380 -13.47 34.81 -5.35
CA ALA A 380 -12.03 34.71 -5.04
C ALA A 380 -11.40 33.41 -5.53
N ARG A 381 -12.13 32.65 -6.35
CA ARG A 381 -11.59 31.39 -6.82
C ARG A 381 -11.09 31.47 -8.26
N LEU A 382 -10.75 32.67 -8.71
CA LEU A 382 -10.31 32.85 -10.09
C LEU A 382 -8.83 33.15 -10.19
N GLY A 383 -8.35 33.99 -9.27
CA GLY A 383 -6.97 34.43 -9.30
C GLY A 383 -6.91 35.89 -8.91
N ALA A 384 -5.84 36.25 -8.21
CA ALA A 384 -5.63 37.62 -7.76
C ALA A 384 -5.65 38.61 -8.92
N VAL A 385 -6.25 39.77 -8.68
CA VAL A 385 -6.05 40.90 -9.59
C VAL A 385 -5.14 41.88 -8.85
N GLY A 386 -3.86 41.75 -9.16
CA GLY A 386 -2.82 42.49 -8.46
C GLY A 386 -1.56 42.40 -9.29
N SER A 387 -0.63 43.34 -9.07
CA SER A 387 0.59 43.41 -9.88
C SER A 387 1.40 42.13 -9.80
N HIS A 388 2.02 41.78 -10.91
CA HIS A 388 3.15 40.87 -10.87
C HIS A 388 4.21 41.31 -11.86
N PHE A 389 5.14 42.12 -11.37
CA PHE A 389 6.00 42.99 -12.17
C PHE A 389 5.22 44.19 -12.72
N ASN A 390 5.94 45.19 -13.19
CA ASN A 390 5.34 46.49 -13.46
C ASN A 390 6.25 47.35 -14.30
N ASP A 391 6.47 46.91 -15.54
CA ASP A 391 7.44 47.56 -16.44
C ASP A 391 6.94 48.85 -17.11
N VAL A 392 7.85 49.55 -17.76
CA VAL A 392 7.49 50.70 -18.59
C VAL A 392 7.94 50.45 -20.02
N ASP A 393 7.50 51.28 -20.96
CA ASP A 393 7.84 51.03 -22.35
C ASP A 393 9.32 51.28 -22.67
N ASP A 394 9.86 52.37 -22.14
CA ASP A 394 11.24 52.76 -22.40
C ASP A 394 11.71 53.57 -21.20
N ALA A 395 12.67 53.02 -20.46
CA ALA A 395 13.16 53.67 -19.25
C ALA A 395 13.69 55.08 -19.51
N ARG A 396 14.15 55.34 -20.72
CA ARG A 396 14.81 56.61 -21.06
C ARG A 396 13.85 57.67 -21.64
N ASN A 397 12.72 57.21 -22.16
CA ASN A 397 11.67 58.10 -22.68
C ASN A 397 10.32 57.42 -22.48
N THR A 398 9.79 57.55 -21.28
CA THR A 398 8.64 56.75 -20.84
C THR A 398 7.32 57.42 -21.19
N ARG A 399 6.43 56.67 -21.81
CA ARG A 399 5.06 57.10 -22.04
C ARG A 399 4.06 56.15 -21.39
N LEU A 400 4.37 54.85 -21.45
CA LEU A 400 3.43 53.81 -21.01
C LEU A 400 3.95 52.92 -19.90
N GLY A 401 3.05 52.56 -19.00
CA GLY A 401 3.31 51.49 -18.07
C GLY A 401 2.71 50.24 -18.69
N LEU A 402 3.48 49.16 -18.62
CA LEU A 402 3.06 47.85 -19.12
C LEU A 402 2.97 46.95 -17.90
N PHE A 403 1.76 46.82 -17.37
CA PHE A 403 1.58 46.32 -16.01
C PHE A 403 0.82 44.98 -15.99
N PRO A 404 1.53 43.85 -15.79
CA PRO A 404 0.82 42.59 -15.61
C PRO A 404 0.07 42.59 -14.28
N PHE A 405 -1.18 42.15 -14.32
CA PHE A 405 -2.04 42.15 -13.14
C PHE A 405 -2.55 40.74 -12.90
N PHE A 406 -1.73 39.76 -13.29
CA PHE A 406 -2.01 38.34 -13.03
C PHE A 406 -3.31 37.94 -13.72
N ALA A 407 -4.33 37.58 -12.96
CA ALA A 407 -5.62 37.26 -13.57
C ALA A 407 -6.29 38.48 -14.25
N GLY A 408 -5.79 39.68 -13.97
CA GLY A 408 -6.26 40.86 -14.67
C GLY A 408 -5.68 41.08 -16.07
N GLY A 409 -4.81 40.18 -16.50
CA GLY A 409 -4.13 40.33 -17.77
C GLY A 409 -3.06 41.43 -17.74
N VAL A 410 -2.69 41.94 -18.90
CA VAL A 410 -1.70 43.01 -18.97
C VAL A 410 -2.40 44.35 -19.19
N ARG A 411 -2.12 45.32 -18.31
CA ARG A 411 -2.75 46.63 -18.38
C ARG A 411 -1.81 47.66 -18.96
N ILE A 412 -2.33 48.46 -19.88
CA ILE A 412 -1.50 49.43 -20.56
C ILE A 412 -1.92 50.84 -20.16
N VAL A 413 -0.97 51.56 -19.58
CA VAL A 413 -1.29 52.71 -18.77
C VAL A 413 -0.52 53.95 -19.23
N ASP A 414 -1.25 55.04 -19.48
CA ASP A 414 -0.68 56.34 -19.82
C ASP A 414 -0.03 56.98 -18.59
N LEU A 415 1.28 57.17 -18.64
CA LEU A 415 2.03 57.68 -17.50
C LEU A 415 2.47 59.14 -17.67
N ARG A 416 2.12 59.74 -18.79
CA ARG A 416 2.51 61.12 -19.09
C ARG A 416 2.19 62.13 -18.01
N ASP A 417 1.15 61.91 -17.26
CA ASP A 417 0.92 62.62 -16.00
C ASP A 417 1.19 61.64 -14.85
N PRO A 418 2.40 61.72 -14.26
CA PRO A 418 2.78 60.77 -13.21
C PRO A 418 1.89 60.84 -11.96
N THR A 419 1.15 61.93 -11.77
CA THR A 419 0.24 62.04 -10.64
C THR A 419 -1.11 61.41 -10.94
N LYS A 420 -1.39 61.19 -12.22
CA LYS A 420 -2.65 60.60 -12.64
C LYS A 420 -2.52 59.59 -13.78
N PRO A 421 -1.89 58.44 -13.49
CA PRO A 421 -1.78 57.37 -14.49
C PRO A 421 -3.18 56.92 -14.87
N VAL A 422 -3.43 56.73 -16.17
CA VAL A 422 -4.75 56.29 -16.62
C VAL A 422 -4.60 55.16 -17.61
N GLU A 423 -5.48 54.18 -17.51
CA GLU A 423 -5.43 53.04 -18.41
C GLU A 423 -5.88 53.44 -19.80
N VAL A 424 -5.22 52.90 -20.82
CA VAL A 424 -5.59 53.18 -22.21
C VAL A 424 -5.76 51.89 -23.00
N GLY A 425 -5.44 50.75 -22.39
CA GLY A 425 -5.56 49.48 -23.07
C GLY A 425 -5.34 48.29 -22.15
N TYR A 426 -5.66 47.09 -22.62
CA TYR A 426 -5.38 45.87 -21.89
C TYR A 426 -5.52 44.66 -22.80
N TYR A 427 -4.92 43.54 -22.38
CA TYR A 427 -5.06 42.26 -23.05
C TYR A 427 -5.15 41.17 -21.99
N LYS A 428 -6.24 40.40 -22.02
CA LYS A 428 -6.38 39.20 -21.21
C LYS A 428 -6.47 38.04 -22.19
N PRO A 429 -5.56 37.05 -22.06
CA PRO A 429 -5.39 36.05 -23.12
C PRO A 429 -6.45 34.95 -23.17
N GLY A 430 -7.36 34.89 -22.21
CA GLY A 430 -8.33 33.82 -22.15
C GLY A 430 -7.85 32.68 -21.26
N ALA A 431 -8.08 31.44 -21.68
CA ALA A 431 -7.74 30.29 -20.84
C ALA A 431 -7.19 29.18 -21.72
N ASN A 432 -6.37 28.33 -21.13
CA ASN A 432 -5.84 27.16 -21.82
C ASN A 432 -5.73 26.01 -20.83
N PRO A 433 -6.86 25.33 -20.55
CA PRO A 433 -6.94 24.28 -19.54
C PRO A 433 -6.24 23.00 -19.97
N ASP A 434 -5.92 22.15 -19.00
CA ASP A 434 -5.43 20.80 -19.21
C ASP A 434 -4.01 20.74 -19.81
N THR A 435 -3.17 21.71 -19.52
CA THR A 435 -1.77 21.65 -19.96
C THR A 435 -1.01 20.70 -19.04
N PRO A 436 0.13 20.15 -19.51
CA PRO A 436 0.80 19.23 -18.59
C PRO A 436 1.48 19.93 -17.39
N LEU A 437 1.82 21.21 -17.51
CA LEU A 437 2.50 21.89 -16.41
C LEU A 437 1.57 22.69 -15.49
N SER A 438 0.36 22.97 -15.96
CA SER A 438 -0.60 23.74 -15.16
C SER A 438 -1.91 23.00 -14.89
N GLY A 439 -2.01 21.74 -15.32
CA GLY A 439 -3.27 21.01 -15.23
C GLY A 439 -3.48 20.26 -13.94
N ASN A 440 -4.48 19.36 -13.95
CA ASN A 440 -4.74 18.45 -12.83
C ASN A 440 -5.08 19.11 -11.49
N GLY A 441 -5.49 20.37 -11.53
CA GLY A 441 -5.87 21.11 -10.33
C GLY A 441 -4.78 21.16 -9.27
N LEU A 442 -3.52 21.10 -9.69
CA LEU A 442 -2.41 21.03 -8.75
C LEU A 442 -1.64 22.35 -8.56
N ASN A 443 -2.22 23.45 -9.02
CA ASN A 443 -1.56 24.75 -8.89
C ASN A 443 -1.56 25.28 -7.46
N TRP A 444 -0.54 26.08 -7.13
CA TRP A 444 -0.44 26.64 -5.79
C TRP A 444 -0.55 28.17 -5.79
N THR A 445 -0.70 28.77 -6.96
CA THR A 445 -0.70 30.22 -7.07
C THR A 445 -2.07 30.86 -6.85
N GLY A 446 -3.13 30.07 -6.83
CA GLY A 446 -4.48 30.61 -6.76
C GLY A 446 -5.06 30.86 -8.14
N LEU A 447 -4.27 30.62 -9.18
CA LEU A 447 -4.78 30.76 -10.54
C LEU A 447 -5.70 29.61 -10.94
N ASN A 448 -6.91 29.93 -11.37
CA ASN A 448 -7.84 28.94 -11.90
C ASN A 448 -7.60 28.71 -13.40
N ASP A 449 -6.78 27.71 -13.72
CA ASP A 449 -6.36 27.44 -15.10
C ASP A 449 -7.48 26.84 -15.94
N GLN A 450 -8.56 26.45 -15.28
CA GLN A 450 -9.73 25.95 -16.00
C GLN A 450 -10.48 27.04 -16.74
N VAL A 451 -10.45 28.26 -16.23
CA VAL A 451 -11.33 29.30 -16.76
C VAL A 451 -10.65 30.63 -17.05
N THR A 452 -9.40 30.79 -16.61
CA THR A 452 -8.67 32.03 -16.91
C THR A 452 -7.15 31.82 -16.97
N ASP A 453 -6.44 32.90 -17.17
CA ASP A 453 -5.04 32.80 -17.28
C ASP A 453 -4.45 33.89 -16.48
N GLY A 454 -3.19 33.67 -16.25
CA GLY A 454 -2.40 34.54 -15.50
C GLY A 454 -1.16 34.98 -16.19
N CYS A 455 -1.11 36.27 -16.22
CA CYS A 455 0.04 37.09 -16.66
C CYS A 455 1.04 37.49 -15.58
N MET A 456 2.21 36.85 -15.58
CA MET A 456 3.19 37.02 -14.51
C MET A 456 4.57 37.50 -14.96
N SER A 457 4.76 37.79 -16.25
CA SER A 457 6.13 37.99 -16.74
C SER A 457 6.52 39.46 -16.84
N HIS A 458 7.82 39.71 -16.93
CA HIS A 458 8.30 41.00 -17.40
C HIS A 458 7.80 41.23 -18.82
N VAL A 459 7.72 42.49 -19.20
CA VAL A 459 7.12 42.85 -20.48
C VAL A 459 8.09 43.66 -21.31
N ARG A 460 8.26 43.26 -22.57
CA ARG A 460 9.14 43.97 -23.48
C ARG A 460 8.36 44.92 -24.41
N TYR A 461 8.86 46.14 -24.56
CA TYR A 461 8.40 47.03 -25.64
C TYR A 461 9.56 47.25 -26.62
N VAL A 462 9.28 47.09 -27.91
CA VAL A 462 10.29 47.28 -28.95
C VAL A 462 9.96 48.56 -29.72
N PRO A 463 10.72 49.63 -29.46
CA PRO A 463 10.38 50.97 -30.00
C PRO A 463 10.29 51.03 -31.53
N GLU A 464 11.08 50.21 -32.19
CA GLU A 464 11.20 50.19 -33.63
C GLU A 464 9.95 49.72 -34.33
N SER A 465 9.30 48.72 -33.78
CA SER A 465 8.09 48.14 -34.35
C SER A 465 6.82 48.49 -33.57
N GLY A 466 6.98 48.91 -32.32
CA GLY A 466 5.85 49.11 -31.42
C GLY A 466 5.32 47.81 -30.80
N HIS A 467 6.02 46.71 -31.02
CA HIS A 467 5.56 45.44 -30.51
C HIS A 467 5.78 45.28 -29.01
N ILE A 468 4.87 44.57 -28.37
CA ILE A 468 4.95 44.32 -26.94
C ILE A 468 4.97 42.82 -26.73
N TRP A 469 5.95 42.34 -25.96
CA TRP A 469 6.09 40.91 -25.71
C TRP A 469 5.75 40.58 -24.26
N PHE A 470 4.97 39.53 -24.03
CA PHE A 470 4.79 39.04 -22.66
C PHE A 470 4.43 37.56 -22.67
N ALA A 471 4.52 36.94 -21.50
CA ALA A 471 4.18 35.53 -21.35
C ALA A 471 3.06 35.34 -20.34
N CYS A 472 2.16 34.42 -20.64
CA CYS A 472 1.13 34.07 -19.69
C CYS A 472 1.26 32.63 -19.27
N VAL A 473 0.83 32.34 -18.05
CA VAL A 473 1.06 31.03 -17.44
C VAL A 473 0.64 29.86 -18.32
N THR A 474 -0.61 29.84 -18.77
CA THR A 474 -1.05 28.69 -19.56
C THR A 474 -1.09 28.96 -21.07
N THR A 475 -1.37 30.20 -21.46
CA THR A 475 -1.52 30.50 -22.90
C THR A 475 -0.22 30.79 -23.65
N GLY A 476 0.87 31.04 -22.90
CA GLY A 476 2.19 31.10 -23.51
C GLY A 476 2.68 32.50 -23.88
N PHE A 477 3.45 32.57 -24.97
CA PHE A 477 4.13 33.80 -25.38
C PHE A 477 3.27 34.59 -26.36
N HIS A 478 3.08 35.88 -26.09
CA HIS A 478 2.27 36.72 -26.97
C HIS A 478 3.05 37.92 -27.46
N VAL A 479 2.70 38.36 -28.66
CA VAL A 479 3.21 39.61 -29.19
C VAL A 479 1.98 40.41 -29.57
N VAL A 480 1.86 41.61 -29.01
CA VAL A 480 0.73 42.49 -29.32
C VAL A 480 1.26 43.86 -29.70
N GLU A 481 0.39 44.71 -30.21
CA GLU A 481 0.78 46.08 -30.55
C GLU A 481 -0.32 47.06 -30.18
N LEU A 482 0.05 48.31 -29.93
CA LEU A 482 -0.94 49.36 -29.73
C LEU A 482 -1.67 49.62 -31.03
N ASN A 483 -2.98 49.89 -30.93
CA ASN A 483 -3.75 50.44 -32.02
C ASN A 483 -3.09 51.65 -32.68
N PRO A 484 -3.32 51.82 -33.98
CA PRO A 484 -2.92 53.10 -34.60
C PRO A 484 -3.52 54.31 -33.87
N ASP A 485 -4.77 54.20 -33.42
CA ASP A 485 -5.41 55.29 -32.68
C ASP A 485 -4.67 55.63 -31.41
N LEU A 486 -4.36 54.60 -30.64
CA LEU A 486 -3.63 54.78 -29.39
C LEU A 486 -2.26 55.41 -29.61
N ARG A 487 -1.48 54.87 -30.55
CA ARG A 487 -0.17 55.43 -30.87
C ARG A 487 -0.23 56.90 -31.24
N ALA A 488 -1.23 57.30 -32.02
CA ALA A 488 -1.33 58.68 -32.45
C ALA A 488 -1.69 59.61 -31.29
N ARG A 489 -2.69 59.21 -30.51
CA ARG A 489 -3.14 60.03 -29.38
C ARG A 489 -2.05 60.24 -28.31
N LEU A 490 -1.28 59.18 -28.04
CA LEU A 490 -0.20 59.21 -27.05
C LEU A 490 1.08 59.87 -27.58
N GLY A 491 1.12 60.16 -28.88
CA GLY A 491 2.24 60.88 -29.46
C GLY A 491 3.46 60.03 -29.75
N PHE A 492 3.23 58.76 -30.06
CA PHE A 492 4.30 57.86 -30.49
C PHE A 492 4.72 58.18 -31.93
N PRO A 493 5.99 57.92 -32.26
CA PRO A 493 6.47 58.00 -33.65
C PRO A 493 5.82 56.92 -34.51
N THR A 494 5.97 57.04 -35.82
CA THR A 494 5.38 56.07 -36.72
C THR A 494 6.43 55.17 -37.35
N GLN B 1 -8.92 -8.28 7.87
CA GLN B 1 -7.89 -7.87 6.95
C GLN B 1 -8.35 -8.06 5.52
N VAL B 2 -7.71 -7.36 4.61
CA VAL B 2 -8.08 -7.37 3.22
C VAL B 2 -7.27 -8.39 2.43
N VAL B 3 -7.92 -9.34 1.75
CA VAL B 3 -7.11 -10.19 0.90
C VAL B 3 -7.21 -9.85 -0.57
N ILE B 4 -6.07 -9.68 -1.20
CA ILE B 4 -6.02 -9.36 -2.61
C ILE B 4 -6.08 -10.64 -3.42
N GLY B 5 -7.15 -10.71 -4.21
CA GLY B 5 -7.54 -11.77 -5.11
C GLY B 5 -7.51 -11.27 -6.54
N PRO B 6 -7.79 -12.13 -7.53
CA PRO B 6 -7.60 -11.69 -8.91
C PRO B 6 -8.57 -10.61 -9.24
N GLY B 7 -9.73 -10.61 -8.63
CA GLY B 7 -10.73 -9.57 -8.90
C GLY B 7 -10.32 -8.10 -8.73
N ASP B 8 -9.31 -7.85 -7.91
CA ASP B 8 -9.07 -6.53 -7.33
C ASP B 8 -8.22 -5.53 -8.13
N ARG B 9 -8.33 -4.25 -7.82
CA ARG B 9 -7.54 -3.17 -8.41
C ARG B 9 -7.10 -2.37 -7.18
N PRO B 10 -6.12 -2.88 -6.48
CA PRO B 10 -5.81 -2.35 -5.15
C PRO B 10 -5.09 -1.00 -5.16
N GLU B 11 -5.19 -0.32 -4.02
CA GLU B 11 -4.46 0.90 -3.77
C GLU B 11 -2.96 0.64 -3.91
N THR B 12 -2.24 1.64 -4.40
CA THR B 12 -0.86 1.46 -4.80
C THR B 12 0.09 2.12 -3.82
N GLY B 13 -0.46 2.85 -2.85
CA GLY B 13 0.36 3.48 -1.82
C GLY B 13 -0.09 3.03 -0.45
N LEU B 14 -0.02 3.94 0.52
CA LEU B 14 -0.50 3.63 1.86
C LEU B 14 -2.01 3.46 1.84
N GLN B 15 -2.53 2.80 2.86
CA GLN B 15 -3.97 2.58 2.98
C GLN B 15 -4.69 3.94 3.04
N GLY B 16 -5.55 4.20 2.06
CA GLY B 16 -6.29 5.44 2.00
C GLY B 16 -5.63 6.54 1.20
N GLN B 17 -4.41 6.32 0.73
CA GLN B 17 -3.66 7.36 0.02
C GLN B 17 -3.99 7.43 -1.47
N THR B 18 -4.14 8.65 -2.01
CA THR B 18 -4.04 8.84 -3.47
C THR B 18 -2.62 9.32 -3.78
N THR B 19 -1.81 8.48 -4.43
CA THR B 19 -0.41 8.81 -4.65
C THR B 19 -0.25 9.83 -5.77
N ILE B 20 0.72 10.71 -5.61
CA ILE B 20 1.02 11.68 -6.65
C ILE B 20 1.44 10.98 -7.95
N GLU B 21 2.12 9.85 -7.82
CA GLU B 21 2.47 9.01 -8.98
C GLU B 21 1.22 8.69 -9.82
N ASP B 22 0.16 8.19 -9.16
CA ASP B 22 -1.10 7.89 -9.85
C ASP B 22 -1.82 9.13 -10.38
N VAL B 23 -1.68 10.25 -9.68
CA VAL B 23 -2.28 11.49 -10.17
C VAL B 23 -1.66 11.89 -11.51
N VAL B 24 -0.33 11.92 -11.54
CA VAL B 24 0.39 12.32 -12.75
C VAL B 24 0.24 11.31 -13.89
N SER B 25 0.20 10.02 -13.58
CA SER B 25 0.10 9.02 -14.66
C SER B 25 -1.32 8.94 -15.23
N GLY B 26 -2.30 9.44 -14.49
CA GLY B 26 -3.69 9.31 -14.89
C GLY B 26 -4.39 8.14 -14.22
N ARG B 27 -3.62 7.25 -13.58
CA ARG B 27 -4.18 6.08 -12.88
C ARG B 27 -5.29 6.47 -11.88
N SER B 28 -5.15 7.63 -11.24
CA SER B 28 -6.07 8.04 -10.18
C SER B 28 -7.48 8.28 -10.72
N LYS B 29 -7.60 8.40 -12.04
CA LYS B 29 -8.90 8.64 -12.66
C LYS B 29 -9.73 7.36 -12.83
N LEU B 30 -9.14 6.20 -12.57
CA LEU B 30 -9.85 4.94 -12.72
C LEU B 30 -10.10 4.40 -11.31
N PRO B 31 -11.07 3.46 -11.16
CA PRO B 31 -11.41 2.95 -9.82
C PRO B 31 -10.32 2.13 -9.13
N TYR B 32 -10.36 2.13 -7.81
CA TYR B 32 -9.58 1.20 -7.01
C TYR B 32 -10.59 0.44 -6.16
N HIS B 33 -10.29 -0.83 -5.88
CA HIS B 33 -11.19 -1.65 -5.08
C HIS B 33 -10.53 -2.95 -4.65
N ALA B 34 -10.93 -3.41 -3.48
CA ALA B 34 -10.55 -4.73 -3.01
C ALA B 34 -11.75 -5.29 -2.26
N GLY B 35 -12.03 -6.58 -2.47
CA GLY B 35 -13.05 -7.27 -1.69
C GLY B 35 -14.47 -7.03 -2.19
N VAL B 36 -14.60 -6.26 -3.26
CA VAL B 36 -15.91 -5.86 -3.76
C VAL B 36 -15.98 -5.91 -5.28
N ARG B 37 -17.19 -5.76 -5.80
CA ARG B 37 -17.39 -5.77 -7.24
C ARG B 37 -18.43 -4.72 -7.56
N LEU B 38 -18.21 -3.98 -8.63
CA LEU B 38 -19.22 -3.04 -9.10
C LEU B 38 -20.37 -3.81 -9.73
N VAL B 39 -21.59 -3.54 -9.29
CA VAL B 39 -22.79 -4.15 -9.87
C VAL B 39 -23.31 -3.26 -10.99
N GLY B 40 -23.45 -1.96 -10.68
CA GLY B 40 -23.93 -0.99 -11.65
C GLY B 40 -23.66 0.43 -11.20
N ARG B 41 -23.79 1.38 -12.12
CA ARG B 41 -23.48 2.79 -11.86
C ARG B 41 -24.23 3.71 -12.83
N THR B 42 -24.61 4.89 -12.36
CA THR B 42 -25.05 5.97 -13.25
C THR B 42 -24.43 7.31 -12.84
N ASP B 43 -23.94 8.06 -13.82
CA ASP B 43 -23.33 9.35 -13.52
C ASP B 43 -24.37 10.46 -13.43
N ILE B 44 -25.64 10.05 -13.51
CA ILE B 44 -26.79 10.95 -13.29
C ILE B 44 -26.76 12.13 -14.27
N TRP B 45 -26.91 11.83 -15.56
CA TRP B 45 -26.77 12.85 -16.61
C TRP B 45 -25.42 13.57 -16.57
N ASN B 46 -24.38 12.85 -16.11
CA ASN B 46 -23.01 13.39 -16.05
C ASN B 46 -22.91 14.70 -15.28
N ARG B 47 -23.71 14.86 -14.23
CA ARG B 47 -23.90 16.19 -13.67
C ARG B 47 -22.84 16.67 -12.68
N GLY B 48 -22.34 15.78 -11.84
CA GLY B 48 -21.45 16.19 -10.76
C GLY B 48 -22.21 16.84 -9.62
N GLY B 49 -21.49 17.40 -8.65
CA GLY B 49 -22.11 18.09 -7.53
C GLY B 49 -23.02 17.21 -6.67
N ASN B 50 -22.81 15.91 -6.69
CA ASN B 50 -23.64 15.03 -5.93
C ASN B 50 -23.23 15.03 -4.45
N LEU B 51 -24.17 14.89 -3.55
CA LEU B 51 -23.86 14.85 -2.15
C LEU B 51 -24.56 13.72 -1.37
N GLN B 52 -25.77 13.96 -0.93
CA GLN B 52 -26.50 13.01 -0.14
C GLN B 52 -27.28 11.90 -0.87
N LEU B 53 -27.39 10.75 -0.24
CA LEU B 53 -28.16 9.64 -0.79
C LEU B 53 -29.27 9.27 0.19
N SER B 54 -30.49 9.16 -0.32
CA SER B 54 -31.59 8.59 0.47
C SER B 54 -32.29 7.58 -0.41
N TRP B 55 -33.20 6.80 0.18
CA TRP B 55 -33.84 5.74 -0.57
C TRP B 55 -35.20 5.36 -0.01
N VAL B 56 -36.05 4.91 -0.91
CA VAL B 56 -37.33 4.30 -0.55
C VAL B 56 -37.46 3.10 -1.48
N ASP B 57 -37.56 1.90 -0.91
CA ASP B 57 -37.70 0.68 -1.68
C ASP B 57 -36.56 0.48 -2.71
N GLN B 58 -36.92 0.43 -3.99
CA GLN B 58 -35.92 0.26 -5.04
C GLN B 58 -35.59 1.56 -5.76
N CYS B 59 -35.82 2.69 -5.10
CA CYS B 59 -35.52 4.00 -5.69
C CYS B 59 -34.56 4.82 -4.82
N ALA B 60 -33.51 5.36 -5.45
CA ALA B 60 -32.53 6.16 -4.73
C ALA B 60 -32.80 7.63 -5.03
N TYR B 61 -32.52 8.49 -4.06
CA TYR B 61 -32.60 9.93 -4.24
C TYR B 61 -31.22 10.52 -3.93
N VAL B 62 -30.72 11.38 -4.81
CA VAL B 62 -29.36 11.91 -4.68
C VAL B 62 -29.41 13.44 -4.76
N SER B 63 -29.02 14.12 -3.68
CA SER B 63 -29.09 15.56 -3.67
C SER B 63 -27.90 16.19 -4.38
N THR B 64 -27.95 17.50 -4.51
CA THR B 64 -26.93 18.21 -5.22
C THR B 64 -26.48 19.38 -4.30
N PHE B 65 -25.24 19.87 -4.46
CA PHE B 65 -24.84 21.07 -3.76
C PHE B 65 -24.19 22.06 -4.73
N LYS B 66 -24.39 23.35 -4.47
CA LYS B 66 -23.97 24.38 -5.42
C LYS B 66 -22.55 24.88 -5.15
N GLN B 67 -21.82 25.17 -6.24
CA GLN B 67 -20.47 25.70 -6.11
C GLN B 67 -20.43 27.12 -5.54
N ALA B 68 -21.55 27.83 -5.67
CA ALA B 68 -21.68 29.19 -5.13
C ALA B 68 -21.35 29.28 -3.63
N GLY B 69 -21.38 28.15 -2.93
CA GLY B 69 -20.94 28.12 -1.54
C GLY B 69 -22.05 27.64 -0.61
N PRO B 70 -21.67 27.04 0.53
CA PRO B 70 -22.65 26.37 1.41
C PRO B 70 -23.75 27.28 1.88
N ILE B 71 -23.40 28.51 2.22
CA ILE B 71 -24.30 29.48 2.80
C ILE B 71 -24.85 30.60 1.89
N THR B 72 -24.52 30.54 0.63
CA THR B 72 -24.92 31.56 -0.33
C THR B 72 -26.40 31.47 -0.64
N ALA B 73 -27.10 32.61 -0.66
CA ALA B 73 -28.54 32.62 -0.93
C ALA B 73 -28.87 31.99 -2.28
N ASN B 74 -29.90 31.15 -2.31
CA ASN B 74 -30.28 30.49 -3.56
C ASN B 74 -30.71 31.51 -4.61
N SER B 75 -31.33 32.60 -4.16
CA SER B 75 -31.77 33.68 -5.06
C SER B 75 -30.61 34.35 -5.78
N ARG B 76 -29.42 34.27 -5.19
CA ARG B 76 -28.24 34.89 -5.80
C ARG B 76 -27.43 33.87 -6.62
N SER B 77 -27.96 32.65 -6.71
CA SER B 77 -27.23 31.52 -7.26
C SER B 77 -27.83 30.91 -8.53
N ALA B 78 -28.58 31.68 -9.29
CA ALA B 78 -29.26 31.16 -10.50
C ALA B 78 -28.31 30.54 -11.53
N LEU B 79 -27.08 31.05 -11.61
CA LEU B 79 -26.12 30.46 -12.54
C LEU B 79 -25.70 29.05 -12.14
N PHE B 80 -25.99 28.66 -10.89
CA PHE B 80 -25.55 27.34 -10.40
C PHE B 80 -26.73 26.43 -10.11
N LEU B 81 -27.94 26.95 -10.29
CA LEU B 81 -29.14 26.19 -9.93
C LEU B 81 -30.05 25.80 -11.10
N ARG B 82 -29.57 25.86 -12.33
CA ARG B 82 -30.39 25.40 -13.43
C ARG B 82 -30.20 23.88 -13.49
N GLU B 83 -30.96 23.19 -14.35
CA GLU B 83 -30.75 21.74 -14.50
C GLU B 83 -29.31 21.52 -14.91
N PRO B 84 -28.70 20.42 -14.48
CA PRO B 84 -29.21 19.27 -13.74
C PRO B 84 -29.18 19.36 -12.21
N ALA B 85 -29.15 20.56 -11.63
CA ALA B 85 -29.30 20.73 -10.18
C ALA B 85 -30.63 20.19 -9.67
N GLY B 86 -30.59 19.61 -8.48
CA GLY B 86 -31.77 19.13 -7.80
C GLY B 86 -31.61 17.68 -7.40
N VAL B 87 -32.63 17.19 -6.73
CA VAL B 87 -32.61 15.84 -6.27
C VAL B 87 -33.11 14.93 -7.35
N ALA B 88 -32.18 14.12 -7.77
CA ALA B 88 -32.39 13.16 -8.80
C ALA B 88 -33.04 11.92 -8.26
N VAL B 89 -34.05 11.46 -8.98
CA VAL B 89 -34.77 10.24 -8.67
C VAL B 89 -34.17 9.15 -9.55
N ILE B 90 -33.64 8.10 -8.94
CA ILE B 90 -32.99 7.03 -9.68
C ILE B 90 -33.71 5.69 -9.54
N ASP B 91 -34.11 5.11 -10.67
CA ASP B 91 -34.75 3.79 -10.71
C ASP B 91 -33.67 2.72 -10.58
N VAL B 92 -33.69 1.99 -9.47
CA VAL B 92 -32.74 0.91 -9.23
C VAL B 92 -33.45 -0.47 -9.23
N ARG B 93 -34.55 -0.56 -9.95
CA ARG B 93 -35.23 -1.86 -10.06
C ARG B 93 -34.31 -2.89 -10.71
N ASP B 94 -33.42 -2.44 -11.59
CA ASP B 94 -32.31 -3.27 -12.07
C ASP B 94 -30.99 -2.63 -11.66
N PRO B 95 -30.39 -3.12 -10.58
CA PRO B 95 -29.17 -2.55 -10.00
C PRO B 95 -27.94 -2.63 -10.92
N ARG B 96 -28.01 -3.43 -12.00
CA ARG B 96 -26.92 -3.47 -12.98
C ARG B 96 -27.01 -2.27 -13.91
N ALA B 97 -28.18 -1.64 -13.95
CA ALA B 97 -28.37 -0.47 -14.80
C ALA B 97 -29.23 0.57 -14.13
N PRO B 98 -28.74 1.20 -13.05
CA PRO B 98 -29.58 2.21 -12.40
C PRO B 98 -29.89 3.34 -13.39
N LYS B 99 -31.10 3.88 -13.35
CA LYS B 99 -31.51 4.84 -14.34
C LYS B 99 -32.13 6.08 -13.73
N PRO B 100 -31.50 7.24 -13.95
CA PRO B 100 -32.09 8.50 -13.47
C PRO B 100 -33.39 8.77 -14.21
N VAL B 101 -34.45 9.13 -13.49
CA VAL B 101 -35.75 9.28 -14.15
C VAL B 101 -36.30 10.71 -14.09
N ARG B 102 -36.05 11.43 -13.00
CA ARG B 102 -36.47 12.82 -12.92
C ARG B 102 -35.71 13.61 -11.87
N LEU B 103 -35.93 14.92 -11.88
CA LEU B 103 -35.26 15.87 -11.02
C LEU B 103 -36.29 16.65 -10.22
N LEU B 104 -36.14 16.67 -8.90
CA LEU B 104 -37.01 17.49 -8.06
C LEU B 104 -36.30 18.80 -7.83
N ARG B 105 -36.99 19.90 -8.15
CA ARG B 105 -36.36 21.21 -8.17
C ARG B 105 -37.25 22.23 -7.49
N ASP B 106 -37.89 21.79 -6.41
CA ASP B 106 -38.73 22.67 -5.60
C ASP B 106 -37.85 23.45 -4.63
N ARG B 107 -38.47 24.27 -3.77
CA ARG B 107 -37.70 25.18 -2.91
C ARG B 107 -36.70 24.45 -2.00
N GLY B 108 -37.09 23.30 -1.47
CA GLY B 108 -36.20 22.54 -0.60
C GLY B 108 -35.29 21.59 -1.35
N SER B 109 -35.72 21.12 -2.52
CA SER B 109 -34.97 20.10 -3.23
C SER B 109 -33.99 20.65 -4.28
N ILE B 110 -34.11 21.91 -4.65
CA ILE B 110 -33.21 22.51 -5.65
C ILE B 110 -31.74 22.55 -5.23
N ASP B 111 -31.49 22.79 -3.95
CA ASP B 111 -30.14 22.79 -3.39
C ASP B 111 -30.21 22.17 -2.00
N ALA B 112 -30.42 20.86 -1.94
CA ALA B 112 -30.65 20.19 -0.65
C ALA B 112 -29.37 19.93 0.13
N VAL B 113 -28.27 19.74 -0.58
CA VAL B 113 -26.98 19.48 0.05
C VAL B 113 -27.03 18.25 0.96
N GLU B 114 -26.75 18.47 2.25
CA GLU B 114 -26.75 17.46 3.31
C GLU B 114 -28.24 17.27 3.85
N THR B 115 -29.16 18.22 3.55
CA THR B 115 -30.51 18.26 4.13
C THR B 115 -31.53 17.46 3.32
N MET B 116 -31.46 16.14 3.41
CA MET B 116 -32.40 15.27 2.70
C MET B 116 -32.51 13.94 3.45
N HIS B 117 -33.71 13.39 3.51
CA HIS B 117 -33.88 12.07 4.10
C HIS B 117 -35.17 11.48 3.53
N ALA B 118 -35.27 10.17 3.56
CA ALA B 118 -36.48 9.48 3.12
C ALA B 118 -36.67 8.28 4.02
N ILE B 119 -37.93 7.86 4.16
CA ILE B 119 -38.28 6.75 5.03
C ILE B 119 -39.42 5.95 4.42
N ALA B 120 -39.29 4.63 4.46
CA ALA B 120 -40.41 3.73 4.15
C ALA B 120 -40.89 3.12 5.45
N ALA B 121 -41.95 3.68 6.01
CA ALA B 121 -42.53 3.18 7.23
C ALA B 121 -43.83 2.52 6.87
N PRO B 122 -44.46 1.81 7.82
CA PRO B 122 -45.70 1.14 7.43
C PRO B 122 -46.74 2.11 6.98
N GLY B 123 -47.11 1.99 5.73
CA GLY B 123 -48.10 2.85 5.10
C GLY B 123 -47.68 4.28 4.90
N ARG B 124 -46.41 4.58 5.07
CA ARG B 124 -45.97 5.94 4.91
C ARG B 124 -44.63 5.90 4.21
N LYS B 125 -44.59 6.39 2.99
CA LYS B 125 -43.33 6.54 2.29
C LYS B 125 -43.14 8.03 2.02
N VAL B 126 -42.07 8.59 2.58
CA VAL B 126 -41.87 10.02 2.58
C VAL B 126 -40.45 10.38 2.19
N LEU B 127 -40.31 11.46 1.42
CA LEU B 127 -39.02 12.03 1.05
C LEU B 127 -39.10 13.48 1.46
N VAL B 128 -38.10 13.98 2.18
CA VAL B 128 -38.05 15.39 2.51
C VAL B 128 -36.68 15.94 2.08
N ALA B 129 -36.67 17.17 1.58
CA ALA B 129 -35.42 17.81 1.20
C ALA B 129 -35.57 19.27 1.58
N GLY B 130 -34.51 19.86 2.15
CA GLY B 130 -34.60 21.21 2.64
C GLY B 130 -33.53 22.10 2.07
N ALA B 131 -33.79 23.41 2.11
CA ALA B 131 -32.85 24.43 1.66
C ALA B 131 -31.75 24.59 2.69
N TYR B 132 -30.68 23.85 2.49
CA TYR B 132 -29.53 23.87 3.38
C TYR B 132 -28.98 25.27 3.64
N SER B 133 -29.06 26.14 2.63
CA SER B 133 -28.57 27.52 2.78
C SER B 133 -29.66 28.49 3.23
N GLY B 134 -30.87 28.01 3.43
CA GLY B 134 -31.94 28.88 3.78
C GLY B 134 -32.07 29.37 5.21
N GLY B 135 -32.69 30.52 5.36
CA GLY B 135 -32.96 31.09 6.65
C GLY B 135 -31.86 31.84 7.33
N ILE B 136 -30.84 32.18 6.58
CA ILE B 136 -29.75 33.00 7.08
C ILE B 136 -30.29 34.42 7.30
N ALA B 137 -30.07 34.97 8.48
CA ALA B 137 -30.57 36.29 8.87
C ALA B 137 -30.41 37.40 7.87
N GLY B 138 -31.47 38.19 7.73
CA GLY B 138 -31.51 39.34 6.84
C GLY B 138 -31.92 39.13 5.41
N ARG B 139 -32.29 37.91 5.04
CA ARG B 139 -32.68 37.63 3.67
C ARG B 139 -34.19 37.61 3.58
N GLY B 140 -34.74 37.51 2.38
CA GLY B 140 -36.19 37.49 2.21
C GLY B 140 -36.78 36.11 1.99
N GLU B 141 -38.11 36.05 1.91
CA GLU B 141 -38.91 34.82 1.77
C GLU B 141 -38.37 33.79 0.81
N GLU B 142 -37.94 34.23 -0.36
CA GLU B 142 -37.37 33.33 -1.34
C GLU B 142 -36.21 32.51 -0.74
N ASP B 143 -35.42 33.11 0.14
CA ASP B 143 -34.23 32.44 0.68
C ASP B 143 -34.40 31.89 2.10
N ALA B 144 -35.64 31.58 2.46
CA ALA B 144 -35.95 31.04 3.78
C ALA B 144 -35.56 29.57 3.88
N ALA B 145 -35.59 29.01 5.08
CA ALA B 145 -35.29 27.59 5.27
C ALA B 145 -36.49 26.73 4.88
N TRP B 146 -36.67 26.54 3.58
CA TRP B 146 -37.76 25.74 3.04
C TRP B 146 -37.53 24.23 3.21
N LEU B 147 -38.60 23.49 3.45
CA LEU B 147 -38.53 22.02 3.47
C LEU B 147 -39.61 21.50 2.55
N SER B 148 -39.20 20.78 1.51
CA SER B 148 -40.15 20.20 0.58
C SER B 148 -40.45 18.76 1.01
N ILE B 149 -41.73 18.48 1.16
CA ILE B 149 -42.19 17.20 1.67
C ILE B 149 -42.94 16.45 0.57
N TYR B 150 -42.46 15.26 0.24
CA TYR B 150 -43.00 14.47 -0.87
C TYR B 150 -43.60 13.17 -0.39
N ASP B 151 -44.79 12.86 -0.90
CA ASP B 151 -45.34 11.53 -0.75
C ASP B 151 -44.67 10.63 -1.79
N ALA B 152 -43.95 9.62 -1.30
CA ALA B 152 -43.21 8.70 -2.17
C ALA B 152 -43.89 7.34 -2.28
N SER B 153 -45.19 7.33 -2.28
CA SER B 153 -45.89 6.09 -2.47
C SER B 153 -45.60 5.49 -3.84
N ASN B 154 -45.54 6.30 -4.88
CA ASN B 154 -44.84 5.83 -6.07
C ASN B 154 -43.47 6.42 -5.97
N CYS B 155 -42.49 5.58 -5.64
CA CYS B 155 -41.16 6.05 -5.29
C CYS B 155 -40.44 6.69 -6.48
N LEU B 156 -40.86 6.32 -7.69
CA LEU B 156 -40.28 6.87 -8.91
C LEU B 156 -40.88 8.21 -9.28
N ASN B 157 -41.97 8.59 -8.60
CA ASN B 157 -42.58 9.89 -8.87
C ASN B 157 -43.12 10.52 -7.60
N PRO B 158 -42.22 11.02 -6.74
CA PRO B 158 -42.62 11.66 -5.48
C PRO B 158 -43.48 12.88 -5.74
N LYS B 159 -44.60 12.98 -5.02
CA LYS B 159 -45.52 14.08 -5.24
C LYS B 159 -45.35 15.10 -4.12
N LEU B 160 -45.03 16.32 -4.49
CA LEU B 160 -44.87 17.42 -3.54
C LEU B 160 -46.17 17.64 -2.77
N GLN B 161 -46.09 17.59 -1.44
CA GLN B 161 -47.29 17.67 -0.61
C GLN B 161 -47.42 19.05 -0.01
N SER B 162 -46.28 19.57 0.44
CA SER B 162 -46.24 20.94 0.94
C SER B 162 -44.80 21.39 1.05
N GLU B 163 -44.65 22.69 1.29
CA GLU B 163 -43.36 23.26 1.59
C GLU B 163 -43.48 24.06 2.88
N PHE B 164 -42.74 23.61 3.88
CA PHE B 164 -42.78 24.24 5.19
C PHE B 164 -41.57 25.15 5.35
N LYS B 165 -41.74 26.22 6.08
CA LYS B 165 -40.66 27.12 6.36
C LYS B 165 -40.26 27.07 7.82
N TRP B 166 -39.07 26.57 8.08
CA TRP B 166 -38.56 26.54 9.44
C TRP B 166 -38.33 27.97 9.96
N PRO B 167 -38.39 28.16 11.29
CA PRO B 167 -38.04 29.45 11.92
C PRO B 167 -36.54 29.68 12.06
N ALA B 168 -35.73 28.77 11.57
CA ALA B 168 -34.28 28.93 11.62
C ALA B 168 -33.64 28.17 10.48
N ASN B 169 -32.33 28.32 10.29
CA ASN B 169 -31.61 27.47 9.36
C ASN B 169 -31.55 26.03 9.87
N ILE B 170 -32.05 25.08 9.09
CA ILE B 170 -31.97 23.67 9.46
C ILE B 170 -30.92 22.96 8.62
N HIS B 171 -30.04 22.22 9.28
CA HIS B 171 -28.85 21.71 8.63
C HIS B 171 -29.04 20.30 8.10
N MET B 172 -29.37 19.38 9.00
CA MET B 172 -29.73 18.05 8.57
C MET B 172 -31.10 17.64 9.10
N VAL B 173 -31.79 16.80 8.34
CA VAL B 173 -33.09 16.29 8.76
C VAL B 173 -33.09 14.78 8.88
N THR B 174 -33.81 14.29 9.86
CA THR B 174 -34.03 12.86 10.04
C THR B 174 -35.51 12.61 10.29
N ILE B 175 -36.14 11.84 9.43
CA ILE B 175 -37.53 11.48 9.60
C ILE B 175 -37.61 10.36 10.64
N SER B 176 -38.56 10.45 11.56
CA SER B 176 -38.77 9.37 12.54
C SER B 176 -39.12 8.05 11.83
N PRO B 177 -38.81 6.91 12.47
CA PRO B 177 -39.13 5.59 11.89
C PRO B 177 -40.60 5.39 11.52
N ASN B 178 -41.54 6.05 12.18
CA ASN B 178 -42.93 5.89 11.78
C ASN B 178 -43.35 6.88 10.69
N GLY B 179 -42.40 7.70 10.24
CA GLY B 179 -42.63 8.63 9.16
C GLY B 179 -43.48 9.86 9.50
N ARG B 180 -43.75 10.07 10.78
CA ARG B 180 -44.68 11.14 11.11
C ARG B 180 -44.05 12.43 11.71
N ARG B 181 -42.78 12.38 12.00
CA ARG B 181 -42.05 13.53 12.45
C ARG B 181 -40.73 13.74 11.73
N VAL B 182 -40.30 14.98 11.64
CA VAL B 182 -38.99 15.29 11.11
C VAL B 182 -38.20 16.02 12.17
N TYR B 183 -37.00 15.54 12.44
CA TYR B 183 -36.09 16.18 13.41
C TYR B 183 -35.03 16.94 12.63
N GLY B 184 -34.97 18.27 12.80
CA GLY B 184 -34.08 19.10 12.03
C GLY B 184 -33.05 19.78 12.91
N THR B 185 -31.78 19.61 12.56
CA THR B 185 -30.74 20.16 13.41
C THR B 185 -30.53 21.65 13.11
N GLU B 186 -30.27 22.45 14.15
CA GLU B 186 -29.79 23.81 13.94
C GLU B 186 -28.38 23.96 14.49
N VAL B 187 -27.43 24.14 13.58
CA VAL B 187 -26.03 24.28 13.95
C VAL B 187 -25.58 25.73 13.71
N VAL B 188 -26.29 26.43 12.83
CA VAL B 188 -25.95 27.78 12.41
C VAL B 188 -27.04 28.77 12.87
N PRO B 189 -26.63 29.97 13.38
CA PRO B 189 -25.27 30.49 13.46
C PRO B 189 -24.55 30.19 14.76
N GLY B 190 -25.20 29.54 15.72
CA GLY B 190 -24.57 29.22 17.00
C GLY B 190 -23.20 28.59 16.87
N LEU B 191 -23.09 27.57 16.02
CA LEU B 191 -21.85 26.80 15.86
C LEU B 191 -21.12 26.51 17.19
N GLY B 192 -19.87 26.93 17.28
CA GLY B 192 -19.05 26.72 18.47
C GLY B 192 -19.60 27.22 19.80
N SER B 193 -20.49 28.20 19.76
CA SER B 193 -21.11 28.70 20.99
C SER B 193 -22.11 27.69 21.59
N GLY B 194 -22.55 26.72 20.78
CA GLY B 194 -23.50 25.73 21.26
C GLY B 194 -24.92 26.27 21.28
N LYS B 195 -25.11 27.51 20.86
CA LYS B 195 -26.44 28.12 20.88
C LYS B 195 -27.27 27.74 19.64
N GLY B 196 -27.77 26.51 19.63
CA GLY B 196 -28.63 26.02 18.57
C GLY B 196 -29.63 25.06 19.19
N GLY B 197 -30.02 24.03 18.47
CA GLY B 197 -30.95 23.07 19.03
C GLY B 197 -31.52 22.15 17.99
N LEU B 198 -32.54 21.41 18.39
CA LEU B 198 -33.15 20.42 17.54
C LEU B 198 -34.62 20.76 17.37
N HIS B 199 -35.01 20.98 16.12
CA HIS B 199 -36.37 21.37 15.78
C HIS B 199 -37.20 20.14 15.45
N VAL B 200 -38.47 20.15 15.84
CA VAL B 200 -39.33 19.04 15.50
C VAL B 200 -40.55 19.50 14.71
N LEU B 201 -40.81 18.78 13.63
CA LEU B 201 -41.92 19.09 12.78
C LEU B 201 -42.83 17.87 12.71
N ASP B 202 -44.12 18.06 12.97
CA ASP B 202 -45.12 16.99 12.84
C ASP B 202 -45.64 16.99 11.41
N ILE B 203 -45.36 15.91 10.68
CA ILE B 203 -45.81 15.80 9.31
C ILE B 203 -46.83 14.67 9.17
N SER B 204 -47.59 14.40 10.21
CA SER B 204 -48.66 13.40 10.17
C SER B 204 -49.54 13.67 8.96
N ASP B 205 -49.88 14.94 8.77
CA ASP B 205 -50.51 15.38 7.54
C ASP B 205 -49.44 16.07 6.71
N MET B 206 -48.97 15.40 5.66
CA MET B 206 -47.92 15.96 4.83
C MET B 206 -48.29 17.26 4.12
N LYS B 207 -49.58 17.46 3.89
CA LYS B 207 -50.06 18.69 3.27
C LYS B 207 -50.18 19.81 4.29
N ARG B 208 -50.17 19.47 5.56
CA ARG B 208 -50.34 20.45 6.61
C ARG B 208 -49.47 20.19 7.83
N PRO B 209 -48.17 20.39 7.66
CA PRO B 209 -47.22 20.12 8.75
C PRO B 209 -47.36 21.13 9.89
N ARG B 210 -47.08 20.65 11.11
CA ARG B 210 -47.27 21.43 12.31
C ARG B 210 -45.96 21.48 13.09
N TYR B 211 -45.47 22.69 13.29
CA TYR B 211 -44.22 22.91 14.01
C TYR B 211 -44.38 22.68 15.52
N LEU B 212 -43.54 21.82 16.05
CA LEU B 212 -43.53 21.45 17.43
C LEU B 212 -42.73 22.39 18.31
N GLY B 213 -41.56 22.74 17.85
CA GLY B 213 -40.71 23.64 18.60
C GLY B 213 -39.22 23.37 18.47
N ARG B 214 -38.44 24.19 19.13
CA ARG B 214 -36.99 24.08 19.15
C ARG B 214 -36.58 23.54 20.51
N PHE B 215 -35.88 22.42 20.53
CA PHE B 215 -35.49 21.79 21.78
C PHE B 215 -34.01 21.98 22.12
N GLY B 216 -33.75 22.24 23.40
CA GLY B 216 -32.41 22.15 23.95
C GLY B 216 -32.24 20.83 24.68
N VAL B 217 -31.14 20.70 25.41
CA VAL B 217 -30.85 19.48 26.16
C VAL B 217 -31.18 19.70 27.64
N THR B 218 -32.00 18.82 28.21
CA THR B 218 -32.39 18.95 29.61
C THR B 218 -31.61 17.96 30.49
N ARG B 219 -30.92 18.52 31.50
CA ARG B 219 -30.07 17.73 32.39
C ARG B 219 -30.80 17.36 33.68
N PRO B 220 -30.22 16.46 34.50
CA PRO B 220 -30.95 15.99 35.69
C PRO B 220 -31.32 17.11 36.68
N ASN B 221 -30.58 18.21 36.68
CA ASN B 221 -30.94 19.35 37.51
C ASN B 221 -32.19 20.09 37.02
N GLY B 222 -32.78 19.61 35.93
CA GLY B 222 -34.03 20.16 35.44
C GLY B 222 -33.87 21.37 34.53
N LEU B 223 -32.62 21.76 34.30
CA LEU B 223 -32.35 22.95 33.49
C LEU B 223 -32.03 22.55 32.06
N THR B 224 -32.38 23.44 31.13
CA THR B 224 -32.17 23.20 29.70
C THR B 224 -31.17 24.18 29.10
N ALA B 225 -30.24 23.66 28.32
CA ALA B 225 -29.28 24.51 27.63
C ALA B 225 -29.21 24.15 26.15
N GLY B 226 -28.81 25.13 25.35
CA GLY B 226 -28.67 24.91 23.94
C GLY B 226 -27.57 23.92 23.63
N PHE B 227 -27.63 23.37 22.42
CA PHE B 227 -26.53 22.61 21.87
C PHE B 227 -26.59 22.78 20.37
N THR B 228 -25.51 22.44 19.67
CA THR B 228 -25.55 22.51 18.22
C THR B 228 -25.27 21.13 17.62
N PRO B 229 -26.34 20.34 17.45
CA PRO B 229 -26.15 19.01 16.88
C PRO B 229 -25.99 19.15 15.37
N HIS B 230 -25.15 18.32 14.79
CA HIS B 230 -25.02 18.30 13.34
C HIS B 230 -26.07 17.38 12.70
N GLU B 231 -26.18 16.17 13.22
CA GLU B 231 -27.15 15.18 12.74
C GLU B 231 -27.63 14.34 13.91
N VAL B 232 -28.87 13.84 13.83
CA VAL B 232 -29.33 12.85 14.80
C VAL B 232 -29.78 11.56 14.13
N SER B 233 -29.60 10.44 14.81
CA SER B 233 -30.29 9.22 14.44
C SER B 233 -31.30 8.87 15.53
N ILE B 234 -32.27 8.04 15.16
CA ILE B 234 -33.41 7.81 16.05
C ILE B 234 -33.62 6.31 16.29
N SER B 235 -33.88 5.93 17.54
CA SER B 235 -34.08 4.52 17.88
C SER B 235 -35.35 3.98 17.21
N HIS B 236 -35.45 2.67 17.17
CA HIS B 236 -36.56 2.01 16.52
C HIS B 236 -37.93 2.45 17.03
N ASP B 237 -38.06 2.72 18.32
CA ASP B 237 -39.34 3.13 18.88
C ASP B 237 -39.40 4.63 19.16
N GLU B 238 -38.43 5.36 18.62
CA GLU B 238 -38.38 6.82 18.71
C GLU B 238 -38.14 7.39 20.13
N ARG B 239 -37.97 6.51 21.12
CA ARG B 239 -37.76 6.97 22.51
C ARG B 239 -36.33 7.40 22.81
N ARG B 240 -35.41 7.09 21.92
CA ARG B 240 -34.02 7.57 22.06
C ARG B 240 -33.60 8.35 20.83
N ILE B 241 -32.95 9.48 21.09
CA ILE B 241 -32.33 10.24 20.01
C ILE B 241 -30.82 10.23 20.25
N TYR B 242 -30.07 9.86 19.23
CA TYR B 242 -28.62 9.84 19.29
C TYR B 242 -28.08 11.02 18.50
N ALA B 243 -27.54 12.01 19.21
CA ALA B 243 -27.13 13.26 18.59
C ALA B 243 -25.62 13.32 18.44
N ALA B 244 -25.14 13.69 17.26
CA ALA B 244 -23.74 14.02 17.09
C ALA B 244 -23.67 15.53 17.27
N VAL B 245 -22.81 15.97 18.20
CA VAL B 245 -22.90 17.32 18.72
C VAL B 245 -21.59 18.08 18.58
N LEU B 246 -21.69 19.25 17.97
CA LEU B 246 -20.53 20.10 17.74
C LEU B 246 -20.16 20.87 19.01
N ALA B 247 -21.17 21.42 19.67
CA ALA B 247 -20.92 22.18 20.88
C ALA B 247 -22.13 22.26 21.79
N SER B 248 -21.87 22.55 23.06
CA SER B 248 -22.92 22.76 24.04
C SER B 248 -22.86 24.19 24.57
N GLU B 249 -24.03 24.79 24.78
CA GLU B 249 -24.13 26.10 25.40
C GLU B 249 -23.52 26.10 26.80
N THR B 250 -23.36 24.91 27.39
CA THR B 250 -22.69 24.75 28.68
C THR B 250 -21.17 24.85 28.54
N GLY B 251 -20.68 24.74 27.31
CA GLY B 251 -19.28 24.96 27.03
C GLY B 251 -18.32 23.82 27.35
N ASP B 252 -18.84 22.64 27.66
CA ASP B 252 -17.96 21.51 27.97
C ASP B 252 -17.72 20.56 26.79
N VAL B 253 -18.10 20.96 25.58
CA VAL B 253 -17.74 20.18 24.38
C VAL B 253 -16.74 21.00 23.59
N PRO B 254 -15.47 20.62 23.68
CA PRO B 254 -14.43 21.45 23.06
C PRO B 254 -14.57 21.55 21.53
N VAL B 255 -14.31 22.74 21.00
CA VAL B 255 -14.39 22.99 19.57
C VAL B 255 -12.98 23.21 19.04
N GLY B 256 -12.67 22.62 17.89
CA GLY B 256 -11.33 22.72 17.33
C GLY B 256 -11.27 23.42 15.98
N ALA B 257 -10.30 23.01 15.18
CA ALA B 257 -9.99 23.66 13.91
C ALA B 257 -10.99 23.39 12.80
N SER B 258 -10.89 24.18 11.74
CA SER B 258 -11.72 24.04 10.56
C SER B 258 -11.45 22.71 9.88
N ILE B 259 -12.51 21.98 9.56
CA ILE B 259 -12.34 20.69 8.90
C ILE B 259 -11.90 20.85 7.43
N LEU B 260 -11.91 22.08 6.93
CA LEU B 260 -11.50 22.32 5.54
C LEU B 260 -10.11 22.94 5.47
N ALA B 261 -9.52 23.22 6.62
CA ALA B 261 -8.16 23.76 6.65
C ALA B 261 -7.22 22.74 6.00
N SER B 262 -6.31 23.21 5.16
CA SER B 262 -5.37 22.33 4.45
C SER B 262 -4.18 21.95 5.30
N ASP B 263 -3.85 22.83 6.26
CA ASP B 263 -2.72 22.59 7.15
C ASP B 263 -2.58 23.72 8.17
N GLY B 264 -2.17 23.40 9.40
CA GLY B 264 -1.85 22.05 9.79
C GLY B 264 -1.55 21.93 11.27
N ASP B 265 -1.60 23.07 11.97
CA ASP B 265 -1.35 23.12 13.41
C ASP B 265 -2.42 22.52 14.33
N VAL B 266 -3.32 23.38 14.81
CA VAL B 266 -4.37 22.98 15.75
C VAL B 266 -5.19 21.85 15.15
N PRO B 267 -5.65 20.95 16.00
CA PRO B 267 -6.44 19.83 15.51
C PRO B 267 -7.90 20.07 15.43
N VAL B 268 -8.52 19.19 14.67
CA VAL B 268 -9.97 19.08 14.64
C VAL B 268 -10.42 18.36 15.89
N GLU B 269 -11.48 18.84 16.53
CA GLU B 269 -12.01 18.13 17.70
C GLU B 269 -13.01 17.09 17.23
N ASN B 270 -13.23 16.04 18.02
CA ASN B 270 -14.23 15.05 17.62
C ASN B 270 -15.67 15.46 17.97
N GLY B 271 -15.83 16.31 18.98
CA GLY B 271 -17.17 16.67 19.45
C GLY B 271 -17.75 15.51 20.26
N SER B 272 -18.96 15.67 20.80
CA SER B 272 -19.55 14.63 21.66
C SER B 272 -20.78 13.95 21.07
N VAL B 273 -21.04 12.73 21.52
CA VAL B 273 -22.34 12.10 21.27
C VAL B 273 -23.23 12.15 22.50
N TYR B 274 -24.44 12.64 22.30
CA TYR B 274 -25.46 12.68 23.36
C TYR B 274 -26.51 11.61 23.09
N ILE B 275 -26.89 10.88 24.14
CA ILE B 275 -28.05 10.02 24.06
C ILE B 275 -29.20 10.75 24.74
N LEU B 276 -30.28 10.98 24.00
CA LEU B 276 -31.38 11.76 24.55
C LEU B 276 -32.65 10.94 24.70
N ASP B 277 -33.28 11.09 25.86
CA ASP B 277 -34.56 10.48 26.18
C ASP B 277 -35.65 11.33 25.51
N ASN B 278 -36.37 10.72 24.59
CA ASN B 278 -37.36 11.41 23.79
C ASN B 278 -38.76 10.89 24.10
N SER B 279 -38.92 10.31 25.29
CA SER B 279 -40.21 9.72 25.67
C SER B 279 -41.36 10.72 25.76
N ASP B 280 -41.06 11.96 26.13
CA ASP B 280 -42.07 13.01 26.23
C ASP B 280 -42.83 13.19 24.93
N ILE B 281 -42.09 13.32 23.84
CA ILE B 281 -42.70 13.45 22.51
C ILE B 281 -43.42 12.17 22.08
N VAL B 282 -42.79 11.01 22.31
CA VAL B 282 -43.41 9.73 21.93
C VAL B 282 -44.75 9.52 22.63
N ASP B 283 -44.82 9.88 23.90
CA ASP B 283 -46.03 9.67 24.71
C ASP B 283 -46.98 10.87 24.71
N GLY B 284 -46.62 11.93 23.98
CA GLY B 284 -47.43 13.12 23.88
C GLY B 284 -47.61 13.89 25.19
N ARG B 285 -46.55 13.99 25.95
CA ARG B 285 -46.57 14.76 27.17
C ARG B 285 -46.50 16.25 26.91
N SER B 286 -47.18 17.05 27.73
CA SER B 286 -47.07 18.50 27.57
C SER B 286 -45.74 19.02 28.14
N GLN B 287 -45.36 20.22 27.72
CA GLN B 287 -44.02 20.75 27.94
C GLN B 287 -42.91 19.73 27.74
N PRO B 288 -42.90 19.04 26.58
CA PRO B 288 -41.96 17.93 26.38
C PRO B 288 -40.51 18.36 26.47
N LYS B 289 -39.65 17.47 26.97
CA LYS B 289 -38.22 17.72 27.02
C LYS B 289 -37.46 16.61 26.32
N MET B 290 -36.21 16.91 25.99
CA MET B 290 -35.28 15.90 25.55
C MET B 290 -34.20 15.82 26.60
N ARG B 291 -34.22 14.73 27.38
CA ARG B 291 -33.36 14.63 28.56
C ARG B 291 -32.07 13.87 28.30
N LEU B 292 -30.95 14.45 28.71
CA LEU B 292 -29.66 13.80 28.56
C LEU B 292 -29.56 12.53 29.39
N VAL B 293 -29.39 11.40 28.73
CA VAL B 293 -29.29 10.12 29.40
C VAL B 293 -27.82 9.78 29.64
N GLY B 294 -26.97 10.14 28.67
CA GLY B 294 -25.55 9.87 28.76
C GLY B 294 -24.79 10.59 27.67
N GLU B 295 -23.47 10.61 27.76
CA GLU B 295 -22.63 11.34 26.82
C GLU B 295 -21.32 10.61 26.54
N ALA B 296 -20.94 10.50 25.28
CA ALA B 296 -19.63 9.96 24.95
C ALA B 296 -18.78 11.10 24.43
N LYS B 297 -17.91 11.60 25.28
CA LYS B 297 -16.98 12.63 24.87
C LYS B 297 -16.06 12.13 23.73
N GLN B 298 -15.72 13.00 22.79
CA GLN B 298 -14.95 12.59 21.61
C GLN B 298 -15.69 11.54 20.77
N GLY B 299 -17.00 11.47 20.93
CA GLY B 299 -17.79 10.49 20.22
C GLY B 299 -18.05 10.80 18.75
N GLY B 300 -17.97 12.07 18.36
CA GLY B 300 -18.09 12.42 16.95
C GLY B 300 -19.19 13.44 16.71
N PHE B 301 -18.83 14.63 16.22
CA PHE B 301 -19.81 15.71 16.06
C PHE B 301 -20.66 15.63 14.78
N HIS B 302 -20.22 14.85 13.80
CA HIS B 302 -20.80 14.92 12.47
C HIS B 302 -21.95 13.94 12.24
N SER B 303 -21.73 12.68 12.62
CA SER B 303 -22.76 11.67 12.43
C SER B 303 -22.65 10.55 13.46
N VAL B 304 -23.78 10.08 13.95
CA VAL B 304 -23.80 8.95 14.86
C VAL B 304 -24.98 8.03 14.53
N VAL B 305 -24.71 6.73 14.43
CA VAL B 305 -25.74 5.77 14.07
C VAL B 305 -25.72 4.55 15.01
N PRO B 306 -26.89 3.92 15.20
CA PRO B 306 -26.93 2.77 16.12
C PRO B 306 -26.47 1.48 15.45
N ALA B 307 -25.94 0.58 16.27
CA ALA B 307 -25.39 -0.69 15.82
C ALA B 307 -25.65 -1.73 16.90
N SER B 308 -25.78 -2.99 16.49
CA SER B 308 -25.93 -4.09 17.44
C SER B 308 -24.91 -5.17 17.07
N ILE B 309 -23.88 -5.28 17.89
CA ILE B 309 -22.76 -6.14 17.57
C ILE B 309 -22.78 -7.30 18.55
N ASN B 310 -23.06 -8.50 18.03
CA ASN B 310 -23.14 -9.71 18.84
C ASN B 310 -24.12 -9.57 20.00
N GLY B 311 -25.27 -8.95 19.71
CA GLY B 311 -26.32 -8.74 20.70
C GLY B 311 -26.12 -7.57 21.65
N VAL B 312 -25.00 -6.86 21.50
CA VAL B 312 -24.69 -5.75 22.39
C VAL B 312 -24.84 -4.39 21.68
N PRO B 313 -25.65 -3.48 22.26
CA PRO B 313 -25.92 -2.17 21.66
C PRO B 313 -24.71 -1.25 21.60
N HIS B 314 -24.48 -0.69 20.42
CA HIS B 314 -23.37 0.21 20.20
C HIS B 314 -23.85 1.41 19.40
N LEU B 315 -23.01 2.43 19.30
CA LEU B 315 -23.17 3.50 18.34
C LEU B 315 -21.88 3.61 17.56
N VAL B 316 -21.97 4.05 16.30
CA VAL B 316 -20.79 4.42 15.55
C VAL B 316 -20.85 5.92 15.26
N GLY B 317 -19.84 6.64 15.74
CA GLY B 317 -19.81 8.09 15.56
C GLY B 317 -18.53 8.59 14.92
N ALA B 318 -18.57 9.78 14.31
CA ALA B 318 -17.38 10.37 13.69
C ALA B 318 -17.56 11.88 13.55
N ALA B 319 -16.44 12.58 13.49
CA ALA B 319 -16.42 13.96 13.02
C ALA B 319 -16.40 13.89 11.48
N GLU B 320 -15.73 14.84 10.82
CA GLU B 320 -15.67 14.80 9.37
C GLU B 320 -14.40 15.43 8.80
N LEU B 321 -13.93 14.88 7.69
CA LEU B 321 -12.90 15.49 6.85
C LEU B 321 -11.63 15.78 7.64
N GLY B 322 -11.14 17.02 7.53
CA GLY B 322 -9.97 17.45 8.29
C GLY B 322 -8.67 17.22 7.53
N ALA B 323 -7.72 18.12 7.70
CA ALA B 323 -6.38 17.92 7.13
C ALA B 323 -5.73 16.76 7.85
N CYS B 324 -4.79 16.10 7.17
CA CYS B 324 -3.99 15.02 7.72
C CYS B 324 -3.61 15.27 9.19
N PRO B 325 -3.88 14.32 10.08
CA PRO B 325 -4.32 12.95 9.77
C PRO B 325 -5.85 12.75 9.66
N GLY B 326 -6.62 13.83 9.49
CA GLY B 326 -8.04 13.72 9.25
C GLY B 326 -8.86 13.29 10.45
N THR B 327 -9.97 12.61 10.20
CA THR B 327 -10.91 12.19 11.23
C THR B 327 -11.38 10.79 10.88
N TRP B 328 -11.87 10.05 11.88
CA TRP B 328 -12.21 8.64 11.64
C TRP B 328 -13.25 8.17 12.66
N PRO B 329 -13.94 7.07 12.37
CA PRO B 329 -15.04 6.65 13.25
C PRO B 329 -14.59 6.02 14.55
N ARG B 330 -15.42 6.16 15.58
CA ARG B 330 -15.18 5.48 16.83
C ARG B 330 -16.39 4.62 17.18
N ILE B 331 -16.12 3.46 17.76
CA ILE B 331 -17.16 2.52 18.17
C ILE B 331 -17.45 2.71 19.65
N ILE B 332 -18.71 2.91 19.97
CA ILE B 332 -19.11 3.33 21.30
C ILE B 332 -20.05 2.28 21.88
N ASN B 333 -19.63 1.65 22.97
CA ASN B 333 -20.50 0.69 23.65
C ASN B 333 -21.56 1.45 24.45
N ILE B 334 -22.83 1.19 24.16
CA ILE B 334 -23.90 1.77 24.97
C ILE B 334 -24.75 0.74 25.72
N ALA B 335 -24.12 -0.32 26.21
CA ALA B 335 -24.82 -1.34 26.98
C ALA B 335 -25.41 -0.70 28.23
N ASP B 336 -24.68 0.25 28.77
CA ASP B 336 -25.14 1.15 29.79
C ASP B 336 -25.28 2.53 29.22
N GLU B 337 -26.47 2.91 28.85
CA GLU B 337 -26.67 4.17 28.13
C GLU B 337 -26.29 5.39 28.98
N LYS B 338 -26.32 5.24 30.30
CA LYS B 338 -25.91 6.34 31.16
C LYS B 338 -24.39 6.56 31.15
N ASN B 339 -23.65 5.54 30.72
CA ASN B 339 -22.18 5.62 30.62
C ASN B 339 -21.68 5.01 29.31
N PRO B 340 -21.84 5.73 28.20
CA PRO B 340 -21.31 5.24 26.93
C PRO B 340 -19.80 5.22 26.99
N LYS B 341 -19.18 4.28 26.33
CA LYS B 341 -17.76 4.20 26.33
C LYS B 341 -17.22 3.89 24.96
N ILE B 342 -16.22 4.65 24.55
CA ILE B 342 -15.53 4.35 23.30
C ILE B 342 -14.70 3.08 23.51
N VAL B 343 -14.96 2.05 22.70
CA VAL B 343 -14.28 0.76 22.86
C VAL B 343 -13.33 0.44 21.70
N GLY B 344 -13.52 1.13 20.58
CA GLY B 344 -12.66 0.91 19.44
C GLY B 344 -12.64 2.10 18.48
N GLU B 345 -11.67 2.12 17.58
CA GLU B 345 -11.53 3.19 16.59
C GLU B 345 -11.17 2.51 15.31
N PHE B 346 -11.72 2.99 14.19
CA PHE B 346 -11.26 2.51 12.89
C PHE B 346 -10.50 3.60 12.15
N LYS B 347 -9.22 3.39 11.94
CA LYS B 347 -8.44 4.35 11.16
C LYS B 347 -7.59 3.71 10.08
N LEU B 348 -7.34 4.49 9.04
CA LEU B 348 -6.56 4.07 7.90
C LEU B 348 -5.13 4.45 8.21
N GLN B 349 -4.20 3.96 7.39
CA GLN B 349 -2.80 4.38 7.52
C GLN B 349 -2.64 5.87 7.29
N MET B 350 -3.47 6.44 6.43
CA MET B 350 -3.46 7.89 6.18
C MET B 350 -4.03 8.73 7.35
N ASN B 351 -4.53 8.08 8.38
CA ASN B 351 -4.95 8.76 9.60
C ASN B 351 -3.88 8.68 10.70
N ILE B 352 -2.66 8.26 10.34
CA ILE B 352 -1.55 8.27 11.29
C ILE B 352 -0.63 9.41 10.93
N LYS B 353 -0.34 10.29 11.88
CA LYS B 353 0.45 11.47 11.62
C LYS B 353 1.79 11.18 10.97
N GLU B 354 2.47 10.17 11.48
CA GLU B 354 3.80 9.80 10.98
C GLU B 354 3.77 9.52 9.48
N ASN B 355 2.74 8.81 9.05
CA ASN B 355 2.55 8.49 7.62
C ASN B 355 2.31 9.73 6.77
N CYS B 356 1.43 10.61 7.24
CA CYS B 356 1.13 11.85 6.54
C CYS B 356 2.39 12.70 6.37
N ASP B 357 3.23 12.75 7.39
CA ASP B 357 4.49 13.49 7.30
C ASP B 357 5.44 12.84 6.31
N ALA B 358 5.46 11.52 6.27
CA ALA B 358 6.41 10.78 5.43
C ALA B 358 6.15 10.92 3.93
N ILE B 359 4.90 11.13 3.52
CA ILE B 359 4.61 11.23 2.09
C ILE B 359 4.73 12.65 1.52
N ARG B 360 4.95 13.65 2.37
CA ARG B 360 4.99 15.05 1.89
C ARG B 360 6.16 15.30 0.96
N PHE B 361 5.95 16.09 -0.09
CA PHE B 361 7.05 16.38 -1.00
C PHE B 361 8.11 17.22 -0.29
N THR B 362 7.68 18.04 0.65
CA THR B 362 8.63 18.71 1.52
C THR B 362 8.20 18.85 2.98
N PRO B 363 9.08 18.45 3.90
CA PRO B 363 8.80 18.47 5.35
C PRO B 363 8.49 19.89 5.82
N ARG B 364 7.56 20.05 6.75
CA ARG B 364 7.21 21.36 7.26
C ARG B 364 8.45 22.08 7.75
N LYS B 365 9.29 21.35 8.44
CA LYS B 365 10.52 21.89 8.94
C LYS B 365 11.34 22.64 7.89
N GLU B 366 11.36 22.15 6.68
CA GLU B 366 12.14 22.77 5.61
C GLU B 366 11.49 23.98 4.96
N ASP B 367 10.27 24.33 5.39
CA ASP B 367 9.47 25.33 4.69
C ASP B 367 9.67 26.73 5.28
N PRO B 368 10.52 27.54 4.66
CA PRO B 368 10.78 28.86 5.25
C PRO B 368 9.55 29.77 5.18
N TYR B 369 8.55 29.44 4.36
CA TYR B 369 7.36 30.29 4.09
C TYR B 369 6.14 30.04 4.96
N ALA B 370 6.34 29.15 5.88
CA ALA B 370 5.44 28.50 6.81
C ALA B 370 4.46 29.33 7.54
N SER B 371 4.95 30.40 8.13
CA SER B 371 4.09 31.30 8.83
C SER B 371 3.81 32.44 7.89
N PHE B 372 4.84 32.88 7.18
CA PHE B 372 4.74 33.98 6.24
C PHE B 372 3.65 33.79 5.18
N ILE B 373 3.84 32.84 4.28
CA ILE B 373 2.89 32.52 3.23
C ILE B 373 2.56 31.05 3.25
N PRO B 374 1.59 30.63 4.06
CA PRO B 374 1.25 29.20 4.11
C PRO B 374 0.83 28.66 2.75
N ILE B 375 1.50 27.61 2.30
CA ILE B 375 1.17 26.93 1.04
C ILE B 375 1.08 25.43 1.31
N PRO B 376 -0.05 24.83 1.04
CA PRO B 376 -0.17 23.39 1.29
C PRO B 376 0.77 22.58 0.42
N ASP B 377 1.24 21.48 0.95
CA ASP B 377 2.07 20.55 0.21
C ASP B 377 1.24 20.02 -0.95
N ILE B 378 1.87 19.54 -2.00
CA ILE B 378 1.09 19.04 -3.12
C ILE B 378 0.25 17.81 -2.71
N THR B 379 0.69 17.09 -1.69
CA THR B 379 -0.05 15.90 -1.25
C THR B 379 -1.40 16.28 -0.61
N ALA B 380 -1.57 17.56 -0.24
CA ALA B 380 -2.77 18.06 0.41
C ALA B 380 -3.72 18.75 -0.55
N ARG B 381 -3.42 18.68 -1.85
CA ARG B 381 -4.27 19.32 -2.86
C ARG B 381 -5.13 18.28 -3.60
N LEU B 382 -5.42 17.18 -2.94
CA LEU B 382 -6.21 16.12 -3.55
C LEU B 382 -7.60 16.03 -2.91
N GLY B 383 -7.65 16.10 -1.60
CA GLY B 383 -8.92 16.03 -0.89
C GLY B 383 -8.70 15.31 0.42
N ALA B 384 -9.50 15.66 1.42
CA ALA B 384 -9.33 15.11 2.75
C ALA B 384 -9.54 13.60 2.74
N VAL B 385 -8.73 12.88 3.51
CA VAL B 385 -9.03 11.48 3.79
C VAL B 385 -9.54 11.40 5.22
N GLY B 386 -10.85 11.44 5.38
CA GLY B 386 -11.46 11.46 6.69
C GLY B 386 -12.93 11.17 6.50
N SER B 387 -13.61 10.84 7.59
CA SER B 387 -15.01 10.44 7.52
C SER B 387 -15.90 11.50 6.89
N HIS B 388 -16.88 11.03 6.14
CA HIS B 388 -18.03 11.87 5.90
C HIS B 388 -19.27 11.00 5.89
N PHE B 389 -19.88 10.90 7.07
CA PHE B 389 -20.84 9.86 7.44
C PHE B 389 -20.12 8.52 7.69
N ASN B 390 -20.80 7.60 8.38
CA ASN B 390 -20.17 6.41 8.94
C ASN B 390 -21.22 5.36 9.27
N ASP B 391 -21.80 4.76 8.24
CA ASP B 391 -22.93 3.86 8.42
C ASP B 391 -22.57 2.39 8.76
N VAL B 392 -23.57 1.61 9.11
CA VAL B 392 -23.37 0.17 9.31
C VAL B 392 -24.32 -0.62 8.39
N ASP B 393 -24.08 -1.91 8.19
CA ASP B 393 -24.94 -2.69 7.28
C ASP B 393 -26.38 -2.85 7.79
N ASP B 394 -26.52 -3.18 9.06
CA ASP B 394 -27.84 -3.46 9.61
C ASP B 394 -27.79 -3.07 11.08
N ALA B 395 -28.59 -2.06 11.45
CA ALA B 395 -28.56 -1.52 12.80
C ALA B 395 -28.91 -2.58 13.86
N ARG B 396 -29.71 -3.54 13.48
CA ARG B 396 -30.20 -4.50 14.43
C ARG B 396 -29.43 -5.81 14.40
N ASN B 397 -28.46 -5.92 13.51
CA ASN B 397 -27.66 -7.13 13.36
C ASN B 397 -26.40 -6.79 12.56
N THR B 398 -25.48 -6.11 13.22
CA THR B 398 -24.37 -5.44 12.55
C THR B 398 -23.14 -6.30 12.42
N ARG B 399 -22.60 -6.37 11.22
CA ARG B 399 -21.30 -7.01 10.98
C ARG B 399 -20.32 -6.01 10.35
N LEU B 400 -20.85 -5.21 9.44
CA LEU B 400 -20.01 -4.38 8.59
C LEU B 400 -20.21 -2.90 8.87
N GLY B 401 -19.10 -2.18 8.94
CA GLY B 401 -19.13 -0.73 8.85
C GLY B 401 -18.99 -0.38 7.38
N LEU B 402 -19.79 0.58 6.94
CA LEU B 402 -19.74 1.10 5.58
C LEU B 402 -19.37 2.58 5.67
N PHE B 403 -18.07 2.86 5.61
CA PHE B 403 -17.54 4.16 6.04
C PHE B 403 -17.01 5.04 4.89
N PRO B 404 -17.78 6.06 4.46
CA PRO B 404 -17.16 6.92 3.44
C PRO B 404 -16.03 7.74 4.04
N PHE B 405 -14.92 7.86 3.31
CA PHE B 405 -13.76 8.61 3.78
C PHE B 405 -13.41 9.71 2.78
N PHE B 406 -14.46 10.22 2.14
CA PHE B 406 -14.33 11.35 1.22
C PHE B 406 -13.36 10.93 0.10
N ALA B 407 -12.18 11.53 0.04
CA ALA B 407 -11.25 11.17 -1.04
C ALA B 407 -10.68 9.77 -0.85
N GLY B 408 -10.79 9.23 0.36
CA GLY B 408 -10.45 7.82 0.60
C GLY B 408 -11.47 6.80 0.07
N GLY B 409 -12.54 7.28 -0.54
CA GLY B 409 -13.56 6.38 -1.07
C GLY B 409 -14.32 5.68 0.05
N VAL B 410 -15.05 4.61 -0.27
CA VAL B 410 -15.85 3.95 0.77
C VAL B 410 -15.10 2.76 1.34
N ARG B 411 -14.96 2.73 2.67
CA ARG B 411 -14.20 1.68 3.36
C ARG B 411 -15.15 0.67 3.99
N ILE B 412 -14.86 -0.62 3.78
CA ILE B 412 -15.72 -1.68 4.33
C ILE B 412 -15.02 -2.38 5.48
N VAL B 413 -15.63 -2.29 6.66
CA VAL B 413 -14.95 -2.64 7.90
C VAL B 413 -15.68 -3.77 8.65
N ASP B 414 -14.91 -4.78 9.04
CA ASP B 414 -15.41 -5.86 9.89
C ASP B 414 -15.52 -5.37 11.33
N LEU B 415 -16.74 -5.30 11.86
CA LEU B 415 -16.95 -4.78 13.22
C LEU B 415 -17.21 -5.86 14.28
N ARG B 416 -17.09 -7.12 13.92
CA ARG B 416 -17.45 -8.21 14.82
C ARG B 416 -16.64 -8.21 16.11
N ASP B 417 -15.46 -7.63 16.08
CA ASP B 417 -14.76 -7.28 17.29
C ASP B 417 -14.70 -5.74 17.43
N PRO B 418 -15.63 -5.19 18.23
CA PRO B 418 -15.77 -3.73 18.38
C PRO B 418 -14.53 -3.04 18.92
N THR B 419 -13.64 -3.77 19.59
CA THR B 419 -12.42 -3.16 20.11
C THR B 419 -11.33 -3.11 19.05
N LYS B 420 -11.51 -3.90 17.99
CA LYS B 420 -10.54 -4.00 16.91
C LYS B 420 -11.21 -4.06 15.52
N PRO B 421 -11.77 -2.94 15.05
CA PRO B 421 -12.34 -2.93 13.70
C PRO B 421 -11.22 -3.10 12.68
N VAL B 422 -11.47 -3.89 11.63
CA VAL B 422 -10.46 -4.05 10.60
C VAL B 422 -11.08 -3.97 9.22
N GLU B 423 -10.34 -3.33 8.33
CA GLU B 423 -10.79 -3.22 6.94
C GLU B 423 -10.82 -4.57 6.21
N VAL B 424 -11.91 -4.84 5.51
CA VAL B 424 -11.97 -6.03 4.67
C VAL B 424 -12.14 -5.69 3.19
N GLY B 425 -12.52 -4.45 2.91
CA GLY B 425 -12.68 -4.05 1.53
C GLY B 425 -12.78 -2.55 1.38
N TYR B 426 -12.80 -2.08 0.13
CA TYR B 426 -12.95 -0.65 -0.17
C TYR B 426 -13.27 -0.45 -1.64
N TYR B 427 -13.80 0.72 -1.97
CA TYR B 427 -14.04 1.10 -3.35
C TYR B 427 -13.76 2.57 -3.49
N LYS B 428 -12.89 2.92 -4.43
CA LYS B 428 -12.62 4.31 -4.79
C LYS B 428 -13.07 4.42 -6.25
N PRO B 429 -13.96 5.37 -6.55
CA PRO B 429 -14.60 5.39 -7.87
C PRO B 429 -13.80 5.99 -9.04
N GLY B 430 -12.64 6.57 -8.79
CA GLY B 430 -11.88 7.17 -9.88
C GLY B 430 -12.15 8.67 -9.97
N ALA B 431 -12.17 9.22 -11.18
CA ALA B 431 -12.48 10.65 -11.36
C ALA B 431 -13.48 10.90 -12.50
N ASN B 432 -14.18 12.02 -12.43
CA ASN B 432 -15.04 12.44 -13.53
C ASN B 432 -14.95 13.96 -13.68
N PRO B 433 -13.90 14.43 -14.37
CA PRO B 433 -13.63 15.87 -14.53
C PRO B 433 -14.63 16.60 -15.44
N ASP B 434 -14.70 17.91 -15.28
CA ASP B 434 -15.43 18.78 -16.18
C ASP B 434 -16.97 18.63 -16.17
N THR B 435 -17.54 18.15 -15.08
CA THR B 435 -19.01 18.08 -15.03
C THR B 435 -19.58 19.49 -14.85
N PRO B 436 -20.87 19.69 -15.16
CA PRO B 436 -21.49 21.00 -14.99
C PRO B 436 -21.53 21.50 -13.55
N LEU B 437 -21.72 20.59 -12.58
CA LEU B 437 -21.90 21.06 -11.20
C LEU B 437 -20.63 21.01 -10.36
N SER B 438 -19.60 20.34 -10.87
CA SER B 438 -18.31 20.27 -10.17
C SER B 438 -17.12 20.76 -11.00
N GLY B 439 -17.37 21.32 -12.19
CA GLY B 439 -16.27 21.73 -13.05
C GLY B 439 -15.82 23.16 -12.82
N ASN B 440 -15.05 23.70 -13.77
CA ASN B 440 -14.62 25.11 -13.77
C ASN B 440 -13.69 25.53 -12.61
N GLY B 441 -13.17 24.57 -11.86
CA GLY B 441 -12.30 24.86 -10.71
C GLY B 441 -12.97 25.72 -9.64
N LEU B 442 -14.29 25.64 -9.53
CA LEU B 442 -15.03 26.50 -8.59
C LEU B 442 -15.46 25.77 -7.31
N ASN B 443 -14.87 24.61 -7.04
CA ASN B 443 -15.24 23.84 -5.85
C ASN B 443 -14.72 24.46 -4.55
N TRP B 444 -15.41 24.19 -3.44
CA TRP B 444 -15.02 24.78 -2.17
C TRP B 444 -14.64 23.75 -1.10
N THR B 445 -14.87 22.48 -1.39
CA THR B 445 -14.67 21.44 -0.39
C THR B 445 -13.23 20.92 -0.29
N GLY B 446 -12.36 21.40 -1.17
CA GLY B 446 -11.00 20.90 -1.24
C GLY B 446 -10.86 19.63 -2.06
N LEU B 447 -11.98 19.07 -2.52
CA LEU B 447 -11.90 17.93 -3.43
C LEU B 447 -11.37 18.40 -4.79
N ASN B 448 -10.38 17.69 -5.33
CA ASN B 448 -9.81 18.00 -6.63
C ASN B 448 -10.51 17.16 -7.69
N ASP B 449 -11.47 17.75 -8.39
CA ASP B 449 -12.31 16.96 -9.31
C ASP B 449 -11.59 16.61 -10.59
N GLN B 450 -10.40 17.16 -10.79
CA GLN B 450 -9.64 16.83 -11.99
C GLN B 450 -9.01 15.46 -11.88
N VAL B 451 -8.69 15.03 -10.66
CA VAL B 451 -7.89 13.81 -10.53
C VAL B 451 -8.45 12.75 -9.62
N THR B 452 -9.46 13.09 -8.82
CA THR B 452 -10.03 12.11 -7.93
C THR B 452 -11.51 12.38 -7.69
N ASP B 453 -12.12 11.66 -6.78
CA ASP B 453 -13.51 11.94 -6.46
C ASP B 453 -13.69 11.75 -4.97
N GLY B 454 -14.87 12.10 -4.47
CA GLY B 454 -15.11 12.09 -3.04
C GLY B 454 -16.44 11.46 -2.76
N CYS B 455 -16.47 10.52 -1.84
CA CYS B 455 -17.71 9.90 -1.41
C CYS B 455 -18.16 10.52 -0.09
N MET B 456 -19.34 11.13 -0.08
CA MET B 456 -19.81 11.97 1.01
C MET B 456 -21.20 11.58 1.49
N SER B 457 -21.77 10.52 0.92
CA SER B 457 -23.17 10.22 1.14
C SER B 457 -23.39 9.15 2.20
N HIS B 458 -24.62 9.07 2.70
CA HIS B 458 -25.03 7.90 3.47
C HIS B 458 -24.94 6.69 2.57
N VAL B 459 -24.78 5.53 3.20
CA VAL B 459 -24.58 4.27 2.48
C VAL B 459 -25.63 3.23 2.87
N ARG B 460 -26.32 2.67 1.88
CA ARG B 460 -27.33 1.65 2.12
C ARG B 460 -26.77 0.23 1.95
N TYR B 461 -27.16 -0.67 2.83
CA TYR B 461 -26.93 -2.11 2.62
C TYR B 461 -28.27 -2.81 2.47
N VAL B 462 -28.40 -3.61 1.41
CA VAL B 462 -29.65 -4.29 1.09
C VAL B 462 -29.45 -5.77 1.35
N PRO B 463 -29.99 -6.27 2.47
CA PRO B 463 -29.67 -7.62 2.93
C PRO B 463 -30.15 -8.71 1.96
N GLU B 464 -31.19 -8.42 1.22
CA GLU B 464 -31.80 -9.34 0.31
C GLU B 464 -30.87 -9.70 -0.81
N SER B 465 -30.16 -8.72 -1.31
CA SER B 465 -29.31 -8.88 -2.48
C SER B 465 -27.84 -8.80 -2.11
N GLY B 466 -27.55 -8.28 -0.91
CA GLY B 466 -26.17 -8.03 -0.54
C GLY B 466 -25.60 -6.77 -1.17
N HIS B 467 -26.42 -6.02 -1.90
CA HIS B 467 -25.97 -4.79 -2.55
C HIS B 467 -25.73 -3.58 -1.63
N ILE B 468 -24.71 -2.80 -1.96
CA ILE B 468 -24.34 -1.60 -1.24
C ILE B 468 -24.49 -0.40 -2.17
N TRP B 469 -25.23 0.61 -1.72
CA TRP B 469 -25.51 1.78 -2.54
C TRP B 469 -24.79 2.99 -1.95
N PHE B 470 -24.19 3.80 -2.82
CA PHE B 470 -23.61 5.05 -2.37
C PHE B 470 -23.48 6.03 -3.52
N ALA B 471 -23.36 7.30 -3.18
CA ALA B 471 -23.16 8.36 -4.16
C ALA B 471 -21.82 9.04 -3.95
N CYS B 472 -21.19 9.42 -5.06
CA CYS B 472 -19.94 10.15 -5.01
C CYS B 472 -20.12 11.46 -5.77
N VAL B 473 -19.44 12.52 -5.33
CA VAL B 473 -19.63 13.87 -5.88
C VAL B 473 -19.68 13.93 -7.42
N THR B 474 -18.66 13.45 -8.10
CA THR B 474 -18.67 13.59 -9.55
C THR B 474 -19.06 12.33 -10.30
N THR B 475 -18.71 11.16 -9.77
CA THR B 475 -18.98 9.93 -10.52
C THR B 475 -20.42 9.44 -10.38
N GLY B 476 -21.14 9.96 -9.39
CA GLY B 476 -22.57 9.66 -9.29
C GLY B 476 -22.88 8.47 -8.39
N PHE B 477 -23.95 7.76 -8.76
CA PHE B 477 -24.54 6.72 -7.91
C PHE B 477 -23.98 5.34 -8.28
N HIS B 478 -23.55 4.58 -7.27
CA HIS B 478 -22.93 3.28 -7.48
C HIS B 478 -23.67 2.20 -6.70
N VAL B 479 -23.70 1.01 -7.28
CA VAL B 479 -24.12 -0.20 -6.56
C VAL B 479 -22.96 -1.17 -6.59
N VAL B 480 -22.53 -1.61 -5.42
CA VAL B 480 -21.46 -2.58 -5.35
C VAL B 480 -21.94 -3.78 -4.50
N GLU B 481 -21.19 -4.87 -4.56
CA GLU B 481 -21.48 -6.02 -3.71
C GLU B 481 -20.18 -6.60 -3.19
N LEU B 482 -20.24 -7.38 -2.13
CA LEU B 482 -19.05 -8.08 -1.64
C LEU B 482 -18.66 -9.17 -2.60
N ASN B 483 -17.39 -9.45 -2.76
CA ASN B 483 -17.06 -10.60 -3.56
C ASN B 483 -17.30 -11.88 -2.81
N PRO B 484 -17.56 -12.98 -3.53
CA PRO B 484 -17.93 -14.32 -3.04
C PRO B 484 -17.05 -14.76 -1.88
N ASP B 485 -15.75 -14.62 -2.05
CA ASP B 485 -14.80 -14.97 -1.03
C ASP B 485 -15.00 -14.23 0.29
N LEU B 486 -15.08 -12.90 0.21
CA LEU B 486 -15.34 -12.10 1.39
C LEU B 486 -16.71 -12.45 2.00
N ARG B 487 -17.69 -12.64 1.13
CA ARG B 487 -19.04 -12.96 1.59
C ARG B 487 -19.06 -14.28 2.34
N ALA B 488 -18.35 -15.28 1.81
CA ALA B 488 -18.24 -16.58 2.47
C ALA B 488 -17.55 -16.46 3.83
N ARG B 489 -16.53 -15.62 3.88
CA ARG B 489 -15.76 -15.36 5.08
C ARG B 489 -16.58 -14.73 6.20
N LEU B 490 -17.45 -13.82 5.84
CA LEU B 490 -18.29 -13.13 6.82
C LEU B 490 -19.53 -13.95 7.19
N GLY B 491 -19.69 -15.10 6.54
CA GLY B 491 -20.83 -15.96 6.80
C GLY B 491 -22.15 -15.23 6.67
N PHE B 492 -22.25 -14.37 5.67
CA PHE B 492 -23.43 -13.61 5.43
C PHE B 492 -24.26 -14.72 4.86
N PRO B 493 -25.65 -14.62 4.94
CA PRO B 493 -26.36 -15.73 4.28
C PRO B 493 -26.08 -15.61 2.78
N THR B 494 -26.63 -16.50 1.98
CA THR B 494 -26.38 -16.38 0.57
C THR B 494 -27.49 -16.62 -0.42
N VAL B 495 -27.84 -15.58 -1.18
CA VAL B 495 -28.80 -15.73 -2.30
C VAL B 495 -28.43 -14.93 -3.52
N GLN C 1 25.98 -30.15 -27.97
CA GLN C 1 25.13 -30.86 -27.04
C GLN C 1 25.83 -31.93 -26.21
N VAL C 2 25.06 -32.68 -25.41
CA VAL C 2 25.65 -33.60 -24.46
C VAL C 2 25.83 -35.00 -25.05
N VAL C 3 27.07 -35.44 -25.13
CA VAL C 3 27.34 -36.78 -25.61
C VAL C 3 27.61 -37.62 -24.40
N ILE C 4 26.91 -38.72 -24.24
CA ILE C 4 27.14 -39.57 -23.10
C ILE C 4 28.16 -40.68 -23.41
N GLY C 5 28.97 -41.02 -22.41
CA GLY C 5 29.99 -42.04 -22.53
C GLY C 5 30.60 -42.42 -21.19
N PRO C 6 31.55 -43.34 -21.20
CA PRO C 6 32.18 -43.77 -19.97
C PRO C 6 32.56 -42.62 -19.07
N GLY C 7 32.26 -42.74 -17.79
CA GLY C 7 32.57 -41.69 -16.83
C GLY C 7 31.36 -40.91 -16.37
N ASP C 8 30.37 -40.77 -17.22
CA ASP C 8 29.18 -39.98 -16.91
C ASP C 8 28.21 -40.69 -15.96
N ARG C 9 27.50 -39.90 -15.16
CA ARG C 9 26.41 -40.41 -14.34
C ARG C 9 25.21 -39.57 -14.70
N PRO C 10 24.58 -39.90 -15.84
CA PRO C 10 23.61 -38.96 -16.41
C PRO C 10 22.29 -38.86 -15.64
N GLU C 11 21.62 -37.73 -15.84
CA GLU C 11 20.25 -37.49 -15.40
C GLU C 11 19.35 -38.59 -15.92
N THR C 12 18.37 -38.99 -15.12
CA THR C 12 17.57 -40.17 -15.44
C THR C 12 16.15 -39.80 -15.84
N GLY C 13 15.86 -38.51 -15.81
CA GLY C 13 14.56 -38.01 -16.23
C GLY C 13 14.74 -36.91 -17.26
N LEU C 14 13.89 -35.90 -17.22
CA LEU C 14 14.03 -34.76 -18.11
C LEU C 14 15.25 -33.95 -17.77
N GLN C 15 15.74 -33.20 -18.74
CA GLN C 15 16.87 -32.31 -18.54
C GLN C 15 16.62 -31.32 -17.39
N GLY C 16 17.43 -31.43 -16.34
CA GLY C 16 17.30 -30.58 -15.17
C GLY C 16 16.36 -31.10 -14.10
N GLN C 17 15.73 -32.26 -14.34
CA GLN C 17 14.76 -32.80 -13.38
C GLN C 17 15.41 -33.64 -12.28
N THR C 18 14.89 -33.52 -11.07
CA THR C 18 15.13 -34.51 -10.01
C THR C 18 13.89 -35.41 -9.89
N THR C 19 14.01 -36.67 -10.30
CA THR C 19 12.83 -37.52 -10.40
C THR C 19 12.44 -38.05 -9.02
N ILE C 20 11.14 -38.18 -8.79
CA ILE C 20 10.65 -38.73 -7.54
C ILE C 20 11.12 -40.18 -7.34
N GLU C 21 11.31 -40.93 -8.42
CA GLU C 21 11.86 -42.27 -8.31
C GLU C 21 13.23 -42.27 -7.68
N ASP C 22 14.08 -41.33 -8.08
CA ASP C 22 15.45 -41.19 -7.53
C ASP C 22 15.44 -40.69 -6.10
N VAL C 23 14.48 -39.83 -5.79
CA VAL C 23 14.33 -39.37 -4.41
C VAL C 23 13.99 -40.53 -3.49
N VAL C 24 13.00 -41.33 -3.89
CA VAL C 24 12.57 -42.46 -3.06
C VAL C 24 13.64 -43.57 -2.97
N SER C 25 14.32 -43.85 -4.07
CA SER C 25 15.33 -44.91 -4.08
C SER C 25 16.61 -44.52 -3.33
N GLY C 26 16.88 -43.21 -3.20
CA GLY C 26 18.14 -42.77 -2.64
C GLY C 26 19.15 -42.29 -3.66
N ARG C 27 18.89 -42.58 -4.95
CA ARG C 27 19.79 -42.17 -6.03
C ARG C 27 20.08 -40.66 -6.02
N SER C 28 19.08 -39.86 -5.68
CA SER C 28 19.20 -38.39 -5.69
C SER C 28 20.30 -37.87 -4.75
N LYS C 29 20.72 -38.69 -3.79
CA LYS C 29 21.72 -38.25 -2.81
C LYS C 29 23.13 -38.33 -3.36
N LEU C 30 23.25 -38.87 -4.55
CA LEU C 30 24.53 -39.08 -5.18
C LEU C 30 24.65 -38.20 -6.44
N PRO C 31 25.90 -37.94 -6.86
CA PRO C 31 26.08 -36.99 -7.96
C PRO C 31 25.47 -37.44 -9.28
N TYR C 32 25.13 -36.46 -10.12
CA TYR C 32 24.84 -36.69 -11.53
C TYR C 32 25.76 -35.79 -12.33
N HIS C 33 26.17 -36.25 -13.51
CA HIS C 33 27.06 -35.45 -14.35
C HIS C 33 27.26 -36.05 -15.74
N ALA C 34 27.52 -35.16 -16.69
CA ALA C 34 27.98 -35.54 -18.01
C ALA C 34 28.97 -34.49 -18.53
N GLY C 35 29.95 -34.93 -19.29
CA GLY C 35 30.90 -34.03 -19.93
C GLY C 35 31.94 -33.45 -19.00
N VAL C 36 31.90 -33.86 -17.74
CA VAL C 36 32.80 -33.33 -16.72
C VAL C 36 33.31 -34.43 -15.80
N ARG C 37 34.34 -34.10 -15.03
CA ARG C 37 34.91 -35.02 -14.05
C ARG C 37 35.20 -34.21 -12.80
N LEU C 38 34.90 -34.78 -11.63
CA LEU C 38 35.19 -34.12 -10.37
C LEU C 38 36.69 -34.23 -10.09
N VAL C 39 37.32 -33.10 -9.79
CA VAL C 39 38.74 -33.11 -9.47
C VAL C 39 38.94 -33.24 -7.97
N GLY C 40 38.16 -32.47 -7.22
CA GLY C 40 38.27 -32.47 -5.77
C GLY C 40 37.10 -31.72 -5.16
N ARG C 41 36.91 -31.94 -3.88
CA ARG C 41 35.87 -31.30 -3.15
C ARG C 41 36.13 -31.26 -1.64
N THR C 42 35.57 -30.26 -0.99
CA THR C 42 35.51 -30.27 0.48
C THR C 42 34.14 -29.80 0.98
N ASP C 43 33.63 -30.48 2.00
CA ASP C 43 32.32 -30.13 2.56
C ASP C 43 32.45 -29.03 3.60
N ILE C 44 33.65 -28.50 3.73
CA ILE C 44 33.93 -27.34 4.59
C ILE C 44 33.50 -27.58 6.04
N TRP C 45 34.18 -28.51 6.72
CA TRP C 45 33.81 -28.96 8.06
C TRP C 45 32.37 -29.48 8.11
N ASN C 46 31.89 -30.00 6.98
CA ASN C 46 30.53 -30.54 6.90
C ASN C 46 29.47 -29.55 7.36
N ARG C 47 29.69 -28.28 7.07
CA ARG C 47 28.94 -27.20 7.71
C ARG C 47 27.53 -26.99 7.15
N GLY C 48 27.34 -27.16 5.83
CA GLY C 48 26.12 -26.70 5.18
C GLY C 48 25.97 -25.19 5.11
N GLY C 49 24.80 -24.74 4.69
CA GLY C 49 24.49 -23.31 4.59
C GLY C 49 25.43 -22.46 3.74
N ASN C 50 26.10 -23.06 2.76
CA ASN C 50 26.98 -22.29 1.89
C ASN C 50 26.22 -21.51 0.81
N LEU C 51 26.69 -20.32 0.47
CA LEU C 51 26.06 -19.51 -0.56
C LEU C 51 27.06 -19.07 -1.62
N GLN C 52 27.71 -17.94 -1.35
CA GLN C 52 28.51 -17.27 -2.36
C GLN C 52 29.96 -17.81 -2.42
N LEU C 53 30.55 -17.76 -3.61
CA LEU C 53 31.95 -18.05 -3.81
C LEU C 53 32.69 -16.82 -4.35
N SER C 54 33.79 -16.47 -3.71
CA SER C 54 34.71 -15.50 -4.30
C SER C 54 36.09 -16.14 -4.33
N TRP C 55 37.03 -15.49 -4.99
CA TRP C 55 38.36 -16.08 -5.10
C TRP C 55 39.46 -15.05 -5.31
N VAL C 56 40.67 -15.41 -4.89
CA VAL C 56 41.89 -14.64 -5.14
C VAL C 56 43.01 -15.65 -5.31
N ASP C 57 43.68 -15.61 -6.47
CA ASP C 57 44.72 -16.60 -6.79
C ASP C 57 44.23 -18.04 -6.64
N GLN C 58 44.93 -18.81 -5.82
CA GLN C 58 44.61 -20.20 -5.60
C GLN C 58 43.74 -20.40 -4.37
N CYS C 59 43.08 -19.35 -3.90
CA CYS C 59 42.23 -19.42 -2.72
C CYS C 59 40.76 -19.12 -3.00
N ALA C 60 39.89 -19.93 -2.40
CA ALA C 60 38.44 -19.72 -2.46
C ALA C 60 37.94 -19.16 -1.15
N TYR C 61 36.93 -18.28 -1.22
CA TYR C 61 36.18 -17.86 -0.05
C TYR C 61 34.69 -18.17 -0.25
N VAL C 62 34.08 -18.79 0.75
CA VAL C 62 32.70 -19.26 0.66
C VAL C 62 31.89 -18.68 1.83
N SER C 63 30.83 -17.94 1.53
CA SER C 63 30.00 -17.39 2.61
C SER C 63 28.95 -18.36 3.15
N THR C 64 28.33 -17.97 4.26
CA THR C 64 27.20 -18.71 4.79
C THR C 64 25.96 -17.84 4.85
N PHE C 65 24.80 -18.48 4.91
CA PHE C 65 23.58 -17.75 5.21
C PHE C 65 22.86 -18.48 6.35
N LYS C 66 22.17 -17.73 7.18
CA LYS C 66 21.60 -18.26 8.42
C LYS C 66 20.15 -18.70 8.23
N GLN C 67 19.79 -19.78 8.91
CA GLN C 67 18.41 -20.29 8.83
C GLN C 67 17.36 -19.35 9.45
N ALA C 68 17.80 -18.43 10.31
CA ALA C 68 16.89 -17.50 10.98
C ALA C 68 16.12 -16.60 9.99
N GLY C 69 16.63 -16.44 8.78
CA GLY C 69 15.92 -15.72 7.75
C GLY C 69 16.79 -14.66 7.11
N PRO C 70 16.46 -14.27 5.86
CA PRO C 70 17.30 -13.31 5.13
C PRO C 70 17.48 -11.96 5.82
N ILE C 71 16.41 -11.41 6.40
CA ILE C 71 16.50 -10.07 6.99
C ILE C 71 16.40 -10.04 8.52
N THR C 72 16.47 -11.22 9.13
CA THR C 72 16.51 -11.32 10.58
C THR C 72 17.78 -10.69 11.15
N ALA C 73 17.61 -9.93 12.24
CA ALA C 73 18.74 -9.29 12.90
C ALA C 73 19.77 -10.30 13.36
N ASN C 74 21.05 -10.03 13.10
CA ASN C 74 22.09 -10.97 13.51
C ASN C 74 22.19 -11.05 15.03
N SER C 75 21.85 -9.95 15.70
CA SER C 75 21.86 -9.91 17.16
C SER C 75 20.83 -10.88 17.76
N ARG C 76 19.83 -11.25 16.97
CA ARG C 76 18.76 -12.15 17.43
C ARG C 76 18.93 -13.56 16.91
N SER C 77 20.08 -13.82 16.29
CA SER C 77 20.32 -15.09 15.63
C SER C 77 21.53 -15.81 16.20
N ALA C 78 21.87 -15.56 17.46
CA ALA C 78 23.05 -16.18 18.05
C ALA C 78 23.07 -17.71 17.93
N LEU C 79 21.91 -18.36 18.00
CA LEU C 79 21.83 -19.82 17.86
C LEU C 79 22.20 -20.30 16.46
N PHE C 80 22.27 -19.39 15.51
CA PHE C 80 22.52 -19.77 14.11
C PHE C 80 23.82 -19.19 13.60
N LEU C 81 24.49 -18.41 14.45
CA LEU C 81 25.71 -17.71 14.01
C LEU C 81 26.99 -18.18 14.72
N ARG C 82 26.97 -19.34 15.36
CA ARG C 82 28.17 -19.90 15.94
C ARG C 82 28.95 -20.63 14.86
N GLU C 83 30.17 -21.06 15.16
CA GLU C 83 30.97 -21.87 14.25
C GLU C 83 30.15 -23.08 13.91
N PRO C 84 30.17 -23.52 12.66
CA PRO C 84 31.05 -23.02 11.60
C PRO C 84 30.45 -21.96 10.67
N ALA C 85 29.57 -21.08 11.17
CA ALA C 85 29.09 -19.95 10.37
C ALA C 85 30.22 -18.98 10.07
N GLY C 86 30.19 -18.38 8.89
CA GLY C 86 31.16 -17.37 8.52
C GLY C 86 31.77 -17.63 7.16
N VAL C 87 32.60 -16.70 6.69
CA VAL C 87 33.27 -16.87 5.41
C VAL C 87 34.44 -17.81 5.58
N ALA C 88 34.37 -18.94 4.88
CA ALA C 88 35.42 -19.95 4.95
C ALA C 88 36.54 -19.69 3.94
N VAL C 89 37.78 -19.78 4.41
CA VAL C 89 38.95 -19.63 3.55
C VAL C 89 39.47 -21.00 3.14
N ILE C 90 39.47 -21.26 1.84
CA ILE C 90 39.83 -22.58 1.35
C ILE C 90 41.10 -22.53 0.51
N ASP C 91 42.07 -23.35 0.89
CA ASP C 91 43.33 -23.49 0.18
C ASP C 91 43.13 -24.48 -0.96
N VAL C 92 43.26 -24.00 -2.19
CA VAL C 92 43.02 -24.83 -3.38
C VAL C 92 44.32 -25.03 -4.15
N ARG C 93 45.45 -24.92 -3.46
CA ARG C 93 46.75 -25.09 -4.12
C ARG C 93 46.91 -26.51 -4.67
N ASP C 94 46.24 -27.47 -4.03
CA ASP C 94 46.04 -28.77 -4.65
C ASP C 94 44.55 -28.98 -4.87
N PRO C 95 44.06 -28.71 -6.09
CA PRO C 95 42.64 -28.83 -6.44
C PRO C 95 42.07 -30.23 -6.25
N ARG C 96 42.94 -31.22 -6.09
CA ARG C 96 42.53 -32.58 -5.80
C ARG C 96 42.14 -32.72 -4.36
N ALA C 97 42.55 -31.77 -3.56
CA ALA C 97 42.26 -31.79 -2.13
C ALA C 97 42.15 -30.38 -1.56
N PRO C 98 41.08 -29.65 -1.94
CA PRO C 98 40.94 -28.31 -1.36
C PRO C 98 40.75 -28.45 0.15
N LYS C 99 41.37 -27.59 0.94
CA LYS C 99 41.17 -27.67 2.37
C LYS C 99 40.83 -26.37 3.04
N PRO C 100 39.78 -26.38 3.86
CA PRO C 100 39.39 -25.17 4.59
C PRO C 100 40.48 -24.86 5.60
N VAL C 101 40.85 -23.59 5.75
CA VAL C 101 41.96 -23.24 6.62
C VAL C 101 41.58 -22.24 7.70
N ARG C 102 40.71 -21.30 7.38
CA ARG C 102 40.28 -20.28 8.34
C ARG C 102 38.79 -19.94 8.19
N LEU C 103 38.22 -19.33 9.21
CA LEU C 103 36.85 -18.89 9.20
C LEU C 103 36.77 -17.43 9.61
N LEU C 104 36.33 -16.57 8.69
CA LEU C 104 36.22 -15.15 9.00
C LEU C 104 34.85 -14.85 9.58
N ARG C 105 34.82 -14.27 10.77
CA ARG C 105 33.59 -14.11 11.54
C ARG C 105 33.48 -12.69 12.10
N ASP C 106 33.98 -11.73 11.34
CA ASP C 106 33.82 -10.34 11.71
C ASP C 106 32.41 -9.87 11.40
N ARG C 107 32.16 -8.58 11.53
CA ARG C 107 30.81 -8.05 11.44
C ARG C 107 30.16 -8.21 10.07
N GLY C 108 30.96 -8.20 9.04
CA GLY C 108 30.46 -8.37 7.69
C GLY C 108 30.61 -9.79 7.16
N SER C 109 31.50 -10.57 7.75
CA SER C 109 31.75 -11.93 7.25
C SER C 109 30.96 -13.02 7.98
N ILE C 110 30.39 -12.70 9.13
CA ILE C 110 29.70 -13.72 9.92
C ILE C 110 28.42 -14.25 9.24
N ASP C 111 27.66 -13.35 8.60
CA ASP C 111 26.49 -13.75 7.83
C ASP C 111 26.46 -12.94 6.52
N ALA C 112 27.39 -13.26 5.64
CA ALA C 112 27.58 -12.50 4.40
C ALA C 112 26.54 -12.83 3.31
N VAL C 113 26.03 -14.08 3.33
CA VAL C 113 25.02 -14.47 2.34
C VAL C 113 25.52 -14.12 0.93
N GLU C 114 24.76 -13.30 0.18
CA GLU C 114 25.17 -12.97 -1.19
C GLU C 114 26.22 -11.86 -1.23
N THR C 115 26.37 -11.15 -0.11
CA THR C 115 27.14 -9.92 -0.04
C THR C 115 28.62 -10.20 0.20
N MET C 116 29.32 -10.63 -0.85
CA MET C 116 30.74 -10.94 -0.76
C MET C 116 31.35 -10.83 -2.15
N HIS C 117 32.53 -10.22 -2.22
CA HIS C 117 33.28 -10.21 -3.47
C HIS C 117 34.78 -10.11 -3.17
N ALA C 118 35.60 -10.63 -4.07
CA ALA C 118 37.06 -10.48 -3.97
C ALA C 118 37.61 -10.17 -5.34
N ILE C 119 38.75 -9.49 -5.34
CA ILE C 119 39.42 -9.15 -6.57
C ILE C 119 40.95 -9.11 -6.48
N ALA C 120 41.58 -9.61 -7.52
CA ALA C 120 43.03 -9.50 -7.60
C ALA C 120 43.40 -8.46 -8.66
N ALA C 121 43.56 -7.22 -8.23
CA ALA C 121 43.91 -6.13 -9.14
C ALA C 121 45.41 -5.90 -9.16
N PRO C 122 45.91 -5.17 -10.17
CA PRO C 122 47.30 -4.72 -10.15
C PRO C 122 47.69 -4.01 -8.87
N GLY C 123 48.58 -4.63 -8.10
CA GLY C 123 49.05 -4.08 -6.85
C GLY C 123 48.02 -4.12 -5.74
N ARG C 124 46.95 -4.89 -5.94
CA ARG C 124 45.92 -5.00 -4.91
C ARG C 124 45.12 -6.31 -4.93
N LYS C 125 45.08 -6.96 -3.77
CA LYS C 125 44.22 -8.13 -3.60
C LYS C 125 43.30 -7.86 -2.41
N VAL C 126 41.99 -7.82 -2.69
CA VAL C 126 41.03 -7.39 -1.69
C VAL C 126 39.82 -8.33 -1.59
N LEU C 127 39.36 -8.58 -0.37
CA LEU C 127 38.12 -9.32 -0.12
C LEU C 127 37.19 -8.46 0.70
N VAL C 128 35.93 -8.37 0.28
CA VAL C 128 34.91 -7.67 1.06
C VAL C 128 33.72 -8.61 1.34
N ALA C 129 33.18 -8.52 2.54
CA ALA C 129 31.96 -9.24 2.88
C ALA C 129 31.13 -8.34 3.79
N GLY C 130 29.83 -8.28 3.54
CA GLY C 130 28.95 -7.37 4.23
C GLY C 130 27.83 -8.08 4.94
N ALA C 131 27.23 -7.40 5.92
CA ALA C 131 26.07 -7.93 6.64
C ALA C 131 24.85 -7.79 5.77
N TYR C 132 24.56 -8.85 5.03
CA TYR C 132 23.40 -8.91 4.12
C TYR C 132 22.10 -8.49 4.82
N SER C 133 21.94 -8.86 6.08
CA SER C 133 20.70 -8.57 6.80
C SER C 133 20.76 -7.21 7.52
N GLY C 134 21.89 -6.54 7.41
CA GLY C 134 22.15 -5.34 8.22
C GLY C 134 21.53 -4.04 7.74
N GLY C 135 21.21 -3.19 8.68
CA GLY C 135 20.61 -1.92 8.38
C GLY C 135 19.13 -2.00 8.13
N ILE C 136 18.42 -3.05 8.52
CA ILE C 136 16.97 -3.08 8.26
C ILE C 136 16.23 -1.89 8.88
N ALA C 137 16.74 -1.34 9.96
CA ALA C 137 16.16 -0.09 10.44
C ALA C 137 14.87 -0.33 11.22
N GLY C 138 14.84 0.06 12.49
CA GLY C 138 15.96 0.68 13.17
C GLY C 138 17.02 -0.31 13.60
N ARG C 139 16.66 -1.15 14.56
CA ARG C 139 17.59 -2.16 15.07
C ARG C 139 18.62 -1.55 16.00
N GLY C 140 19.72 -1.08 15.43
CA GLY C 140 20.79 -0.46 16.19
C GLY C 140 22.13 -0.53 15.48
N GLU C 141 23.20 -0.33 16.25
CA GLU C 141 24.53 -0.36 15.69
C GLU C 141 25.10 -1.75 15.49
N GLU C 142 24.75 -2.69 16.35
CA GLU C 142 25.28 -4.02 16.20
C GLU C 142 24.75 -4.69 14.97
N ASP C 143 23.55 -4.28 14.59
CA ASP C 143 22.78 -4.79 13.48
C ASP C 143 22.77 -3.88 12.26
N ALA C 144 23.78 -3.07 12.12
CA ALA C 144 23.86 -2.20 10.97
C ALA C 144 24.45 -2.90 9.75
N ALA C 145 24.49 -2.19 8.63
CA ALA C 145 25.00 -2.72 7.39
C ALA C 145 26.52 -2.66 7.33
N TRP C 146 27.17 -3.52 8.11
CA TRP C 146 28.62 -3.55 8.18
C TRP C 146 29.27 -4.16 6.93
N LEU C 147 30.39 -3.59 6.52
CA LEU C 147 31.19 -4.14 5.44
C LEU C 147 32.59 -4.37 5.95
N SER C 148 33.04 -5.62 5.99
CA SER C 148 34.38 -5.93 6.43
C SER C 148 35.33 -6.01 5.23
N ILE C 149 36.43 -5.27 5.31
CA ILE C 149 37.36 -5.16 4.19
C ILE C 149 38.69 -5.81 4.55
N TYR C 150 39.13 -6.76 3.73
CA TYR C 150 40.32 -7.53 4.00
C TYR C 150 41.40 -7.29 2.95
N ASP C 151 42.64 -7.23 3.40
CA ASP C 151 43.78 -7.28 2.50
C ASP C 151 44.03 -8.76 2.24
N ALA C 152 43.96 -9.17 0.99
CA ALA C 152 44.11 -10.58 0.64
C ALA C 152 45.46 -10.85 -0.02
N SER C 153 46.46 -10.04 0.31
CA SER C 153 47.81 -10.23 -0.22
C SER C 153 48.38 -11.60 0.14
N ASN C 154 48.16 -12.03 1.37
CA ASN C 154 48.31 -13.43 1.72
C ASN C 154 46.89 -13.97 1.71
N CYS C 155 46.52 -14.62 0.61
CA CYS C 155 45.12 -14.99 0.38
C CYS C 155 44.64 -16.09 1.33
N LEU C 156 45.58 -16.80 1.93
CA LEU C 156 45.24 -17.87 2.87
C LEU C 156 44.89 -17.25 4.21
N ASN C 157 45.35 -16.03 4.44
CA ASN C 157 45.15 -15.37 5.71
C ASN C 157 44.85 -13.89 5.52
N PRO C 158 43.60 -13.57 5.12
CA PRO C 158 43.21 -12.17 4.89
C PRO C 158 43.25 -11.34 6.15
N LYS C 159 43.83 -10.15 6.08
CA LYS C 159 43.90 -9.29 7.22
C LYS C 159 42.86 -8.17 7.17
N LEU C 160 42.05 -8.09 8.22
CA LEU C 160 40.99 -7.11 8.32
C LEU C 160 41.52 -5.71 8.43
N GLN C 161 41.14 -4.88 7.48
CA GLN C 161 41.67 -3.52 7.41
C GLN C 161 40.73 -2.53 8.08
N SER C 162 39.44 -2.71 7.82
CA SER C 162 38.45 -1.84 8.40
C SER C 162 37.05 -2.44 8.30
N GLU C 163 36.14 -1.88 9.08
CA GLU C 163 34.74 -2.22 8.94
C GLU C 163 33.99 -0.94 8.72
N PHE C 164 33.43 -0.79 7.52
CA PHE C 164 32.65 0.39 7.18
C PHE C 164 31.18 0.10 7.43
N LYS C 165 30.43 1.13 7.75
CA LYS C 165 29.01 1.01 7.99
C LYS C 165 28.23 1.77 6.93
N TRP C 166 27.52 1.06 6.05
CA TRP C 166 26.71 1.72 5.02
C TRP C 166 25.53 2.46 5.65
N PRO C 167 25.07 3.55 5.00
CA PRO C 167 23.87 4.30 5.41
C PRO C 167 22.56 3.62 5.00
N ALA C 168 22.63 2.41 4.48
CA ALA C 168 21.42 1.67 4.12
C ALA C 168 21.76 0.19 4.00
N ASN C 169 20.75 -0.64 3.83
CA ASN C 169 20.97 -2.05 3.55
C ASN C 169 21.64 -2.23 2.21
N ILE C 170 22.81 -2.89 2.22
CA ILE C 170 23.51 -3.18 0.98
C ILE C 170 23.37 -4.68 0.69
N HIS C 171 22.94 -5.01 -0.53
CA HIS C 171 22.52 -6.38 -0.83
C HIS C 171 23.64 -7.19 -1.46
N MET C 172 24.20 -6.69 -2.56
CA MET C 172 25.37 -7.31 -3.14
C MET C 172 26.44 -6.26 -3.38
N VAL C 173 27.69 -6.68 -3.37
CA VAL C 173 28.81 -5.77 -3.61
C VAL C 173 29.67 -6.23 -4.78
N THR C 174 30.17 -5.28 -5.53
CA THR C 174 31.15 -5.57 -6.56
C THR C 174 32.32 -4.60 -6.44
N ILE C 175 33.51 -5.16 -6.24
CA ILE C 175 34.74 -4.38 -6.26
C ILE C 175 35.11 -4.01 -7.70
N SER C 176 35.51 -2.76 -7.93
CA SER C 176 35.95 -2.34 -9.25
C SER C 176 37.20 -3.14 -9.66
N PRO C 177 37.45 -3.24 -10.98
CA PRO C 177 38.58 -4.05 -11.45
C PRO C 177 39.92 -3.58 -10.89
N ASN C 178 40.06 -2.29 -10.57
CA ASN C 178 41.32 -1.80 -10.01
C ASN C 178 41.38 -1.90 -8.49
N GLY C 179 40.30 -2.37 -7.90
CA GLY C 179 40.27 -2.66 -6.47
C GLY C 179 40.17 -1.45 -5.56
N ARG C 180 39.82 -0.31 -6.11
CA ARG C 180 39.77 0.91 -5.33
C ARG C 180 38.37 1.39 -4.95
N ARG C 181 37.36 0.72 -5.46
CA ARG C 181 35.98 1.09 -5.17
C ARG C 181 35.08 -0.13 -5.03
N VAL C 182 34.13 -0.03 -4.12
CA VAL C 182 33.10 -1.06 -3.96
C VAL C 182 31.76 -0.46 -4.32
N TYR C 183 31.05 -1.14 -5.20
CA TYR C 183 29.72 -0.71 -5.61
C TYR C 183 28.70 -1.61 -4.91
N GLY C 184 27.81 -1.02 -4.13
CA GLY C 184 26.86 -1.80 -3.36
C GLY C 184 25.43 -1.50 -3.76
N THR C 185 24.68 -2.56 -4.04
CA THR C 185 23.31 -2.37 -4.48
C THR C 185 22.39 -2.22 -3.30
N GLU C 186 21.39 -1.37 -3.47
CA GLU C 186 20.33 -1.24 -2.47
C GLU C 186 19.03 -1.67 -3.09
N VAL C 187 18.49 -2.78 -2.60
CA VAL C 187 17.24 -3.30 -3.14
C VAL C 187 16.13 -3.25 -2.08
N VAL C 188 16.55 -3.16 -0.81
CA VAL C 188 15.66 -3.18 0.34
C VAL C 188 15.69 -1.81 1.01
N PRO C 189 14.51 -1.25 1.39
CA PRO C 189 13.14 -1.79 1.36
C PRO C 189 12.37 -1.52 0.07
N GLY C 190 12.95 -0.74 -0.83
CA GLY C 190 12.23 -0.31 -2.02
C GLY C 190 11.62 -1.42 -2.86
N LEU C 191 12.42 -2.46 -3.13
CA LEU C 191 12.02 -3.61 -3.94
C LEU C 191 11.22 -3.23 -5.19
N GLY C 192 10.00 -3.76 -5.31
CA GLY C 192 9.15 -3.50 -6.47
C GLY C 192 8.85 -2.05 -6.80
N SER C 193 8.99 -1.17 -5.81
CA SER C 193 8.70 0.25 -5.99
C SER C 193 9.80 0.97 -6.78
N GLY C 194 10.99 0.36 -6.84
CA GLY C 194 12.10 0.95 -7.55
C GLY C 194 12.86 1.97 -6.72
N LYS C 195 12.43 2.20 -5.51
CA LYS C 195 13.05 3.22 -4.69
C LYS C 195 14.27 2.73 -3.94
N GLY C 196 15.37 2.58 -4.66
CA GLY C 196 16.64 2.20 -4.10
C GLY C 196 17.76 2.90 -4.86
N GLY C 197 18.92 2.28 -4.92
CA GLY C 197 20.01 2.89 -5.66
C GLY C 197 21.31 2.12 -5.64
N LEU C 198 22.34 2.73 -6.21
CA LEU C 198 23.66 2.13 -6.24
C LEU C 198 24.59 2.95 -5.36
N HIS C 199 25.14 2.32 -4.32
CA HIS C 199 26.07 3.02 -3.44
C HIS C 199 27.52 2.79 -3.87
N VAL C 200 28.37 3.78 -3.63
CA VAL C 200 29.79 3.64 -3.98
C VAL C 200 30.68 4.03 -2.82
N LEU C 201 31.69 3.19 -2.56
CA LEU C 201 32.60 3.40 -1.45
C LEU C 201 34.02 3.41 -2.00
N ASP C 202 34.82 4.38 -1.56
CA ASP C 202 36.21 4.46 -1.98
C ASP C 202 37.07 3.76 -0.93
N ILE C 203 37.79 2.75 -1.36
CA ILE C 203 38.67 1.97 -0.48
C ILE C 203 40.12 1.99 -0.96
N SER C 204 40.54 3.11 -1.56
CA SER C 204 41.92 3.29 -1.98
C SER C 204 42.84 3.14 -0.78
N ASP C 205 42.46 3.77 0.33
CA ASP C 205 43.05 3.48 1.62
C ASP C 205 42.09 2.50 2.30
N MET C 206 42.48 1.23 2.34
CA MET C 206 41.61 0.19 2.89
C MET C 206 41.31 0.40 4.37
N LYS C 207 42.17 1.14 5.06
CA LYS C 207 41.98 1.37 6.49
C LYS C 207 41.04 2.54 6.77
N ARG C 208 40.82 3.38 5.77
CA ARG C 208 39.91 4.52 5.91
C ARG C 208 39.04 4.70 4.68
N PRO C 209 38.04 3.83 4.52
CA PRO C 209 37.14 3.92 3.38
C PRO C 209 36.36 5.24 3.39
N ARG C 210 36.02 5.73 2.20
CA ARG C 210 35.35 7.02 2.07
C ARG C 210 34.12 6.87 1.18
N TYR C 211 32.96 7.19 1.76
CA TYR C 211 31.69 7.02 1.07
C TYR C 211 31.45 8.08 -0.02
N LEU C 212 31.25 7.62 -1.24
CA LEU C 212 31.04 8.52 -2.37
C LEU C 212 29.58 8.92 -2.51
N GLY C 213 28.67 8.11 -1.96
CA GLY C 213 27.27 8.44 -2.02
C GLY C 213 26.36 7.37 -2.59
N ARG C 214 25.10 7.74 -2.75
CA ARG C 214 24.08 6.86 -3.31
C ARG C 214 23.60 7.41 -4.64
N PHE C 215 23.57 6.56 -5.67
CA PHE C 215 23.23 7.04 -7.01
C PHE C 215 21.96 6.42 -7.59
N GLY C 216 21.18 7.27 -8.24
CA GLY C 216 20.07 6.82 -9.06
C GLY C 216 20.47 6.80 -10.53
N VAL C 217 19.51 6.56 -11.40
CA VAL C 217 19.78 6.49 -12.82
C VAL C 217 19.37 7.81 -13.49
N THR C 218 20.32 8.43 -14.16
CA THR C 218 20.04 9.69 -14.85
C THR C 218 19.77 9.44 -16.32
N ARG C 219 18.63 9.89 -16.78
CA ARG C 219 18.25 9.71 -18.15
C ARG C 219 18.57 10.90 -19.02
N PRO C 220 18.32 10.79 -20.32
CA PRO C 220 18.61 11.83 -21.32
C PRO C 220 17.89 13.13 -21.09
N ASN C 221 16.70 13.08 -20.52
CA ASN C 221 16.00 14.28 -20.20
C ASN C 221 16.65 14.98 -19.01
N GLY C 222 17.72 14.41 -18.53
CA GLY C 222 18.46 14.97 -17.42
C GLY C 222 17.94 14.72 -16.02
N LEU C 223 16.83 14.04 -15.89
CA LEU C 223 16.26 13.77 -14.58
C LEU C 223 16.81 12.46 -14.01
N THR C 224 16.84 12.36 -12.69
CA THR C 224 17.33 11.16 -12.03
C THR C 224 16.20 10.50 -11.29
N ALA C 225 16.12 9.18 -11.39
CA ALA C 225 15.10 8.41 -10.70
C ALA C 225 15.73 7.21 -10.01
N GLY C 226 15.09 6.75 -8.95
CA GLY C 226 15.60 5.60 -8.23
C GLY C 226 15.43 4.35 -9.06
N PHE C 227 16.22 3.34 -8.70
CA PHE C 227 16.05 2.00 -9.24
C PHE C 227 16.49 1.00 -8.18
N THR C 228 16.05 -0.24 -8.30
CA THR C 228 16.43 -1.26 -7.33
C THR C 228 17.26 -2.34 -8.04
N PRO C 229 18.57 -2.11 -8.15
CA PRO C 229 19.45 -3.09 -8.81
C PRO C 229 19.78 -4.22 -7.84
N HIS C 230 19.77 -5.46 -8.30
CA HIS C 230 20.14 -6.57 -7.44
C HIS C 230 21.67 -6.76 -7.36
N GLU C 231 22.32 -6.80 -8.52
CA GLU C 231 23.77 -6.90 -8.60
C GLU C 231 24.28 -6.07 -9.78
N VAL C 232 25.53 -5.61 -9.73
CA VAL C 232 26.16 -5.03 -10.92
C VAL C 232 27.46 -5.73 -11.28
N SER C 233 27.77 -5.75 -12.57
CA SER C 233 29.12 -6.04 -13.03
C SER C 233 29.70 -4.77 -13.67
N ILE C 234 31.02 -4.73 -13.77
CA ILE C 234 31.73 -3.51 -14.13
C ILE C 234 32.67 -3.81 -15.29
N SER C 235 32.74 -2.92 -16.28
CA SER C 235 33.58 -3.14 -17.44
C SER C 235 35.06 -2.99 -17.05
N HIS C 236 35.95 -3.35 -17.95
CA HIS C 236 37.35 -3.41 -17.62
C HIS C 236 37.94 -2.08 -17.23
N ASP C 237 37.47 -1.00 -17.83
CA ASP C 237 37.98 0.33 -17.51
C ASP C 237 37.05 1.10 -16.59
N GLU C 238 36.06 0.39 -16.03
CA GLU C 238 35.13 0.95 -15.05
C GLU C 238 34.16 2.03 -15.59
N ARG C 239 34.19 2.30 -16.89
CA ARG C 239 33.33 3.33 -17.47
C ARG C 239 31.91 2.85 -17.77
N ARG C 240 31.71 1.54 -17.70
CA ARG C 240 30.38 0.99 -17.89
C ARG C 240 29.99 0.14 -16.69
N ILE C 241 28.77 0.37 -16.19
CA ILE C 241 28.18 -0.49 -15.17
C ILE C 241 26.98 -1.19 -15.77
N TYR C 242 26.97 -2.51 -15.65
CA TYR C 242 25.87 -3.30 -16.18
C TYR C 242 25.05 -3.76 -14.99
N ALA C 243 23.85 -3.19 -14.84
CA ALA C 243 23.04 -3.45 -13.66
C ALA C 243 21.92 -4.43 -13.96
N ALA C 244 21.75 -5.42 -13.09
CA ALA C 244 20.59 -6.30 -13.18
C ALA C 244 19.52 -5.69 -12.26
N VAL C 245 18.37 -5.34 -12.83
CA VAL C 245 17.44 -4.42 -12.18
C VAL C 245 16.04 -4.98 -11.95
N LEU C 246 15.63 -4.99 -10.68
CA LEU C 246 14.33 -5.49 -10.28
C LEU C 246 13.19 -4.54 -10.68
N ALA C 247 13.37 -3.26 -10.38
CA ALA C 247 12.34 -2.28 -10.65
C ALA C 247 12.92 -0.89 -10.81
N SER C 248 12.14 -0.01 -11.43
CA SER C 248 12.51 1.38 -11.59
C SER C 248 11.47 2.29 -10.93
N GLU C 249 11.92 3.38 -10.33
CA GLU C 249 11.01 4.33 -9.69
C GLU C 249 10.09 4.98 -10.73
N THR C 250 10.38 4.76 -12.02
CA THR C 250 9.55 5.28 -13.09
C THR C 250 8.46 4.30 -13.47
N GLY C 251 8.45 3.13 -12.82
CA GLY C 251 7.44 2.11 -13.08
C GLY C 251 7.62 1.38 -14.40
N ASP C 252 8.72 1.68 -15.09
CA ASP C 252 9.07 1.09 -16.40
C ASP C 252 9.25 -0.43 -16.38
N VAL C 253 9.74 -0.97 -15.26
CA VAL C 253 10.10 -2.39 -15.19
C VAL C 253 9.03 -3.20 -14.48
N PRO C 254 8.33 -4.07 -15.23
CA PRO C 254 7.29 -4.90 -14.61
C PRO C 254 7.88 -5.76 -13.50
N VAL C 255 7.14 -5.92 -12.41
CA VAL C 255 7.57 -6.75 -11.29
C VAL C 255 6.58 -7.91 -11.19
N GLY C 256 7.06 -9.11 -10.90
CA GLY C 256 6.20 -10.28 -10.89
C GLY C 256 6.03 -11.04 -9.57
N ALA C 257 5.71 -12.31 -9.67
CA ALA C 257 5.49 -13.18 -8.52
C ALA C 257 6.75 -13.46 -7.70
N SER C 258 6.53 -13.98 -6.49
CA SER C 258 7.62 -14.36 -5.61
C SER C 258 8.46 -15.47 -6.21
N ILE C 259 9.77 -15.28 -6.25
CA ILE C 259 10.69 -16.31 -6.70
C ILE C 259 10.64 -17.56 -5.82
N LEU C 260 10.05 -17.45 -4.64
CA LEU C 260 9.97 -18.58 -3.74
C LEU C 260 8.58 -19.21 -3.69
N ALA C 261 7.67 -18.70 -4.50
CA ALA C 261 6.30 -19.19 -4.51
C ALA C 261 6.25 -20.66 -4.91
N SER C 262 5.36 -21.38 -4.25
CA SER C 262 5.03 -22.75 -4.51
C SER C 262 4.59 -22.96 -5.94
N ASP C 263 3.50 -22.29 -6.27
CA ASP C 263 2.88 -22.22 -7.58
C ASP C 263 1.93 -21.04 -7.36
N GLY C 264 1.06 -20.84 -8.35
CA GLY C 264 0.10 -19.74 -8.38
C GLY C 264 0.21 -19.15 -9.76
N ASP C 265 -0.67 -18.82 -10.56
CA ASP C 265 -0.90 -18.26 -11.91
C ASP C 265 0.13 -17.25 -12.40
N VAL C 266 0.17 -16.24 -11.54
CA VAL C 266 1.17 -15.23 -11.81
C VAL C 266 2.63 -15.67 -11.95
N PRO C 267 3.27 -15.24 -13.10
CA PRO C 267 4.68 -15.66 -13.21
C PRO C 267 5.67 -14.67 -12.63
N VAL C 268 6.92 -15.05 -12.67
CA VAL C 268 8.01 -14.23 -12.26
C VAL C 268 8.40 -13.39 -13.47
N GLU C 269 8.68 -12.12 -13.27
CA GLU C 269 9.10 -11.26 -14.37
C GLU C 269 10.61 -11.36 -14.48
N ASN C 270 11.20 -11.12 -15.63
CA ASN C 270 12.62 -11.18 -15.72
C ASN C 270 13.36 -9.95 -15.26
N GLY C 271 12.68 -8.82 -15.17
CA GLY C 271 13.33 -7.56 -14.84
C GLY C 271 14.21 -7.06 -15.99
N SER C 272 14.86 -5.91 -15.82
CA SER C 272 15.64 -5.31 -16.90
C SER C 272 17.13 -5.25 -16.60
N VAL C 273 17.93 -5.14 -17.66
CA VAL C 273 19.34 -4.81 -17.53
C VAL C 273 19.55 -3.38 -17.98
N TYR C 274 20.23 -2.59 -17.14
CA TYR C 274 20.64 -1.23 -17.51
C TYR C 274 22.12 -1.21 -17.84
N ILE C 275 22.47 -0.52 -18.93
CA ILE C 275 23.87 -0.16 -19.14
C ILE C 275 24.04 1.28 -18.67
N LEU C 276 24.95 1.50 -17.74
CA LEU C 276 25.15 2.83 -17.17
C LEU C 276 26.53 3.41 -17.49
N ASP C 277 26.53 4.67 -17.90
CA ASP C 277 27.76 5.43 -18.12
C ASP C 277 28.29 5.85 -16.77
N ASN C 278 29.49 5.39 -16.43
CA ASN C 278 30.11 5.63 -15.13
C ASN C 278 31.36 6.48 -15.28
N SER C 279 31.42 7.27 -16.35
CA SER C 279 32.60 8.08 -16.63
C SER C 279 32.90 9.16 -15.58
N ASP C 280 31.84 9.78 -15.05
CA ASP C 280 32.02 10.84 -14.06
C ASP C 280 32.86 10.41 -12.85
N ILE C 281 32.57 9.24 -12.29
CA ILE C 281 33.38 8.73 -11.18
C ILE C 281 34.80 8.39 -11.64
N VAL C 282 34.91 7.74 -12.78
CA VAL C 282 36.21 7.34 -13.33
C VAL C 282 37.12 8.56 -13.59
N ASP C 283 36.55 9.66 -14.04
CA ASP C 283 37.34 10.87 -14.33
C ASP C 283 37.33 11.87 -13.17
N GLY C 284 36.67 11.51 -12.07
CA GLY C 284 36.63 12.37 -10.89
C GLY C 284 35.92 13.70 -11.12
N ARG C 285 34.85 13.68 -11.89
CA ARG C 285 34.10 14.89 -12.16
C ARG C 285 33.19 15.23 -11.00
N SER C 286 32.97 16.51 -10.79
CA SER C 286 32.09 17.00 -9.74
C SER C 286 30.65 16.62 -10.08
N GLN C 287 29.85 16.49 -9.03
CA GLN C 287 28.48 16.06 -9.12
C GLN C 287 28.33 14.81 -9.98
N PRO C 288 29.01 13.73 -9.58
CA PRO C 288 28.90 12.55 -10.44
C PRO C 288 27.52 11.97 -10.62
N LYS C 289 27.31 11.47 -11.81
CA LYS C 289 26.06 10.91 -12.19
C LYS C 289 26.28 9.57 -12.86
N MET C 290 25.28 8.74 -12.84
CA MET C 290 25.32 7.49 -13.57
C MET C 290 24.26 7.60 -14.65
N ARG C 291 24.67 7.62 -15.90
CA ARG C 291 23.74 7.88 -16.96
C ARG C 291 23.32 6.66 -17.76
N LEU C 292 22.02 6.50 -17.93
CA LEU C 292 21.49 5.37 -18.68
C LEU C 292 21.95 5.45 -20.12
N VAL C 293 22.66 4.42 -20.59
CA VAL C 293 23.09 4.37 -21.97
C VAL C 293 22.14 3.51 -22.79
N GLY C 294 21.68 2.42 -22.20
CA GLY C 294 20.75 1.52 -22.88
C GLY C 294 20.07 0.58 -21.91
N GLU C 295 18.99 -0.02 -22.36
CA GLU C 295 18.23 -0.94 -21.54
C GLU C 295 17.82 -2.17 -22.28
N ALA C 296 17.95 -3.33 -21.65
CA ALA C 296 17.44 -4.55 -22.23
C ALA C 296 16.26 -5.03 -21.39
N LYS C 297 15.06 -4.79 -21.85
CA LYS C 297 13.90 -5.26 -21.14
C LYS C 297 13.87 -6.79 -21.11
N GLN C 298 13.37 -7.37 -20.03
CA GLN C 298 13.44 -8.82 -19.81
C GLN C 298 14.88 -9.35 -19.78
N GLY C 299 15.85 -8.48 -19.56
CA GLY C 299 17.25 -8.89 -19.55
C GLY C 299 17.68 -9.69 -18.31
N GLY C 300 16.96 -9.56 -17.21
CA GLY C 300 17.30 -10.32 -16.01
C GLY C 300 17.60 -9.45 -14.81
N PHE C 301 16.79 -9.59 -13.75
CA PHE C 301 16.92 -8.72 -12.59
C PHE C 301 17.99 -9.12 -11.59
N HIS C 302 18.46 -10.36 -11.66
CA HIS C 302 19.25 -10.90 -10.57
C HIS C 302 20.76 -10.78 -10.81
N SER C 303 21.20 -11.10 -12.01
CA SER C 303 22.63 -11.00 -12.29
C SER C 303 22.91 -10.80 -13.77
N VAL C 304 23.87 -9.94 -14.08
CA VAL C 304 24.29 -9.75 -15.45
C VAL C 304 25.80 -9.62 -15.57
N VAL C 305 26.38 -10.34 -16.53
CA VAL C 305 27.85 -10.38 -16.67
C VAL C 305 28.27 -10.15 -18.12
N PRO C 306 29.45 -9.54 -18.32
CA PRO C 306 29.90 -9.26 -19.67
C PRO C 306 30.50 -10.48 -20.34
N ALA C 307 30.33 -10.56 -21.66
CA ALA C 307 30.82 -11.67 -22.47
C ALA C 307 31.30 -11.13 -23.81
N SER C 308 32.28 -11.79 -24.38
CA SER C 308 32.71 -11.50 -25.74
C SER C 308 32.66 -12.78 -26.55
N ILE C 309 31.69 -12.88 -27.45
CA ILE C 309 31.55 -14.06 -28.26
C ILE C 309 31.94 -13.75 -29.70
N ASN C 310 32.98 -14.44 -30.19
CA ASN C 310 33.48 -14.24 -31.54
C ASN C 310 33.80 -12.78 -31.83
N GLY C 311 34.28 -12.07 -30.81
CA GLY C 311 34.68 -10.68 -30.94
C GLY C 311 33.54 -9.68 -30.80
N VAL C 312 32.35 -10.18 -30.49
CA VAL C 312 31.19 -9.32 -30.40
C VAL C 312 30.73 -9.22 -28.95
N PRO C 313 30.69 -8.00 -28.39
CA PRO C 313 30.33 -7.75 -26.99
C PRO C 313 28.92 -8.20 -26.67
N HIS C 314 28.76 -9.01 -25.64
CA HIS C 314 27.46 -9.47 -25.19
C HIS C 314 27.37 -9.31 -23.68
N LEU C 315 26.17 -9.51 -23.14
CA LEU C 315 25.98 -9.68 -21.71
C LEU C 315 25.17 -10.95 -21.53
N VAL C 316 25.34 -11.59 -20.38
CA VAL C 316 24.50 -12.71 -20.02
C VAL C 316 23.75 -12.31 -18.75
N GLY C 317 22.42 -12.32 -18.84
CA GLY C 317 21.58 -11.94 -17.73
C GLY C 317 20.50 -12.96 -17.36
N ALA C 318 20.06 -12.92 -16.11
CA ALA C 318 19.01 -13.82 -15.65
C ALA C 318 18.28 -13.25 -14.44
N ALA C 319 17.04 -13.67 -14.27
CA ALA C 319 16.34 -13.54 -12.99
C ALA C 319 16.81 -14.70 -12.11
N GLU C 320 15.99 -15.15 -11.16
CA GLU C 320 16.42 -16.27 -10.33
C GLU C 320 15.29 -17.20 -9.89
N LEU C 321 15.63 -18.46 -9.69
CA LEU C 321 14.71 -19.45 -9.18
C LEU C 321 13.30 -19.47 -9.75
N GLY C 322 12.30 -19.44 -8.86
CA GLY C 322 10.92 -19.42 -9.33
C GLY C 322 10.30 -20.80 -9.43
N ALA C 323 8.99 -20.86 -9.20
CA ALA C 323 8.24 -22.09 -9.42
C ALA C 323 8.32 -22.44 -10.90
N CYS C 324 8.07 -23.70 -11.24
CA CYS C 324 8.06 -24.19 -12.62
C CYS C 324 7.20 -23.35 -13.50
N PRO C 325 7.69 -22.95 -14.67
CA PRO C 325 8.92 -23.36 -15.35
C PRO C 325 10.19 -22.57 -14.97
N GLY C 326 10.19 -21.88 -13.84
CA GLY C 326 11.40 -21.26 -13.32
C GLY C 326 11.92 -20.10 -14.16
N THR C 327 13.23 -19.87 -14.12
CA THR C 327 13.83 -18.71 -14.78
C THR C 327 15.13 -19.16 -15.41
N TRP C 328 15.57 -18.48 -16.46
CA TRP C 328 16.77 -18.94 -17.18
C TRP C 328 17.52 -17.79 -17.83
N PRO C 329 18.82 -17.99 -18.16
CA PRO C 329 19.62 -16.89 -18.71
C PRO C 329 19.25 -16.46 -20.13
N ARG C 330 19.51 -15.19 -20.43
CA ARG C 330 19.34 -14.58 -21.74
C ARG C 330 20.69 -14.14 -22.24
N ILE C 331 20.92 -14.28 -23.54
CA ILE C 331 22.11 -13.70 -24.16
C ILE C 331 21.73 -12.39 -24.84
N ILE C 332 22.43 -11.32 -24.48
CA ILE C 332 22.07 -9.98 -24.91
C ILE C 332 23.18 -9.40 -25.75
N ASN C 333 22.90 -9.11 -27.03
CA ASN C 333 23.90 -8.47 -27.89
C ASN C 333 23.97 -6.98 -27.54
N ILE C 334 25.18 -6.50 -27.23
CA ILE C 334 25.35 -5.09 -26.92
C ILE C 334 26.40 -4.44 -27.83
N ALA C 335 26.47 -4.91 -29.07
CA ALA C 335 27.37 -4.31 -30.05
C ALA C 335 27.05 -2.81 -30.17
N ASP C 336 25.75 -2.51 -30.13
CA ASP C 336 25.29 -1.14 -30.00
C ASP C 336 24.68 -0.98 -28.62
N GLU C 337 25.45 -0.38 -27.72
CA GLU C 337 25.06 -0.36 -26.32
C GLU C 337 23.81 0.48 -26.06
N LYS C 338 23.46 1.33 -27.01
CA LYS C 338 22.29 2.16 -26.86
C LYS C 338 21.07 1.38 -27.25
N ASN C 339 21.27 0.28 -27.96
CA ASN C 339 20.16 -0.63 -28.27
C ASN C 339 20.50 -2.10 -28.02
N PRO C 340 20.55 -2.51 -26.74
CA PRO C 340 20.83 -3.91 -26.43
C PRO C 340 19.74 -4.77 -27.02
N LYS C 341 20.08 -5.97 -27.48
CA LYS C 341 19.09 -6.87 -28.01
C LYS C 341 19.28 -8.28 -27.46
N ILE C 342 18.23 -8.87 -26.94
CA ILE C 342 18.27 -10.28 -26.51
C ILE C 342 18.29 -11.14 -27.77
N VAL C 343 19.33 -11.94 -27.95
CA VAL C 343 19.50 -12.73 -29.17
C VAL C 343 19.38 -14.23 -28.96
N GLY C 344 19.41 -14.66 -27.70
CA GLY C 344 19.34 -16.08 -27.39
C GLY C 344 18.92 -16.31 -25.95
N GLU C 345 18.51 -17.53 -25.66
CA GLU C 345 17.99 -17.92 -24.36
C GLU C 345 18.52 -19.31 -24.12
N PHE C 346 18.99 -19.62 -22.91
CA PHE C 346 19.32 -21.00 -22.61
C PHE C 346 18.32 -21.59 -21.63
N LYS C 347 17.60 -22.62 -22.03
CA LYS C 347 16.72 -23.26 -21.06
C LYS C 347 16.78 -24.77 -21.10
N LEU C 348 16.43 -25.37 -19.97
CA LEU C 348 16.42 -26.80 -19.80
C LEU C 348 15.02 -27.28 -20.14
N GLN C 349 14.85 -28.58 -20.30
CA GLN C 349 13.51 -29.12 -20.51
C GLN C 349 12.59 -28.78 -19.35
N MET C 350 13.15 -28.71 -18.15
CA MET C 350 12.37 -28.39 -16.95
C MET C 350 11.95 -26.90 -16.90
N ASN C 351 12.42 -26.12 -17.86
CA ASN C 351 11.98 -24.73 -18.02
C ASN C 351 10.84 -24.62 -19.05
N ILE C 352 10.30 -25.75 -19.48
CA ILE C 352 9.15 -25.76 -20.38
C ILE C 352 7.89 -26.18 -19.62
N LYS C 353 6.87 -25.33 -19.63
CA LYS C 353 5.67 -25.57 -18.82
C LYS C 353 4.93 -26.84 -19.13
N GLU C 354 4.93 -27.25 -20.38
CA GLU C 354 4.31 -28.51 -20.71
C GLU C 354 4.95 -29.67 -19.96
N ASN C 355 6.26 -29.71 -19.95
CA ASN C 355 6.97 -30.72 -19.19
C ASN C 355 6.65 -30.68 -17.69
N CYS C 356 6.62 -29.49 -17.12
CA CYS C 356 6.34 -29.32 -15.70
C CYS C 356 4.93 -29.82 -15.34
N ASP C 357 4.02 -29.69 -16.27
CA ASP C 357 2.69 -30.20 -16.10
C ASP C 357 2.65 -31.70 -16.19
N ALA C 358 3.40 -32.23 -17.12
CA ALA C 358 3.39 -33.67 -17.40
C ALA C 358 3.91 -34.54 -16.24
N ILE C 359 4.85 -34.01 -15.47
CA ILE C 359 5.47 -34.78 -14.41
C ILE C 359 4.72 -34.74 -13.07
N ARG C 360 3.68 -33.93 -12.98
CA ARG C 360 2.97 -33.77 -11.71
C ARG C 360 2.27 -35.06 -11.32
N PHE C 361 2.20 -35.34 -10.03
CA PHE C 361 1.48 -36.52 -9.58
C PHE C 361 -0.02 -36.34 -9.74
N THR C 362 -0.47 -35.10 -9.64
CA THR C 362 -1.85 -34.77 -9.90
C THR C 362 -2.03 -33.41 -10.56
N PRO C 363 -2.74 -33.39 -11.70
CA PRO C 363 -2.98 -32.16 -12.48
C PRO C 363 -3.73 -31.10 -11.66
N ARG C 364 -3.43 -29.83 -11.88
CA ARG C 364 -4.09 -28.78 -11.13
C ARG C 364 -5.60 -28.82 -11.24
N LYS C 365 -6.10 -29.23 -12.38
CA LYS C 365 -7.53 -29.26 -12.60
C LYS C 365 -8.21 -30.44 -11.95
N GLU C 366 -7.45 -31.41 -11.50
CA GLU C 366 -8.02 -32.48 -10.72
C GLU C 366 -8.07 -32.17 -9.20
N ASP C 367 -7.65 -31.00 -8.80
CA ASP C 367 -7.46 -30.64 -7.39
C ASP C 367 -8.55 -29.70 -6.86
N PRO C 368 -9.54 -30.26 -6.17
CA PRO C 368 -10.69 -29.50 -5.66
C PRO C 368 -10.27 -28.52 -4.56
N TYR C 369 -9.09 -28.69 -3.99
CA TYR C 369 -8.57 -27.77 -2.99
C TYR C 369 -7.74 -26.65 -3.61
N ALA C 370 -7.77 -26.53 -4.94
CA ALA C 370 -6.83 -25.66 -5.65
C ALA C 370 -6.77 -24.24 -5.10
N SER C 371 -7.91 -23.68 -4.72
CA SER C 371 -7.96 -22.35 -4.13
C SER C 371 -8.18 -22.36 -2.61
N PHE C 372 -8.90 -23.36 -2.11
CA PHE C 372 -9.26 -23.42 -0.70
C PHE C 372 -8.11 -23.78 0.27
N ILE C 373 -7.42 -24.86 -0.02
CA ILE C 373 -6.23 -25.23 0.74
C ILE C 373 -5.12 -25.57 -0.26
N PRO C 374 -4.42 -24.54 -0.76
CA PRO C 374 -3.33 -24.74 -1.72
C PRO C 374 -2.24 -25.65 -1.14
N ILE C 375 -1.92 -26.70 -1.88
CA ILE C 375 -0.90 -27.67 -1.49
C ILE C 375 -0.04 -28.00 -2.70
N PRO C 376 1.27 -27.70 -2.62
CA PRO C 376 2.12 -27.91 -3.79
C PRO C 376 2.20 -29.39 -4.14
N ASP C 377 2.31 -29.70 -5.43
CA ASP C 377 2.53 -31.09 -5.84
C ASP C 377 3.83 -31.58 -5.23
N ILE C 378 3.92 -32.88 -4.99
CA ILE C 378 5.13 -33.45 -4.43
C ILE C 378 6.36 -33.12 -5.29
N THR C 379 6.17 -32.98 -6.60
CA THR C 379 7.28 -32.66 -7.49
C THR C 379 7.80 -31.24 -7.25
N ALA C 380 7.04 -30.41 -6.52
CA ALA C 380 7.46 -29.04 -6.20
C ALA C 380 8.13 -28.93 -4.82
N ARG C 381 8.37 -30.05 -4.16
CA ARG C 381 8.97 -30.06 -2.85
C ARG C 381 10.45 -30.48 -2.87
N LEU C 382 11.13 -30.26 -3.98
CA LEU C 382 12.52 -30.66 -4.10
C LEU C 382 13.41 -29.43 -4.15
N GLY C 383 12.97 -28.43 -4.90
CA GLY C 383 13.73 -27.21 -5.04
C GLY C 383 13.61 -26.67 -6.44
N ALA C 384 13.69 -25.35 -6.57
CA ALA C 384 13.51 -24.69 -7.84
C ALA C 384 14.61 -25.06 -8.84
N VAL C 385 14.21 -25.27 -10.08
CA VAL C 385 15.15 -25.40 -11.17
C VAL C 385 15.08 -24.10 -11.98
N GLY C 386 15.97 -23.18 -11.65
CA GLY C 386 16.05 -21.87 -12.27
C GLY C 386 17.39 -21.24 -11.91
N SER C 387 17.77 -20.20 -12.64
CA SER C 387 19.07 -19.56 -12.45
C SER C 387 19.32 -19.07 -11.04
N HIS C 388 20.56 -19.22 -10.60
CA HIS C 388 21.03 -18.42 -9.50
C HIS C 388 22.46 -18.01 -9.74
N PHE C 389 22.62 -16.84 -10.36
CA PHE C 389 23.84 -16.40 -11.03
C PHE C 389 24.00 -17.11 -12.38
N ASN C 390 24.83 -16.54 -13.25
CA ASN C 390 24.92 -17.00 -14.63
C ASN C 390 26.20 -16.52 -15.27
N ASP C 391 27.31 -17.14 -14.87
CA ASP C 391 28.64 -16.71 -15.29
C ASP C 391 29.11 -17.28 -16.63
N VAL C 392 30.23 -16.75 -17.12
CA VAL C 392 30.86 -17.27 -18.31
C VAL C 392 32.32 -17.62 -17.98
N ASP C 393 32.94 -18.45 -18.82
CA ASP C 393 34.31 -18.86 -18.58
C ASP C 393 35.32 -17.71 -18.57
N ASP C 394 35.22 -16.81 -19.54
CA ASP C 394 36.17 -15.72 -19.70
C ASP C 394 35.45 -14.54 -20.37
N ALA C 395 35.29 -13.45 -19.63
CA ALA C 395 34.58 -12.27 -20.13
C ALA C 395 35.09 -11.72 -21.47
N ARG C 396 36.39 -11.87 -21.74
CA ARG C 396 36.99 -11.27 -22.95
C ARG C 396 37.24 -12.26 -24.07
N ASN C 397 36.94 -13.52 -23.83
CA ASN C 397 37.08 -14.55 -24.82
C ASN C 397 36.14 -15.66 -24.47
N THR C 398 34.87 -15.40 -24.65
CA THR C 398 33.83 -16.25 -24.09
C THR C 398 33.49 -17.41 -24.98
N ARG C 399 33.40 -18.58 -24.37
CA ARG C 399 33.00 -19.78 -25.08
C ARG C 399 32.02 -20.60 -24.27
N LEU C 400 32.17 -20.61 -22.96
CA LEU C 400 31.29 -21.42 -22.15
C LEU C 400 30.50 -20.56 -21.19
N GLY C 401 29.23 -20.90 -21.06
CA GLY C 401 28.40 -20.35 -19.99
C GLY C 401 28.50 -21.34 -18.85
N LEU C 402 28.63 -20.82 -17.64
CA LEU C 402 28.70 -21.66 -16.45
C LEU C 402 27.51 -21.27 -15.61
N PHE C 403 26.43 -22.03 -15.74
CA PHE C 403 25.12 -21.59 -15.25
C PHE C 403 24.56 -22.37 -14.06
N PRO C 404 24.70 -21.83 -12.84
CA PRO C 404 24.03 -22.52 -11.72
C PRO C 404 22.51 -22.46 -11.85
N PHE C 405 21.83 -23.60 -11.68
CA PHE C 405 20.37 -23.70 -11.82
C PHE C 405 19.72 -24.23 -10.53
N PHE C 406 20.39 -23.95 -9.41
CA PHE C 406 19.88 -24.27 -8.07
C PHE C 406 19.76 -25.77 -7.94
N ALA C 407 18.54 -26.30 -7.82
CA ALA C 407 18.41 -27.75 -7.68
C ALA C 407 18.78 -28.44 -8.99
N GLY C 408 18.86 -27.68 -10.07
CA GLY C 408 19.32 -28.21 -11.34
C GLY C 408 20.83 -28.44 -11.44
N GLY C 409 21.58 -28.07 -10.41
CA GLY C 409 23.03 -28.21 -10.43
C GLY C 409 23.63 -27.16 -11.35
N VAL C 410 24.88 -27.37 -11.74
CA VAL C 410 25.58 -26.41 -12.58
C VAL C 410 25.57 -26.91 -14.03
N ARG C 411 25.10 -26.07 -14.93
CA ARG C 411 24.94 -26.39 -16.34
C ARG C 411 26.04 -25.73 -17.15
N ILE C 412 26.72 -26.52 -17.99
CA ILE C 412 27.78 -25.99 -18.83
C ILE C 412 27.31 -25.89 -20.27
N VAL C 413 27.42 -24.68 -20.81
CA VAL C 413 26.73 -24.31 -22.03
C VAL C 413 27.67 -23.74 -23.09
N ASP C 414 27.61 -24.29 -24.30
CA ASP C 414 28.31 -23.75 -25.46
C ASP C 414 27.63 -22.50 -26.01
N LEU C 415 28.36 -21.39 -25.92
CA LEU C 415 27.87 -20.09 -26.38
C LEU C 415 28.41 -19.59 -27.74
N ARG C 416 29.11 -20.46 -28.47
CA ARG C 416 29.66 -20.13 -29.77
C ARG C 416 28.59 -19.50 -30.68
N ASP C 417 27.39 -20.04 -30.70
CA ASP C 417 26.27 -19.43 -31.41
C ASP C 417 25.43 -18.79 -30.34
N PRO C 418 25.54 -17.45 -30.21
CA PRO C 418 24.80 -16.73 -29.18
C PRO C 418 23.30 -16.80 -29.39
N THR C 419 22.84 -17.14 -30.60
CA THR C 419 21.41 -17.25 -30.85
C THR C 419 20.88 -18.63 -30.47
N LYS C 420 21.78 -19.60 -30.36
CA LYS C 420 21.41 -20.97 -30.01
C LYS C 420 22.37 -21.61 -29.00
N PRO C 421 22.23 -21.21 -27.72
CA PRO C 421 23.03 -21.85 -26.68
C PRO C 421 22.63 -23.31 -26.51
N VAL C 422 23.60 -24.20 -26.38
CA VAL C 422 23.31 -25.61 -26.10
C VAL C 422 24.18 -26.17 -24.99
N GLU C 423 23.55 -27.00 -24.17
CA GLU C 423 24.23 -27.63 -23.06
C GLU C 423 25.28 -28.62 -23.56
N VAL C 424 26.46 -28.61 -22.95
CA VAL C 424 27.45 -29.61 -23.30
C VAL C 424 27.83 -30.49 -22.11
N GLY C 425 27.38 -30.09 -20.92
CA GLY C 425 27.72 -30.81 -19.71
C GLY C 425 26.93 -30.30 -18.52
N TYR C 426 27.01 -31.01 -17.41
CA TYR C 426 26.37 -30.57 -16.18
C TYR C 426 26.95 -31.29 -14.97
N TYR C 427 26.83 -30.69 -13.79
CA TYR C 427 27.20 -31.37 -12.55
C TYR C 427 26.16 -31.12 -11.47
N LYS C 428 25.63 -32.20 -10.91
CA LYS C 428 24.71 -32.11 -9.78
C LYS C 428 25.33 -32.90 -8.63
N PRO C 429 25.56 -32.22 -7.49
CA PRO C 429 26.42 -32.79 -6.43
C PRO C 429 25.80 -33.87 -5.56
N GLY C 430 24.50 -34.13 -5.68
CA GLY C 430 23.86 -35.09 -4.79
C GLY C 430 23.24 -34.40 -3.60
N ALA C 431 23.39 -34.97 -2.41
CA ALA C 431 22.81 -34.38 -1.20
C ALA C 431 23.72 -34.58 0.02
N ASN C 432 23.65 -33.67 0.98
CA ASN C 432 24.39 -33.83 2.23
C ASN C 432 23.48 -33.45 3.40
N PRO C 433 22.66 -34.41 3.86
CA PRO C 433 21.64 -34.17 4.88
C PRO C 433 22.22 -33.95 6.29
N ASP C 434 21.47 -33.22 7.12
CA ASP C 434 21.76 -33.07 8.55
C ASP C 434 22.99 -32.24 8.95
N THR C 435 23.38 -31.28 8.11
CA THR C 435 24.48 -30.39 8.45
C THR C 435 24.03 -29.38 9.50
N PRO C 436 24.98 -28.75 10.21
CA PRO C 436 24.63 -27.74 11.23
C PRO C 436 23.86 -26.53 10.69
N LEU C 437 24.24 -26.02 9.53
CA LEU C 437 23.62 -24.79 9.03
C LEU C 437 22.44 -25.01 8.08
N SER C 438 22.28 -26.22 7.56
CA SER C 438 21.19 -26.51 6.63
C SER C 438 20.25 -27.64 7.09
N GLY C 439 20.40 -28.10 8.33
CA GLY C 439 19.62 -29.21 8.84
C GLY C 439 18.38 -28.83 9.63
N ASN C 440 17.83 -29.78 10.38
CA ASN C 440 16.67 -29.55 11.26
C ASN C 440 15.34 -29.13 10.58
N GLY C 441 15.28 -29.20 9.25
CA GLY C 441 14.10 -28.78 8.51
C GLY C 441 13.77 -27.30 8.67
N LEU C 442 14.80 -26.48 8.91
CA LEU C 442 14.59 -25.05 9.12
C LEU C 442 14.96 -24.13 7.94
N ASN C 443 15.17 -24.68 6.75
CA ASN C 443 15.50 -23.86 5.59
C ASN C 443 14.32 -23.04 5.05
N TRP C 444 14.61 -21.91 4.41
CA TRP C 444 13.54 -21.05 3.91
C TRP C 444 13.56 -20.93 2.39
N THR C 445 14.55 -21.53 1.75
CA THR C 445 14.74 -21.34 0.30
C THR C 445 13.94 -22.29 -0.58
N GLY C 446 13.23 -23.24 0.02
CA GLY C 446 12.56 -24.28 -0.73
C GLY C 446 13.47 -25.45 -1.11
N LEU C 447 14.76 -25.32 -0.83
CA LEU C 447 15.68 -26.43 -1.08
C LEU C 447 15.44 -27.56 -0.08
N ASN C 448 15.25 -28.77 -0.57
CA ASN C 448 15.09 -29.93 0.29
C ASN C 448 16.44 -30.58 0.55
N ASP C 449 17.05 -30.25 1.67
CA ASP C 449 18.39 -30.76 2.03
C ASP C 449 18.47 -32.26 2.29
N GLN C 450 17.34 -32.90 2.40
CA GLN C 450 17.33 -34.31 2.68
C GLN C 450 17.57 -35.16 1.43
N VAL C 451 17.22 -34.63 0.28
CA VAL C 451 17.26 -35.44 -0.94
C VAL C 451 18.03 -34.79 -2.08
N THR C 452 18.32 -33.50 -1.97
CA THR C 452 19.11 -32.86 -3.01
C THR C 452 19.94 -31.67 -2.52
N ASP C 453 20.57 -31.00 -3.45
CA ASP C 453 21.38 -29.86 -3.12
C ASP C 453 21.22 -28.87 -4.22
N GLY C 454 21.59 -27.64 -3.93
CA GLY C 454 21.47 -26.61 -4.90
C GLY C 454 22.70 -25.78 -4.94
N CYS C 455 23.08 -25.41 -6.16
N CYS C 455 23.08 -25.46 -6.07
CA CYS C 455 24.22 -24.56 -6.41
CA CYS C 455 24.23 -24.61 -6.32
C CYS C 455 23.68 -23.17 -6.59
C CYS C 455 23.69 -23.22 -6.50
N MET C 456 24.16 -22.29 -5.76
CA MET C 456 23.75 -20.88 -5.68
C MET C 456 24.89 -19.89 -5.88
N SER C 457 26.10 -20.36 -6.15
CA SER C 457 27.26 -19.48 -6.11
C SER C 457 27.68 -19.03 -7.50
N HIS C 458 28.44 -17.92 -7.56
CA HIS C 458 29.24 -17.59 -8.71
C HIS C 458 30.19 -18.74 -9.05
N VAL C 459 30.54 -18.85 -10.32
CA VAL C 459 31.35 -19.94 -10.79
C VAL C 459 32.64 -19.43 -11.43
N ARG C 460 33.76 -20.01 -11.04
CA ARG C 460 35.05 -19.63 -11.60
C ARG C 460 35.49 -20.57 -12.71
N TYR C 461 36.09 -20.01 -13.76
CA TYR C 461 36.84 -20.82 -14.73
C TYR C 461 38.30 -20.41 -14.67
N VAL C 462 39.17 -21.40 -14.49
CA VAL C 462 40.61 -21.17 -14.38
C VAL C 462 41.30 -21.64 -15.65
N PRO C 463 41.63 -20.70 -16.54
CA PRO C 463 42.17 -20.99 -17.87
C PRO C 463 43.46 -21.81 -17.85
N GLU C 464 44.30 -21.55 -16.89
CA GLU C 464 45.55 -22.21 -16.80
C GLU C 464 45.46 -23.69 -16.52
N SER C 465 44.47 -24.12 -15.77
CA SER C 465 44.27 -25.51 -15.42
C SER C 465 43.05 -26.11 -16.09
N GLY C 466 42.15 -25.26 -16.58
CA GLY C 466 40.90 -25.75 -17.13
C GLY C 466 39.89 -26.11 -16.04
N HIS C 467 40.20 -25.76 -14.80
CA HIS C 467 39.33 -26.09 -13.67
C HIS C 467 38.16 -25.13 -13.51
N ILE C 468 37.06 -25.66 -13.00
CA ILE C 468 35.88 -24.88 -12.71
C ILE C 468 35.54 -24.99 -11.22
N TRP C 469 35.36 -23.85 -10.56
CA TRP C 469 35.09 -23.84 -9.12
C TRP C 469 33.66 -23.42 -8.86
N PHE C 470 33.01 -24.11 -7.93
CA PHE C 470 31.69 -23.62 -7.48
C PHE C 470 31.38 -24.15 -6.09
N ALA C 471 30.41 -23.51 -5.45
CA ALA C 471 30.00 -23.91 -4.12
C ALA C 471 28.53 -24.32 -4.15
N CYS C 472 28.19 -25.33 -3.34
CA CYS C 472 26.81 -25.75 -3.20
C CYS C 472 26.42 -25.68 -1.73
N VAL C 473 25.13 -25.46 -1.49
CA VAL C 473 24.65 -25.18 -0.15
C VAL C 473 25.07 -26.24 0.88
N THR C 474 24.76 -27.50 0.62
CA THR C 474 25.07 -28.52 1.63
C THR C 474 26.36 -29.26 1.36
N THR C 475 26.69 -29.48 0.08
CA THR C 475 27.84 -30.32 -0.24
C THR C 475 29.17 -29.56 -0.24
N GLY C 476 29.11 -28.24 -0.28
CA GLY C 476 30.31 -27.44 -0.16
C GLY C 476 31.01 -27.10 -1.46
N PHE C 477 32.34 -27.09 -1.43
CA PHE C 477 33.15 -26.53 -2.51
C PHE C 477 33.62 -27.62 -3.47
N HIS C 478 33.44 -27.39 -4.76
CA HIS C 478 33.80 -28.38 -5.77
C HIS C 478 34.79 -27.85 -6.80
N VAL C 479 35.68 -28.72 -7.25
CA VAL C 479 36.50 -28.45 -8.43
C VAL C 479 36.23 -29.51 -9.46
N VAL C 480 35.78 -29.06 -10.63
CA VAL C 480 35.52 -29.97 -11.73
C VAL C 480 36.32 -29.54 -12.95
N GLU C 481 36.42 -30.43 -13.92
CA GLU C 481 37.05 -30.08 -15.19
C GLU C 481 36.27 -30.74 -16.31
N LEU C 482 36.50 -30.27 -17.53
CA LEU C 482 35.83 -30.84 -18.69
C LEU C 482 36.48 -32.17 -19.07
N ASN C 483 35.67 -33.10 -19.55
CA ASN C 483 36.15 -34.34 -20.16
C ASN C 483 37.16 -34.08 -21.25
N PRO C 484 38.11 -35.02 -21.44
CA PRO C 484 39.07 -34.96 -22.56
C PRO C 484 38.35 -34.74 -23.89
N ASP C 485 37.31 -35.51 -24.14
CA ASP C 485 36.51 -35.42 -25.34
C ASP C 485 35.88 -34.04 -25.54
N LEU C 486 35.25 -33.51 -24.51
CA LEU C 486 34.59 -32.20 -24.57
C LEU C 486 35.63 -31.10 -24.75
N ARG C 487 36.72 -31.20 -24.00
CA ARG C 487 37.78 -30.21 -24.12
C ARG C 487 38.38 -30.26 -25.53
N ALA C 488 38.48 -31.45 -26.09
CA ALA C 488 38.95 -31.62 -27.46
C ALA C 488 38.02 -30.93 -28.46
N ARG C 489 36.72 -31.23 -28.37
CA ARG C 489 35.70 -30.65 -29.25
C ARG C 489 35.78 -29.16 -29.12
N LEU C 490 36.01 -28.69 -27.92
CA LEU C 490 35.96 -27.30 -27.65
C LEU C 490 37.10 -26.47 -28.18
N GLY C 491 38.23 -27.06 -28.48
CA GLY C 491 39.27 -26.24 -29.08
C GLY C 491 39.85 -25.28 -28.05
N PHE C 492 39.67 -25.66 -26.81
CA PHE C 492 40.37 -25.04 -25.73
C PHE C 492 41.77 -25.49 -25.95
N PRO C 493 42.74 -24.68 -25.51
CA PRO C 493 44.10 -25.20 -25.58
C PRO C 493 44.30 -26.28 -24.53
N THR C 494 45.44 -26.95 -24.58
CA THR C 494 45.66 -28.00 -23.63
C THR C 494 46.94 -27.78 -22.84
N GLN D 1 -5.02 -26.52 35.84
CA GLN D 1 -3.79 -26.23 36.49
C GLN D 1 -2.96 -27.48 36.64
N VAL D 2 -1.82 -27.41 36.00
CA VAL D 2 -0.86 -28.48 35.87
C VAL D 2 0.20 -28.33 36.97
N VAL D 3 0.36 -29.35 37.79
CA VAL D 3 1.44 -29.36 38.76
C VAL D 3 2.66 -30.03 38.19
N ILE D 4 3.78 -29.33 38.21
CA ILE D 4 5.05 -29.91 37.79
C ILE D 4 5.68 -30.72 38.92
N GLY D 5 5.34 -31.99 39.01
CA GLY D 5 5.84 -32.83 40.08
C GLY D 5 7.04 -33.66 39.66
N PRO D 6 7.46 -34.59 40.52
CA PRO D 6 8.57 -35.50 40.20
C PRO D 6 8.23 -36.37 39.01
N GLY D 7 9.18 -36.54 38.09
CA GLY D 7 8.97 -37.37 36.93
C GLY D 7 8.42 -36.60 35.75
N ASP D 8 7.93 -35.39 36.00
CA ASP D 8 7.47 -34.55 34.91
C ASP D 8 8.65 -34.04 34.08
N ARG D 9 8.41 -33.79 32.80
CA ARG D 9 9.41 -33.15 31.94
C ARG D 9 8.74 -32.02 31.19
N PRO D 10 8.53 -30.89 31.88
CA PRO D 10 7.66 -29.79 31.43
C PRO D 10 8.14 -29.02 30.21
N GLU D 11 7.18 -28.39 29.53
CA GLU D 11 7.46 -27.50 28.43
C GLU D 11 8.32 -26.37 28.93
N THR D 12 9.18 -25.88 28.06
CA THR D 12 10.24 -24.94 28.39
C THR D 12 9.87 -23.50 28.08
N GLY D 13 8.95 -23.30 27.14
CA GLY D 13 8.55 -21.96 26.74
C GLY D 13 7.12 -21.69 27.13
N LEU D 14 6.42 -20.92 26.31
CA LEU D 14 5.00 -20.69 26.52
C LEU D 14 4.22 -22.00 26.37
N GLN D 15 3.06 -22.03 27.00
CA GLN D 15 2.20 -23.19 26.95
C GLN D 15 1.85 -23.58 25.51
N GLY D 16 2.23 -24.80 25.13
CA GLY D 16 2.03 -25.27 23.77
C GLY D 16 3.18 -24.99 22.80
N GLN D 17 4.20 -24.27 23.25
CA GLN D 17 5.28 -23.85 22.35
C GLN D 17 6.42 -24.86 22.23
N THR D 18 6.95 -25.01 21.01
CA THR D 18 8.23 -25.72 20.84
C THR D 18 9.28 -24.64 20.57
N THR D 19 10.19 -24.44 21.52
CA THR D 19 11.16 -23.35 21.39
C THR D 19 12.25 -23.69 20.37
N ILE D 20 12.65 -22.69 19.58
CA ILE D 20 13.75 -22.89 18.64
C ILE D 20 15.01 -23.30 19.41
N GLU D 21 15.15 -22.80 20.63
CA GLU D 21 16.26 -23.14 21.49
C GLU D 21 16.32 -24.66 21.72
N ASP D 22 15.17 -25.26 21.97
CA ASP D 22 15.11 -26.71 22.15
C ASP D 22 15.32 -27.47 20.84
N VAL D 23 14.89 -26.86 19.73
CA VAL D 23 15.09 -27.50 18.44
C VAL D 23 16.57 -27.58 18.13
N VAL D 24 17.25 -26.46 18.30
CA VAL D 24 18.69 -26.37 18.02
C VAL D 24 19.50 -27.28 18.97
N SER D 25 19.18 -27.22 20.26
CA SER D 25 19.92 -28.00 21.25
C SER D 25 19.70 -29.50 21.08
N GLY D 26 18.55 -29.89 20.51
CA GLY D 26 18.21 -31.30 20.38
C GLY D 26 17.14 -31.78 21.36
N ARG D 27 16.84 -30.95 22.35
CA ARG D 27 15.81 -31.21 23.37
C ARG D 27 14.43 -31.57 22.79
N SER D 28 14.06 -30.93 21.70
CA SER D 28 12.76 -31.14 21.08
C SER D 28 12.54 -32.55 20.57
N LYS D 29 13.60 -33.36 20.48
CA LYS D 29 13.46 -34.73 20.00
C LYS D 29 13.01 -35.68 21.10
N LEU D 30 13.09 -35.22 22.34
CA LEU D 30 12.70 -36.00 23.48
C LEU D 30 11.33 -35.57 24.03
N PRO D 31 10.63 -36.49 24.69
CA PRO D 31 9.26 -36.19 25.12
C PRO D 31 9.16 -35.04 26.12
N TYR D 32 8.00 -34.38 26.13
CA TYR D 32 7.67 -33.48 27.21
C TYR D 32 6.37 -33.99 27.82
N HIS D 33 6.24 -33.90 29.14
CA HIS D 33 5.00 -34.33 29.78
C HIS D 33 4.85 -33.76 31.20
N ALA D 34 3.59 -33.56 31.61
CA ALA D 34 3.23 -33.29 33.01
C ALA D 34 1.86 -33.91 33.28
N GLY D 35 1.61 -34.36 34.52
CA GLY D 35 0.32 -34.91 34.88
C GLY D 35 0.07 -36.34 34.44
N VAL D 36 0.94 -36.86 33.59
CA VAL D 36 0.74 -38.18 33.01
C VAL D 36 2.00 -38.99 32.99
N ARG D 37 1.86 -40.29 32.84
CA ARG D 37 2.99 -41.23 32.81
C ARG D 37 2.85 -42.15 31.60
N LEU D 38 3.97 -42.40 30.92
CA LEU D 38 3.98 -43.30 29.79
C LEU D 38 3.84 -44.72 30.28
N VAL D 39 2.83 -45.43 29.78
CA VAL D 39 2.65 -46.83 30.11
C VAL D 39 3.37 -47.71 29.08
N GLY D 40 3.16 -47.42 27.80
CA GLY D 40 3.77 -48.22 26.76
C GLY D 40 3.66 -47.54 25.42
N ARG D 41 4.52 -47.94 24.48
CA ARG D 41 4.40 -47.43 23.12
C ARG D 41 5.05 -48.34 22.08
N THR D 42 4.61 -48.20 20.83
CA THR D 42 5.26 -48.86 19.71
C THR D 42 5.33 -47.88 18.54
N ASP D 43 6.48 -47.86 17.86
CA ASP D 43 6.62 -47.03 16.67
C ASP D 43 6.07 -47.71 15.41
N ILE D 44 5.42 -48.86 15.59
CA ILE D 44 4.70 -49.53 14.50
C ILE D 44 5.62 -49.83 13.30
N TRP D 45 6.58 -50.72 13.51
CA TRP D 45 7.62 -50.99 12.51
C TRP D 45 8.33 -49.70 12.08
N ASN D 46 8.41 -48.75 13.02
CA ASN D 46 9.08 -47.48 12.79
C ASN D 46 8.70 -46.80 11.46
N ARG D 47 7.41 -46.89 11.12
CA ARG D 47 6.95 -46.52 9.77
C ARG D 47 6.71 -45.02 9.58
N GLY D 48 6.22 -44.36 10.62
CA GLY D 48 5.77 -42.98 10.51
C GLY D 48 4.49 -42.87 9.68
N GLY D 49 4.10 -41.64 9.35
CA GLY D 49 2.91 -41.40 8.56
C GLY D 49 1.61 -41.88 9.17
N ASN D 50 1.56 -41.97 10.50
CA ASN D 50 0.35 -42.43 11.17
C ASN D 50 -0.65 -41.31 11.30
N LEU D 51 -1.94 -41.63 11.21
CA LEU D 51 -2.94 -40.58 11.39
C LEU D 51 -4.03 -40.95 12.39
N GLN D 52 -4.98 -41.76 11.93
CA GLN D 52 -6.20 -42.01 12.70
C GLN D 52 -6.02 -43.18 13.66
N LEU D 53 -6.72 -43.11 14.80
CA LEU D 53 -6.77 -44.23 15.73
C LEU D 53 -8.21 -44.66 15.94
N SER D 54 -8.45 -45.96 15.78
CA SER D 54 -9.73 -46.57 16.13
C SER D 54 -9.46 -47.77 17.02
N TRP D 55 -10.52 -48.35 17.61
CA TRP D 55 -10.31 -49.42 18.57
C TRP D 55 -11.50 -50.33 18.75
N VAL D 56 -11.18 -51.60 19.02
CA VAL D 56 -12.13 -52.61 19.46
C VAL D 56 -11.49 -53.44 20.58
N ASP D 57 -12.13 -53.50 21.75
CA ASP D 57 -11.59 -54.24 22.90
C ASP D 57 -10.15 -53.84 23.26
N GLN D 58 -9.25 -54.80 23.19
CA GLN D 58 -7.87 -54.54 23.53
C GLN D 58 -6.99 -54.39 22.30
N CYS D 59 -7.63 -54.02 21.20
CA CYS D 59 -6.91 -53.84 19.95
C CYS D 59 -7.04 -52.43 19.39
N ALA D 60 -5.93 -51.90 18.89
CA ALA D 60 -5.92 -50.58 18.30
C ALA D 60 -5.66 -50.68 16.80
N TYR D 61 -6.34 -49.84 16.02
CA TYR D 61 -6.13 -49.76 14.58
C TYR D 61 -5.62 -48.38 14.23
N VAL D 62 -4.49 -48.33 13.52
CA VAL D 62 -3.85 -47.05 13.20
C VAL D 62 -3.68 -46.90 11.70
N SER D 63 -4.29 -45.87 11.15
CA SER D 63 -4.24 -45.64 9.72
C SER D 63 -2.97 -44.89 9.31
N THR D 64 -2.81 -44.77 8.02
CA THR D 64 -1.65 -44.20 7.43
C THR D 64 -2.09 -43.14 6.39
N PHE D 65 -1.29 -42.11 6.16
CA PHE D 65 -1.56 -41.21 5.05
C PHE D 65 -0.28 -41.01 4.23
N LYS D 66 -0.43 -40.81 2.93
CA LYS D 66 0.70 -40.83 2.03
C LYS D 66 1.22 -39.43 1.75
N GLN D 67 2.52 -39.32 1.55
CA GLN D 67 3.16 -38.05 1.28
C GLN D 67 2.83 -37.50 -0.11
N ALA D 68 2.33 -38.38 -0.98
CA ALA D 68 1.98 -38.00 -2.35
C ALA D 68 0.89 -36.94 -2.38
N GLY D 69 0.21 -36.77 -1.27
CA GLY D 69 -0.76 -35.69 -1.16
C GLY D 69 -2.14 -36.22 -0.81
N PRO D 70 -3.00 -35.36 -0.25
CA PRO D 70 -4.30 -35.83 0.25
C PRO D 70 -5.25 -36.36 -0.84
N ILE D 71 -5.14 -35.85 -2.05
CA ILE D 71 -6.12 -36.10 -3.07
C ILE D 71 -5.53 -36.77 -4.29
N THR D 72 -4.26 -37.05 -4.20
CA THR D 72 -3.56 -37.78 -5.25
C THR D 72 -4.14 -39.18 -5.35
N ALA D 73 -4.34 -39.62 -6.60
CA ALA D 73 -4.85 -40.96 -6.86
C ALA D 73 -3.90 -42.05 -6.32
N ASN D 74 -4.48 -43.03 -5.63
CA ASN D 74 -3.69 -44.12 -5.08
C ASN D 74 -2.96 -44.90 -6.16
N SER D 75 -3.59 -45.07 -7.32
CA SER D 75 -2.97 -45.77 -8.44
C SER D 75 -1.69 -45.08 -8.96
N ARG D 76 -1.53 -43.80 -8.66
CA ARG D 76 -0.35 -43.05 -9.08
C ARG D 76 0.68 -42.93 -7.95
N SER D 77 0.40 -43.59 -6.83
CA SER D 77 1.16 -43.39 -5.60
C SER D 77 1.86 -44.65 -5.07
N ALA D 78 2.15 -45.62 -5.93
CA ALA D 78 2.77 -46.87 -5.49
C ALA D 78 4.09 -46.67 -4.74
N LEU D 79 4.85 -45.66 -5.12
CA LEU D 79 6.11 -45.38 -4.45
C LEU D 79 5.90 -44.92 -3.02
N PHE D 80 4.68 -44.59 -2.65
CA PHE D 80 4.38 -44.08 -1.33
C PHE D 80 3.48 -45.01 -0.52
N LEU D 81 3.09 -46.13 -1.11
CA LEU D 81 2.18 -47.06 -0.43
C LEU D 81 2.77 -48.46 -0.21
N ARG D 82 4.08 -48.57 -0.29
CA ARG D 82 4.73 -49.83 0.05
C ARG D 82 4.58 -50.07 1.55
N GLU D 83 4.77 -51.31 1.98
CA GLU D 83 4.79 -51.62 3.39
C GLU D 83 5.88 -50.77 4.02
N PRO D 84 5.64 -50.26 5.22
CA PRO D 84 4.52 -50.59 6.12
C PRO D 84 3.30 -49.67 6.09
N ALA D 85 2.95 -49.11 4.93
CA ALA D 85 1.69 -48.36 4.82
C ALA D 85 0.47 -49.26 5.00
N GLY D 86 -0.63 -48.68 5.48
CA GLY D 86 -1.86 -49.43 5.67
C GLY D 86 -2.37 -49.28 7.08
N VAL D 87 -3.49 -49.87 7.42
CA VAL D 87 -4.02 -49.81 8.78
C VAL D 87 -3.34 -50.88 9.65
N ALA D 88 -2.50 -50.49 10.62
CA ALA D 88 -1.84 -51.45 11.47
C ALA D 88 -2.81 -51.93 12.54
N VAL D 89 -2.82 -53.24 12.77
CA VAL D 89 -3.58 -53.81 13.85
C VAL D 89 -2.63 -54.00 15.04
N ILE D 90 -2.95 -53.36 16.17
CA ILE D 90 -2.05 -53.40 17.31
C ILE D 90 -2.67 -54.13 18.51
N ASP D 91 -1.93 -55.09 19.04
CA ASP D 91 -2.39 -55.91 20.16
C ASP D 91 -1.97 -55.20 21.44
N VAL D 92 -2.96 -54.75 22.21
CA VAL D 92 -2.68 -54.00 23.42
C VAL D 92 -3.17 -54.79 24.65
N ARG D 93 -3.04 -56.10 24.59
CA ARG D 93 -3.30 -56.94 25.75
C ARG D 93 -2.27 -56.67 26.85
N ASP D 94 -1.06 -56.32 26.46
CA ASP D 94 -0.10 -55.77 27.42
C ASP D 94 0.22 -54.32 27.07
N PRO D 95 -0.45 -53.37 27.75
CA PRO D 95 -0.30 -51.96 27.43
C PRO D 95 1.12 -51.46 27.67
N ARG D 96 1.88 -52.17 28.50
CA ARG D 96 3.28 -51.84 28.71
C ARG D 96 4.12 -52.18 27.51
N ALA D 97 3.58 -53.04 26.64
CA ALA D 97 4.28 -53.48 25.43
C ALA D 97 3.31 -53.76 24.29
N PRO D 98 2.65 -52.71 23.77
CA PRO D 98 1.71 -52.90 22.65
C PRO D 98 2.44 -53.43 21.42
N LYS D 99 1.80 -54.33 20.67
CA LYS D 99 2.50 -55.03 19.61
C LYS D 99 1.73 -54.99 18.28
N PRO D 100 2.37 -54.44 17.24
CA PRO D 100 1.76 -54.48 15.91
C PRO D 100 1.76 -55.91 15.38
N VAL D 101 0.59 -56.39 14.95
CA VAL D 101 0.48 -57.79 14.54
C VAL D 101 0.15 -57.97 13.06
N ARG D 102 -0.58 -57.03 12.48
CA ARG D 102 -1.00 -57.15 11.09
C ARG D 102 -1.13 -55.80 10.40
N LEU D 103 -1.02 -55.82 9.08
CA LEU D 103 -1.20 -54.63 8.25
C LEU D 103 -2.33 -54.93 7.29
N LEU D 104 -3.36 -54.09 7.29
CA LEU D 104 -4.47 -54.26 6.36
C LEU D 104 -4.28 -53.33 5.18
N ARG D 105 -4.22 -53.91 3.97
CA ARG D 105 -3.84 -53.17 2.76
C ARG D 105 -4.80 -53.44 1.61
N ASP D 106 -6.09 -53.44 1.92
CA ASP D 106 -7.11 -53.56 0.90
C ASP D 106 -7.43 -52.18 0.33
N ARG D 107 -8.41 -52.11 -0.57
CA ARG D 107 -8.71 -50.85 -1.25
C ARG D 107 -8.99 -49.67 -0.31
N GLY D 108 -9.71 -49.93 0.77
CA GLY D 108 -10.11 -48.88 1.68
C GLY D 108 -9.12 -48.67 2.80
N SER D 109 -8.26 -49.66 3.06
CA SER D 109 -7.35 -49.57 4.20
C SER D 109 -5.91 -49.17 3.86
N ILE D 110 -5.54 -49.24 2.58
CA ILE D 110 -4.17 -48.97 2.16
C ILE D 110 -3.75 -47.50 2.44
N ASP D 111 -4.71 -46.59 2.27
CA ASP D 111 -4.48 -45.16 2.50
C ASP D 111 -5.75 -44.55 3.10
N ALA D 112 -6.03 -44.85 4.36
CA ALA D 112 -7.31 -44.49 4.93
C ALA D 112 -7.31 -43.08 5.49
N VAL D 113 -6.13 -42.57 5.87
CA VAL D 113 -6.01 -41.20 6.33
C VAL D 113 -6.99 -41.00 7.49
N GLU D 114 -7.92 -40.04 7.37
CA GLU D 114 -8.91 -39.79 8.43
C GLU D 114 -10.10 -40.76 8.38
N THR D 115 -10.21 -41.50 7.28
CA THR D 115 -11.40 -42.26 6.93
C THR D 115 -11.36 -43.68 7.48
N MET D 116 -11.49 -43.79 8.80
CA MET D 116 -11.48 -45.08 9.45
C MET D 116 -12.31 -44.96 10.70
N HIS D 117 -13.10 -45.99 11.02
CA HIS D 117 -13.76 -46.04 12.32
C HIS D 117 -14.03 -47.49 12.73
N ALA D 118 -14.16 -47.72 14.02
CA ALA D 118 -14.50 -49.06 14.51
C ALA D 118 -15.41 -48.98 15.73
N ILE D 119 -16.25 -50.01 15.89
CA ILE D 119 -17.25 -50.06 16.95
C ILE D 119 -17.36 -51.49 17.51
N ALA D 120 -17.36 -51.62 18.84
CA ALA D 120 -17.67 -52.89 19.48
C ALA D 120 -19.08 -52.79 20.02
N ALA D 121 -20.05 -53.19 19.21
CA ALA D 121 -21.46 -53.14 19.61
C ALA D 121 -21.90 -54.50 20.13
N PRO D 122 -23.14 -54.60 20.60
CA PRO D 122 -23.64 -55.88 21.11
C PRO D 122 -23.88 -56.88 19.98
N GLY D 123 -23.05 -57.92 19.89
CA GLY D 123 -23.20 -58.91 18.84
C GLY D 123 -22.50 -58.53 17.57
N ARG D 124 -22.00 -57.30 17.50
CA ARG D 124 -21.25 -56.93 16.33
C ARG D 124 -19.96 -56.19 16.63
N LYS D 125 -18.89 -56.63 16.01
CA LYS D 125 -17.63 -55.90 16.08
C LYS D 125 -17.17 -55.61 14.66
N VAL D 126 -17.11 -54.32 14.33
CA VAL D 126 -16.89 -53.87 12.96
C VAL D 126 -15.77 -52.83 12.86
N LEU D 127 -14.92 -52.98 11.85
CA LEU D 127 -13.92 -51.97 11.52
C LEU D 127 -14.16 -51.57 10.07
N VAL D 128 -14.27 -50.27 9.81
CA VAL D 128 -14.35 -49.82 8.43
C VAL D 128 -13.22 -48.83 8.12
N ALA D 129 -12.65 -48.95 6.93
CA ALA D 129 -11.62 -48.03 6.47
C ALA D 129 -11.88 -47.68 5.01
N GLY D 130 -11.80 -46.39 4.69
CA GLY D 130 -12.18 -45.88 3.38
C GLY D 130 -11.05 -45.23 2.62
N ALA D 131 -11.13 -45.24 1.29
CA ALA D 131 -10.15 -44.53 0.48
C ALA D 131 -10.43 -43.03 0.52
N TYR D 132 -9.73 -42.36 1.41
CA TYR D 132 -9.84 -40.92 1.65
C TYR D 132 -9.71 -40.11 0.36
N SER D 133 -8.81 -40.52 -0.52
CA SER D 133 -8.61 -39.82 -1.78
C SER D 133 -9.44 -40.37 -2.94
N GLY D 134 -10.30 -41.35 -2.65
CA GLY D 134 -11.03 -42.04 -3.69
C GLY D 134 -12.22 -41.32 -4.30
N GLY D 135 -12.50 -41.57 -5.56
CA GLY D 135 -13.65 -40.96 -6.14
C GLY D 135 -13.67 -39.54 -6.67
N ILE D 136 -12.52 -38.99 -7.00
CA ILE D 136 -12.45 -37.68 -7.62
C ILE D 136 -12.89 -37.84 -9.09
N ALA D 137 -13.82 -37.04 -9.61
CA ALA D 137 -14.13 -37.18 -11.00
C ALA D 137 -12.88 -36.76 -11.75
N GLY D 138 -12.46 -37.52 -12.74
CA GLY D 138 -13.08 -38.75 -13.13
C GLY D 138 -12.27 -39.86 -12.52
N ARG D 139 -11.12 -40.16 -13.11
CA ARG D 139 -10.24 -41.21 -12.62
C ARG D 139 -10.79 -42.62 -12.91
N GLY D 140 -9.92 -43.62 -12.72
CA GLY D 140 -10.27 -44.98 -12.94
C GLY D 140 -11.11 -45.47 -11.78
N GLU D 141 -11.62 -46.67 -11.94
CA GLU D 141 -12.46 -47.36 -10.97
C GLU D 141 -11.60 -47.91 -9.84
N GLU D 142 -10.34 -48.12 -10.12
CA GLU D 142 -9.45 -48.56 -9.11
C GLU D 142 -9.28 -47.39 -8.11
N ASP D 143 -9.46 -46.14 -8.58
CA ASP D 143 -9.30 -44.98 -7.73
C ASP D 143 -10.63 -44.47 -7.19
N ALA D 144 -11.61 -45.35 -7.14
CA ALA D 144 -12.93 -44.99 -6.65
C ALA D 144 -12.94 -44.83 -5.13
N ALA D 145 -14.05 -44.33 -4.61
CA ALA D 145 -14.23 -44.16 -3.16
C ALA D 145 -14.61 -45.48 -2.47
N TRP D 146 -13.63 -46.35 -2.33
CA TRP D 146 -13.83 -47.67 -1.74
C TRP D 146 -14.00 -47.60 -0.23
N LEU D 147 -14.84 -48.46 0.31
CA LEU D 147 -14.95 -48.62 1.76
C LEU D 147 -14.84 -50.10 2.07
N SER D 148 -13.72 -50.47 2.68
CA SER D 148 -13.48 -51.86 3.11
C SER D 148 -14.13 -52.07 4.46
N ILE D 149 -14.93 -53.12 4.56
CA ILE D 149 -15.74 -53.40 5.75
C ILE D 149 -15.29 -54.71 6.39
N TYR D 150 -14.80 -54.66 7.63
CA TYR D 150 -14.25 -55.85 8.28
C TYR D 150 -15.08 -56.33 9.46
N ASP D 151 -15.14 -57.63 9.63
CA ASP D 151 -15.72 -58.18 10.81
C ASP D 151 -14.61 -58.37 11.79
N ALA D 152 -14.70 -57.66 12.90
CA ALA D 152 -13.64 -57.66 13.89
C ALA D 152 -13.92 -58.58 15.10
N SER D 153 -14.70 -59.64 14.88
CA SER D 153 -14.95 -60.66 15.92
C SER D 153 -13.65 -61.05 16.60
N ASN D 154 -12.69 -61.49 15.81
CA ASN D 154 -11.31 -61.58 16.30
C ASN D 154 -10.63 -60.27 15.96
N CYS D 155 -10.62 -59.35 16.93
CA CYS D 155 -10.16 -57.99 16.70
C CYS D 155 -8.72 -57.95 16.24
N LEU D 156 -7.94 -58.95 16.60
CA LEU D 156 -6.56 -59.07 16.17
C LEU D 156 -6.44 -59.54 14.71
N ASN D 157 -7.51 -60.12 14.18
CA ASN D 157 -7.50 -60.58 12.80
C ASN D 157 -8.80 -60.26 12.07
N PRO D 158 -9.03 -58.98 11.75
CA PRO D 158 -10.28 -58.51 11.13
C PRO D 158 -10.49 -59.12 9.74
N LYS D 159 -11.69 -59.60 9.46
CA LYS D 159 -11.95 -60.29 8.22
C LYS D 159 -12.71 -59.44 7.26
N LEU D 160 -12.11 -59.20 6.12
CA LEU D 160 -12.73 -58.40 5.06
C LEU D 160 -14.07 -59.00 4.64
N GLN D 161 -15.15 -58.22 4.75
CA GLN D 161 -16.49 -58.71 4.47
C GLN D 161 -16.96 -58.28 3.09
N SER D 162 -16.65 -57.05 2.72
CA SER D 162 -16.97 -56.56 1.38
C SER D 162 -16.25 -55.25 1.18
N GLU D 163 -16.24 -54.76 -0.06
CA GLU D 163 -15.69 -53.45 -0.35
C GLU D 163 -16.73 -52.68 -1.14
N PHE D 164 -17.37 -51.74 -0.44
CA PHE D 164 -18.46 -50.96 -1.00
C PHE D 164 -17.91 -49.72 -1.70
N LYS D 165 -18.60 -49.24 -2.69
CA LYS D 165 -18.16 -48.09 -3.43
C LYS D 165 -19.16 -46.96 -3.41
N TRP D 166 -18.78 -45.91 -2.68
CA TRP D 166 -19.62 -44.73 -2.57
C TRP D 166 -19.73 -44.04 -3.93
N PRO D 167 -20.87 -43.39 -4.20
CA PRO D 167 -21.02 -42.60 -5.43
C PRO D 167 -20.44 -41.18 -5.30
N ALA D 168 -19.53 -40.98 -4.36
CA ALA D 168 -18.88 -39.67 -4.18
C ALA D 168 -17.65 -39.87 -3.28
N ASN D 169 -16.79 -38.87 -3.20
CA ASN D 169 -15.71 -38.91 -2.22
C ASN D 169 -16.26 -38.86 -0.79
N ILE D 170 -15.88 -39.84 0.03
CA ILE D 170 -16.30 -39.83 1.43
C ILE D 170 -15.07 -39.50 2.29
N HIS D 171 -15.21 -38.50 3.15
CA HIS D 171 -14.08 -37.93 3.86
C HIS D 171 -13.86 -38.59 5.23
N MET D 172 -14.90 -38.64 6.04
CA MET D 172 -14.85 -39.36 7.31
C MET D 172 -16.08 -40.23 7.48
N VAL D 173 -15.92 -41.32 8.21
CA VAL D 173 -17.01 -42.26 8.45
C VAL D 173 -17.18 -42.44 9.94
N THR D 174 -18.43 -42.53 10.36
CA THR D 174 -18.76 -42.85 11.74
C THR D 174 -19.76 -44.01 11.72
N ILE D 175 -19.44 -45.10 12.40
CA ILE D 175 -20.36 -46.21 12.52
C ILE D 175 -21.36 -45.93 13.65
N SER D 176 -22.62 -46.30 13.46
CA SER D 176 -23.63 -46.15 14.52
C SER D 176 -23.24 -47.00 15.75
N PRO D 177 -23.73 -46.59 16.95
CA PRO D 177 -23.42 -47.36 18.15
C PRO D 177 -23.89 -48.81 18.07
N ASN D 178 -24.98 -49.07 17.34
CA ASN D 178 -25.46 -50.44 17.16
C ASN D 178 -24.63 -51.25 16.15
N GLY D 179 -23.77 -50.57 15.40
CA GLY D 179 -22.91 -51.24 14.46
C GLY D 179 -23.54 -51.51 13.11
N ARG D 180 -24.72 -50.98 12.88
CA ARG D 180 -25.51 -51.34 11.71
C ARG D 180 -25.59 -50.28 10.59
N ARG D 181 -25.11 -49.07 10.85
CA ARG D 181 -25.07 -48.05 9.81
C ARG D 181 -23.75 -47.29 9.80
N VAL D 182 -23.27 -47.00 8.60
CA VAL D 182 -22.12 -46.13 8.42
C VAL D 182 -22.58 -44.78 7.86
N TYR D 183 -22.22 -43.71 8.57
CA TYR D 183 -22.48 -42.35 8.10
C TYR D 183 -21.19 -41.76 7.56
N GLY D 184 -21.20 -41.41 6.27
CA GLY D 184 -20.02 -40.87 5.61
C GLY D 184 -20.23 -39.45 5.12
N THR D 185 -19.30 -38.57 5.48
CA THR D 185 -19.39 -37.16 5.12
C THR D 185 -18.84 -36.92 3.72
N GLU D 186 -19.52 -36.06 2.97
CA GLU D 186 -18.99 -35.63 1.68
C GLU D 186 -18.64 -34.15 1.77
N VAL D 187 -17.34 -33.86 1.78
CA VAL D 187 -16.91 -32.47 1.92
C VAL D 187 -16.29 -31.96 0.62
N VAL D 188 -15.87 -32.91 -0.22
CA VAL D 188 -15.16 -32.62 -1.47
C VAL D 188 -16.04 -33.08 -2.62
N PRO D 189 -16.13 -32.28 -3.71
CA PRO D 189 -15.43 -31.02 -3.97
C PRO D 189 -16.21 -29.79 -3.50
N GLY D 190 -17.41 -29.99 -2.96
CA GLY D 190 -18.23 -28.89 -2.48
C GLY D 190 -17.47 -27.87 -1.65
N LEU D 191 -16.79 -28.37 -0.62
CA LEU D 191 -16.03 -27.51 0.28
C LEU D 191 -16.81 -26.28 0.72
N GLY D 192 -16.24 -25.10 0.50
CA GLY D 192 -16.83 -23.86 0.98
C GLY D 192 -18.17 -23.50 0.32
N SER D 193 -18.56 -24.24 -0.71
CA SER D 193 -19.84 -23.98 -1.36
C SER D 193 -21.02 -24.58 -0.59
N GLY D 194 -20.73 -25.56 0.27
CA GLY D 194 -21.79 -26.22 1.03
C GLY D 194 -22.51 -27.27 0.21
N LYS D 195 -22.05 -27.52 -0.99
CA LYS D 195 -22.68 -28.51 -1.84
C LYS D 195 -22.07 -29.88 -1.61
N GLY D 196 -22.57 -30.55 -0.63
CA GLY D 196 -22.12 -31.88 -0.28
C GLY D 196 -23.25 -32.49 0.50
N GLY D 197 -22.95 -33.49 1.33
CA GLY D 197 -23.98 -34.04 2.19
C GLY D 197 -23.50 -35.17 3.07
N LEU D 198 -24.45 -35.87 3.67
CA LEU D 198 -24.13 -36.98 4.53
C LEU D 198 -24.69 -38.25 3.90
N HIS D 199 -23.81 -39.20 3.60
CA HIS D 199 -24.21 -40.45 3.00
C HIS D 199 -24.43 -41.48 4.10
N VAL D 200 -25.35 -42.40 3.85
CA VAL D 200 -25.68 -43.41 4.85
C VAL D 200 -25.69 -44.79 4.22
N LEU D 201 -24.93 -45.69 4.82
CA LEU D 201 -24.83 -47.05 4.33
C LEU D 201 -25.33 -48.02 5.41
N ASP D 202 -26.27 -48.89 5.06
CA ASP D 202 -26.73 -49.90 6.00
C ASP D 202 -25.85 -51.12 5.84
N ILE D 203 -25.17 -51.52 6.92
CA ILE D 203 -24.29 -52.68 6.88
C ILE D 203 -24.76 -53.79 7.81
N SER D 204 -26.07 -53.86 8.05
CA SER D 204 -26.68 -54.97 8.80
C SER D 204 -26.12 -56.31 8.31
N ASP D 205 -26.07 -56.47 7.01
CA ASP D 205 -25.36 -57.55 6.38
C ASP D 205 -24.09 -56.99 5.80
N MET D 206 -22.94 -57.34 6.39
CA MET D 206 -21.66 -56.74 6.03
C MET D 206 -21.18 -57.19 4.66
N LYS D 207 -21.66 -58.34 4.21
CA LYS D 207 -21.36 -58.83 2.88
C LYS D 207 -22.27 -58.16 1.84
N ARG D 208 -23.35 -57.61 2.34
CA ARG D 208 -24.39 -57.07 1.52
C ARG D 208 -24.79 -55.62 1.88
N PRO D 209 -23.86 -54.67 1.87
CA PRO D 209 -24.17 -53.30 2.31
C PRO D 209 -25.23 -52.66 1.46
N ARG D 210 -26.13 -51.92 2.09
CA ARG D 210 -27.25 -51.29 1.41
C ARG D 210 -27.15 -49.77 1.49
N TYR D 211 -27.00 -49.12 0.34
CA TYR D 211 -26.88 -47.67 0.27
C TYR D 211 -28.24 -46.98 0.48
N LEU D 212 -28.31 -46.12 1.50
CA LEU D 212 -29.54 -45.42 1.83
C LEU D 212 -29.65 -44.06 1.13
N GLY D 213 -28.54 -43.56 0.61
CA GLY D 213 -28.56 -42.32 -0.12
C GLY D 213 -27.79 -41.20 0.54
N ARG D 214 -27.95 -40.01 -0.01
CA ARG D 214 -27.22 -38.84 0.41
C ARG D 214 -28.18 -37.80 0.97
N PHE D 215 -27.85 -37.26 2.13
CA PHE D 215 -28.77 -36.37 2.82
C PHE D 215 -28.24 -34.95 2.94
N GLY D 216 -29.13 -34.01 2.66
CA GLY D 216 -28.90 -32.62 2.97
C GLY D 216 -29.63 -32.33 4.28
N VAL D 217 -29.72 -31.05 4.63
CA VAL D 217 -30.34 -30.63 5.88
C VAL D 217 -31.73 -30.03 5.64
N THR D 218 -32.73 -30.58 6.34
CA THR D 218 -34.11 -30.11 6.20
C THR D 218 -34.50 -29.11 7.26
N ARG D 219 -34.86 -27.91 6.83
CA ARG D 219 -35.23 -26.84 7.74
C ARG D 219 -36.75 -26.72 7.89
N PRO D 220 -37.20 -26.05 8.97
CA PRO D 220 -38.64 -25.84 9.23
C PRO D 220 -39.46 -25.40 8.01
N ASN D 221 -38.82 -24.71 7.06
CA ASN D 221 -39.52 -24.30 5.85
C ASN D 221 -39.84 -25.48 4.93
N GLY D 222 -39.40 -26.67 5.34
CA GLY D 222 -39.66 -27.88 4.57
C GLY D 222 -38.65 -28.08 3.45
N LEU D 223 -37.85 -27.05 3.18
CA LEU D 223 -36.81 -27.12 2.17
C LEU D 223 -35.53 -27.73 2.71
N THR D 224 -34.87 -28.50 1.85
CA THR D 224 -33.64 -29.20 2.17
C THR D 224 -32.50 -28.62 1.32
N ALA D 225 -31.39 -28.30 1.96
CA ALA D 225 -30.24 -27.74 1.25
C ALA D 225 -28.97 -28.52 1.57
N GLY D 226 -27.98 -28.41 0.69
CA GLY D 226 -26.72 -29.10 0.90
C GLY D 226 -25.96 -28.54 2.08
N PHE D 227 -24.93 -29.27 2.48
CA PHE D 227 -24.01 -28.85 3.53
C PHE D 227 -22.76 -29.70 3.42
N THR D 228 -21.64 -29.18 3.88
CA THR D 228 -20.42 -29.97 3.84
C THR D 228 -19.92 -30.25 5.26
N PRO D 229 -20.44 -31.32 5.87
CA PRO D 229 -19.98 -31.78 7.17
C PRO D 229 -18.62 -32.43 7.03
N HIS D 230 -17.71 -32.17 7.95
CA HIS D 230 -16.42 -32.82 7.91
C HIS D 230 -16.45 -34.17 8.62
N GLU D 231 -17.12 -34.21 9.76
CA GLU D 231 -17.28 -35.41 10.58
C GLU D 231 -18.57 -35.30 11.39
N VAL D 232 -19.19 -36.42 11.70
CA VAL D 232 -20.31 -36.43 12.63
C VAL D 232 -20.06 -37.40 13.79
N SER D 233 -20.61 -37.07 14.95
CA SER D 233 -20.74 -38.05 16.01
C SER D 233 -22.23 -38.38 16.11
N ILE D 234 -22.56 -39.46 16.80
CA ILE D 234 -23.92 -39.97 16.85
C ILE D 234 -24.33 -40.25 18.30
N SER D 235 -25.48 -39.73 18.72
CA SER D 235 -25.98 -39.94 20.08
C SER D 235 -26.18 -41.44 20.39
N HIS D 236 -26.35 -41.77 21.67
CA HIS D 236 -26.39 -43.18 22.08
C HIS D 236 -27.53 -43.97 21.43
N ASP D 237 -28.62 -43.27 21.06
CA ASP D 237 -29.76 -43.95 20.47
C ASP D 237 -29.90 -43.68 18.96
N GLU D 238 -28.91 -43.01 18.40
CA GLU D 238 -28.84 -42.72 16.96
C GLU D 238 -29.90 -41.71 16.48
N ARG D 239 -30.70 -41.18 17.38
CA ARG D 239 -31.75 -40.25 16.99
C ARG D 239 -31.24 -38.82 16.81
N ARG D 240 -30.01 -38.59 17.24
CA ARG D 240 -29.35 -37.31 17.04
C ARG D 240 -28.03 -37.52 16.32
N ILE D 241 -27.74 -36.63 15.38
CA ILE D 241 -26.44 -36.61 14.72
C ILE D 241 -25.85 -35.23 14.93
N TYR D 242 -24.63 -35.17 15.44
CA TYR D 242 -23.98 -33.91 15.69
C TYR D 242 -22.94 -33.72 14.62
N ALA D 243 -23.14 -32.72 13.78
CA ALA D 243 -22.32 -32.53 12.60
C ALA D 243 -21.40 -31.33 12.77
N ALA D 244 -20.12 -31.55 12.50
CA ALA D 244 -19.17 -30.44 12.37
C ALA D 244 -19.16 -30.04 10.90
N VAL D 245 -19.46 -28.77 10.65
CA VAL D 245 -19.88 -28.34 9.32
C VAL D 245 -19.01 -27.24 8.77
N LEU D 246 -18.43 -27.49 7.61
CA LEU D 246 -17.58 -26.50 6.97
C LEU D 246 -18.37 -25.35 6.33
N ALA D 247 -19.49 -25.70 5.70
CA ALA D 247 -20.29 -24.74 4.95
C ALA D 247 -21.69 -25.27 4.66
N SER D 248 -22.62 -24.34 4.46
CA SER D 248 -23.97 -24.69 4.06
C SER D 248 -24.27 -24.08 2.70
N GLU D 249 -25.13 -24.74 1.96
CA GLU D 249 -25.57 -24.25 0.68
C GLU D 249 -26.37 -22.98 0.86
N THR D 250 -26.94 -22.80 2.02
CA THR D 250 -27.67 -21.58 2.36
C THR D 250 -26.73 -20.42 2.67
N GLY D 251 -25.44 -20.71 2.72
CA GLY D 251 -24.42 -19.67 2.73
C GLY D 251 -24.17 -18.90 4.02
N ASP D 252 -24.60 -19.39 5.15
CA ASP D 252 -24.49 -18.62 6.37
C ASP D 252 -23.54 -19.23 7.36
N VAL D 253 -22.74 -20.16 6.91
CA VAL D 253 -21.67 -20.70 7.74
C VAL D 253 -20.36 -20.08 7.23
N PRO D 254 -19.71 -19.26 8.07
CA PRO D 254 -18.50 -18.55 7.64
C PRO D 254 -17.36 -19.53 7.34
N VAL D 255 -16.71 -19.34 6.19
CA VAL D 255 -15.64 -20.19 5.71
C VAL D 255 -14.45 -19.28 5.50
N GLY D 256 -13.28 -19.66 6.00
CA GLY D 256 -12.15 -18.74 5.99
C GLY D 256 -10.86 -19.33 5.44
N ALA D 257 -9.73 -18.88 5.96
CA ALA D 257 -8.41 -19.19 5.40
C ALA D 257 -8.07 -20.68 5.35
N SER D 258 -6.94 -20.98 4.71
CA SER D 258 -6.41 -22.34 4.68
C SER D 258 -5.86 -22.75 6.06
N ILE D 259 -6.18 -23.97 6.49
CA ILE D 259 -5.66 -24.53 7.74
C ILE D 259 -4.15 -24.78 7.66
N LEU D 260 -3.64 -24.85 6.44
CA LEU D 260 -2.23 -25.13 6.20
C LEU D 260 -1.45 -23.89 5.81
N ALA D 261 -2.10 -22.72 5.85
CA ALA D 261 -1.41 -21.47 5.53
C ALA D 261 -0.36 -21.13 6.58
N SER D 262 0.70 -20.44 6.16
CA SER D 262 1.76 -20.06 7.09
C SER D 262 1.31 -18.81 7.80
N ASP D 263 1.63 -17.66 7.21
CA ASP D 263 1.24 -16.38 7.76
C ASP D 263 0.13 -15.88 6.85
N GLY D 264 -1.11 -15.94 7.32
CA GLY D 264 -1.43 -16.39 8.65
C GLY D 264 -1.84 -15.09 9.29
N ASP D 265 -2.52 -14.26 8.52
CA ASP D 265 -2.98 -12.97 8.95
C ASP D 265 -4.47 -13.01 9.06
N VAL D 266 -5.09 -13.80 8.21
CA VAL D 266 -6.52 -13.96 8.19
C VAL D 266 -6.78 -15.26 8.91
N PRO D 267 -7.60 -15.19 9.95
CA PRO D 267 -7.91 -16.32 10.82
C PRO D 267 -8.68 -17.45 10.14
N VAL D 268 -8.54 -18.65 10.68
CA VAL D 268 -9.34 -19.78 10.25
C VAL D 268 -10.73 -19.62 10.86
N GLU D 269 -11.78 -19.67 10.07
CA GLU D 269 -13.13 -19.57 10.60
C GLU D 269 -13.51 -20.86 11.26
N ASN D 270 -14.30 -20.79 12.32
CA ASN D 270 -14.63 -21.99 13.07
C ASN D 270 -15.71 -22.88 12.45
N GLY D 271 -16.51 -22.34 11.54
CA GLY D 271 -17.62 -23.09 10.97
C GLY D 271 -18.68 -23.37 12.03
N SER D 272 -19.68 -24.19 11.71
CA SER D 272 -20.80 -24.36 12.62
C SER D 272 -20.96 -25.80 13.03
N VAL D 273 -21.67 -26.01 14.12
CA VAL D 273 -22.11 -27.35 14.50
C VAL D 273 -23.61 -27.44 14.30
N TYR D 274 -24.06 -28.48 13.62
CA TYR D 274 -25.49 -28.69 13.41
C TYR D 274 -25.96 -29.84 14.29
N ILE D 275 -27.09 -29.66 14.96
CA ILE D 275 -27.74 -30.80 15.60
C ILE D 275 -28.86 -31.26 14.68
N LEU D 276 -28.77 -32.51 14.23
CA LEU D 276 -29.74 -33.05 13.28
C LEU D 276 -30.62 -34.13 13.90
N ASP D 277 -31.92 -34.08 13.59
CA ASP D 277 -32.82 -35.13 14.01
C ASP D 277 -32.74 -36.28 13.05
N ASN D 278 -32.40 -37.45 13.56
CA ASN D 278 -32.22 -38.63 12.73
C ASN D 278 -33.33 -39.65 12.98
N SER D 279 -34.40 -39.22 13.63
CA SER D 279 -35.48 -40.09 14.01
C SER D 279 -36.16 -40.79 12.84
N ASP D 280 -36.20 -40.16 11.68
CA ASP D 280 -36.78 -40.82 10.53
C ASP D 280 -36.06 -42.10 10.20
N ILE D 281 -34.74 -42.05 10.11
CA ILE D 281 -33.95 -43.23 9.81
C ILE D 281 -34.08 -44.30 10.90
N VAL D 282 -34.05 -43.84 12.15
CA VAL D 282 -34.21 -44.70 13.30
C VAL D 282 -35.54 -45.49 13.24
N ASP D 283 -36.59 -44.82 12.76
CA ASP D 283 -37.90 -45.45 12.65
C ASP D 283 -38.08 -46.15 11.30
N GLY D 284 -37.20 -45.83 10.35
CA GLY D 284 -37.26 -46.43 9.03
C GLY D 284 -38.25 -45.69 8.15
N ARG D 285 -38.74 -44.55 8.63
CA ARG D 285 -39.70 -43.75 7.90
C ARG D 285 -39.30 -43.62 6.43
N SER D 286 -40.27 -43.79 5.54
CA SER D 286 -40.02 -43.70 4.10
C SER D 286 -39.75 -42.26 3.68
N GLN D 287 -38.92 -42.12 2.65
CA GLN D 287 -38.38 -40.82 2.26
C GLN D 287 -37.82 -40.06 3.47
N PRO D 288 -36.86 -40.68 4.17
CA PRO D 288 -36.36 -40.09 5.41
C PRO D 288 -35.65 -38.75 5.18
N LYS D 289 -35.80 -37.83 6.13
CA LYS D 289 -35.07 -36.58 6.11
C LYS D 289 -34.17 -36.50 7.34
N MET D 290 -33.27 -35.53 7.33
CA MET D 290 -32.55 -35.17 8.54
C MET D 290 -32.84 -33.71 8.84
N ARG D 291 -33.55 -33.48 9.94
CA ARG D 291 -34.08 -32.16 10.23
C ARG D 291 -33.17 -31.42 11.19
N LEU D 292 -32.98 -30.14 10.93
CA LEU D 292 -32.13 -29.30 11.75
C LEU D 292 -32.84 -28.89 13.03
N VAL D 293 -32.27 -29.29 14.17
CA VAL D 293 -32.84 -28.99 15.46
C VAL D 293 -32.32 -27.65 15.98
N GLY D 294 -31.01 -27.47 15.91
CA GLY D 294 -30.36 -26.28 16.42
C GLY D 294 -28.97 -26.18 15.83
N GLU D 295 -28.44 -24.97 15.79
CA GLU D 295 -27.15 -24.70 15.22
C GLU D 295 -26.30 -23.94 16.21
N ALA D 296 -25.01 -24.26 16.25
CA ALA D 296 -24.08 -23.49 17.06
C ALA D 296 -23.04 -22.84 16.15
N LYS D 297 -23.23 -21.57 15.87
CA LYS D 297 -22.36 -20.79 15.07
C LYS D 297 -21.00 -20.75 15.73
N GLN D 298 -19.94 -20.85 14.95
CA GLN D 298 -18.60 -20.90 15.46
C GLN D 298 -18.31 -22.13 16.35
N GLY D 299 -19.14 -23.13 16.20
CA GLY D 299 -19.03 -24.36 16.97
C GLY D 299 -17.86 -25.28 16.66
N GLY D 300 -17.34 -25.19 15.44
CA GLY D 300 -16.23 -26.05 15.02
C GLY D 300 -16.56 -26.87 13.78
N PHE D 301 -15.80 -26.68 12.69
CA PHE D 301 -16.09 -27.40 11.46
C PHE D 301 -15.51 -28.81 11.37
N HIS D 302 -14.52 -29.11 12.20
CA HIS D 302 -13.72 -30.30 11.98
C HIS D 302 -14.24 -31.51 12.74
N SER D 303 -14.50 -31.34 14.03
CA SER D 303 -14.96 -32.45 14.83
C SER D 303 -15.84 -31.97 15.99
N VAL D 304 -16.85 -32.74 16.33
CA VAL D 304 -17.70 -32.41 17.47
C VAL D 304 -18.15 -33.70 18.13
N VAL D 305 -18.03 -33.76 19.46
CA VAL D 305 -18.32 -34.99 20.18
C VAL D 305 -19.24 -34.67 21.36
N PRO D 306 -20.09 -35.65 21.76
CA PRO D 306 -20.99 -35.36 22.88
C PRO D 306 -20.26 -35.46 24.23
N ALA D 307 -20.72 -34.69 25.19
CA ALA D 307 -20.18 -34.75 26.56
C ALA D 307 -21.30 -34.53 27.57
N SER D 308 -21.16 -35.14 28.75
CA SER D 308 -22.10 -34.92 29.83
C SER D 308 -21.35 -34.46 31.09
N ILE D 309 -21.46 -33.17 31.38
CA ILE D 309 -20.72 -32.55 32.47
C ILE D 309 -21.69 -32.21 33.59
N ASN D 310 -21.49 -32.80 34.76
CA ASN D 310 -22.42 -32.66 35.89
C ASN D 310 -23.86 -32.95 35.45
N GLY D 311 -24.00 -33.95 34.60
CA GLY D 311 -25.32 -34.38 34.14
C GLY D 311 -25.97 -33.44 33.13
N VAL D 312 -25.27 -32.41 32.71
CA VAL D 312 -25.81 -31.47 31.72
C VAL D 312 -25.20 -31.75 30.34
N PRO D 313 -26.06 -31.95 29.32
CA PRO D 313 -25.58 -32.26 27.97
C PRO D 313 -24.77 -31.15 27.29
N HIS D 314 -23.62 -31.54 26.76
CA HIS D 314 -22.72 -30.62 26.07
C HIS D 314 -22.18 -31.25 24.81
N LEU D 315 -21.63 -30.41 23.93
CA LEU D 315 -20.83 -30.83 22.80
C LEU D 315 -19.48 -30.15 22.91
N VAL D 316 -18.42 -30.87 22.52
CA VAL D 316 -17.11 -30.28 22.36
C VAL D 316 -16.74 -30.26 20.88
N GLY D 317 -16.52 -29.06 20.33
CA GLY D 317 -16.25 -28.93 18.91
C GLY D 317 -15.02 -28.10 18.63
N ALA D 318 -14.44 -28.27 17.45
CA ALA D 318 -13.28 -27.51 17.03
C ALA D 318 -13.07 -27.57 15.54
N ALA D 319 -12.37 -26.57 15.02
CA ALA D 319 -11.99 -26.51 13.65
C ALA D 319 -10.67 -27.28 13.68
N GLU D 320 -9.67 -26.88 12.91
CA GLU D 320 -8.40 -27.61 12.93
C GLU D 320 -7.16 -26.83 12.52
N LEU D 321 -6.03 -27.20 13.08
CA LEU D 321 -4.78 -26.59 12.77
C LEU D 321 -4.78 -25.07 12.63
N GLY D 322 -4.24 -24.57 11.55
CA GLY D 322 -4.15 -23.15 11.32
C GLY D 322 -2.81 -22.56 11.74
N ALA D 323 -2.36 -21.58 10.97
CA ALA D 323 -1.20 -20.78 11.35
C ALA D 323 -1.55 -20.04 12.63
N CYS D 324 -0.55 -19.66 13.40
CA CYS D 324 -0.70 -18.94 14.65
C CYS D 324 -1.68 -17.80 14.54
N PRO D 325 -2.65 -17.70 15.45
CA PRO D 325 -2.81 -18.41 16.71
C PRO D 325 -3.62 -19.72 16.61
N GLY D 326 -3.78 -20.28 15.42
CA GLY D 326 -4.35 -21.60 15.27
C GLY D 326 -5.84 -21.70 15.54
N THR D 327 -6.25 -22.87 16.04
CA THR D 327 -7.65 -23.16 16.31
C THR D 327 -7.71 -23.96 17.61
N TRP D 328 -8.87 -23.96 18.25
CA TRP D 328 -8.96 -24.52 19.58
C TRP D 328 -10.41 -24.93 19.90
N PRO D 329 -10.60 -25.84 20.87
CA PRO D 329 -11.95 -26.35 21.15
C PRO D 329 -12.86 -25.36 21.89
N ARG D 330 -14.15 -25.49 21.62
CA ARG D 330 -15.14 -24.78 22.42
C ARG D 330 -16.15 -25.75 23.00
N ILE D 331 -16.70 -25.37 24.15
CA ILE D 331 -17.64 -26.21 24.88
C ILE D 331 -19.03 -25.63 24.63
N ILE D 332 -19.95 -26.46 24.19
CA ILE D 332 -21.27 -25.96 23.78
C ILE D 332 -22.35 -26.58 24.65
N ASN D 333 -23.13 -25.73 25.30
CA ASN D 333 -24.25 -26.20 26.10
C ASN D 333 -25.42 -26.54 25.18
N ILE D 334 -25.88 -27.78 25.23
CA ILE D 334 -27.07 -28.17 24.49
C ILE D 334 -28.18 -28.68 25.41
N ALA D 335 -28.31 -28.04 26.58
CA ALA D 335 -29.40 -28.38 27.48
C ALA D 335 -30.72 -28.14 26.76
N ASP D 336 -30.76 -27.04 26.02
CA ASP D 336 -31.83 -26.75 25.07
C ASP D 336 -31.28 -26.93 23.65
N GLU D 337 -31.51 -28.10 23.06
CA GLU D 337 -30.89 -28.45 21.78
C GLU D 337 -31.32 -27.58 20.59
N LYS D 338 -32.39 -26.82 20.75
CA LYS D 338 -32.86 -25.91 19.72
C LYS D 338 -32.11 -24.58 19.87
N ASN D 339 -31.46 -24.40 21.01
CA ASN D 339 -30.62 -23.23 21.25
C ASN D 339 -29.27 -23.56 21.88
N PRO D 340 -28.31 -24.03 21.06
CA PRO D 340 -26.98 -24.35 21.56
C PRO D 340 -26.21 -23.08 21.89
N LYS D 341 -25.49 -23.08 22.98
CA LYS D 341 -24.69 -21.94 23.39
C LYS D 341 -23.28 -22.37 23.61
N ILE D 342 -22.33 -21.63 23.04
CA ILE D 342 -20.93 -21.79 23.42
C ILE D 342 -20.71 -21.19 24.82
N VAL D 343 -20.33 -22.01 25.79
CA VAL D 343 -20.15 -21.51 27.15
C VAL D 343 -18.70 -21.44 27.61
N GLY D 344 -17.78 -22.02 26.83
CA GLY D 344 -16.38 -21.96 27.17
C GLY D 344 -15.47 -22.24 25.99
N GLU D 345 -14.19 -21.93 26.15
CA GLU D 345 -13.15 -22.20 25.15
C GLU D 345 -11.94 -22.73 25.89
N PHE D 346 -11.25 -23.71 25.33
CA PHE D 346 -9.93 -24.09 25.83
C PHE D 346 -8.82 -23.59 24.89
N LYS D 347 -8.04 -22.64 25.37
CA LYS D 347 -6.95 -22.04 24.64
C LYS D 347 -5.61 -22.23 25.30
N LEU D 348 -4.59 -22.58 24.52
CA LEU D 348 -3.22 -22.54 25.03
C LEU D 348 -2.69 -21.10 24.90
N GLN D 349 -1.58 -20.80 25.59
CA GLN D 349 -0.92 -19.52 25.40
C GLN D 349 -0.50 -19.29 23.95
N MET D 350 -0.17 -20.36 23.23
CA MET D 350 0.14 -20.26 21.80
C MET D 350 -1.08 -19.98 20.93
N ASN D 351 -2.26 -19.95 21.54
CA ASN D 351 -3.45 -19.58 20.78
C ASN D 351 -3.84 -18.11 21.02
N ILE D 352 -2.90 -17.33 21.56
CA ILE D 352 -3.07 -15.88 21.75
C ILE D 352 -2.21 -15.13 20.74
N LYS D 353 -2.83 -14.26 19.93
CA LYS D 353 -2.10 -13.58 18.87
C LYS D 353 -0.88 -12.82 19.39
N GLU D 354 -1.01 -12.21 20.54
CA GLU D 354 0.06 -11.44 21.09
C GLU D 354 1.28 -12.25 21.47
N ASN D 355 1.07 -13.46 21.96
CA ASN D 355 2.17 -14.37 22.28
C ASN D 355 2.84 -14.86 21.01
N CYS D 356 2.04 -15.15 20.00
CA CYS D 356 2.56 -15.59 18.71
C CYS D 356 3.48 -14.51 18.12
N ASP D 357 3.09 -13.27 18.28
CA ASP D 357 3.87 -12.19 17.79
C ASP D 357 5.16 -12.06 18.56
N ALA D 358 5.05 -12.21 19.87
CA ALA D 358 6.16 -12.02 20.78
C ALA D 358 7.31 -12.99 20.54
N ILE D 359 7.01 -14.20 20.05
CA ILE D 359 8.05 -15.22 19.87
C ILE D 359 8.72 -15.19 18.48
N ARG D 360 8.21 -14.39 17.56
CA ARG D 360 8.80 -14.29 16.22
C ARG D 360 10.24 -13.78 16.26
N PHE D 361 11.10 -14.35 15.44
CA PHE D 361 12.47 -13.85 15.33
C PHE D 361 12.47 -12.47 14.65
N THR D 362 11.52 -12.28 13.74
CA THR D 362 11.33 -11.01 13.05
C THR D 362 9.87 -10.59 13.12
N PRO D 363 9.60 -9.40 13.66
CA PRO D 363 8.24 -8.84 13.69
C PRO D 363 7.78 -8.56 12.27
N ARG D 364 6.50 -8.78 12.01
CA ARG D 364 5.94 -8.60 10.69
C ARG D 364 6.20 -7.18 10.20
N LYS D 365 6.12 -6.22 11.10
CA LYS D 365 6.34 -4.81 10.80
C LYS D 365 7.74 -4.55 10.25
N GLU D 366 8.71 -5.36 10.67
CA GLU D 366 10.10 -5.16 10.30
C GLU D 366 10.50 -5.77 8.95
N ASP D 367 9.64 -6.60 8.37
CA ASP D 367 9.97 -7.38 7.17
C ASP D 367 9.59 -6.68 5.88
N PRO D 368 10.58 -6.22 5.12
CA PRO D 368 10.27 -5.50 3.88
C PRO D 368 9.82 -6.44 2.75
N TYR D 369 9.99 -7.73 2.91
CA TYR D 369 9.58 -8.67 1.88
C TYR D 369 8.17 -9.22 2.05
N ALA D 370 7.51 -8.77 3.11
CA ALA D 370 6.19 -9.23 3.53
C ALA D 370 5.28 -9.68 2.43
N SER D 371 4.95 -8.78 1.51
CA SER D 371 4.10 -9.18 0.42
C SER D 371 4.94 -9.57 -0.79
N PHE D 372 6.07 -8.90 -1.01
CA PHE D 372 6.90 -9.21 -2.16
C PHE D 372 7.35 -10.67 -2.28
N ILE D 373 7.99 -11.16 -1.24
CA ILE D 373 8.45 -12.54 -1.16
C ILE D 373 8.10 -13.04 0.23
N PRO D 374 6.87 -13.55 0.40
CA PRO D 374 6.44 -13.99 1.73
C PRO D 374 7.25 -15.20 2.19
N ILE D 375 7.87 -15.07 3.37
CA ILE D 375 8.64 -16.16 3.95
C ILE D 375 8.21 -16.32 5.40
N PRO D 376 7.78 -17.49 5.78
CA PRO D 376 7.38 -17.72 7.16
C PRO D 376 8.54 -17.56 8.12
N ASP D 377 8.24 -17.00 9.29
CA ASP D 377 9.19 -16.84 10.37
C ASP D 377 9.75 -18.22 10.71
N ILE D 378 10.94 -18.27 11.29
CA ILE D 378 11.47 -19.61 11.57
C ILE D 378 10.63 -20.34 12.63
N THR D 379 9.97 -19.58 13.49
CA THR D 379 9.09 -20.18 14.49
C THR D 379 7.83 -20.83 13.89
N ALA D 380 7.58 -20.57 12.61
CA ALA D 380 6.46 -21.16 11.91
C ALA D 380 6.85 -22.33 11.01
N ARG D 381 8.04 -22.88 11.23
CA ARG D 381 8.53 -24.03 10.45
C ARG D 381 8.59 -25.31 11.30
N LEU D 382 7.78 -25.37 12.34
CA LEU D 382 7.78 -26.52 13.23
C LEU D 382 6.52 -27.35 13.03
N GLY D 383 5.38 -26.68 12.96
CA GLY D 383 4.09 -27.33 12.78
C GLY D 383 3.04 -26.55 13.53
N ALA D 384 1.80 -26.61 13.04
CA ALA D 384 0.69 -25.89 13.66
C ALA D 384 0.45 -26.35 15.12
N VAL D 385 0.12 -25.41 15.97
CA VAL D 385 -0.37 -25.72 17.31
C VAL D 385 -1.84 -25.34 17.31
N GLY D 386 -2.67 -26.34 17.04
CA GLY D 386 -4.09 -26.12 16.85
C GLY D 386 -4.74 -27.48 16.90
N SER D 387 -6.04 -27.52 17.15
CA SER D 387 -6.76 -28.78 17.33
C SER D 387 -6.67 -29.70 16.12
N HIS D 388 -6.57 -30.99 16.38
CA HIS D 388 -6.93 -31.98 15.37
C HIS D 388 -7.67 -33.16 15.99
N PHE D 389 -9.00 -33.02 16.00
CA PHE D 389 -9.90 -33.78 16.84
C PHE D 389 -9.85 -33.26 18.28
N ASN D 390 -10.82 -33.66 19.08
CA ASN D 390 -11.05 -33.00 20.37
C ASN D 390 -11.99 -33.82 21.21
N ASP D 391 -11.49 -34.96 21.69
CA ASP D 391 -12.31 -35.96 22.36
C ASP D 391 -12.48 -35.68 23.85
N VAL D 392 -13.35 -36.46 24.49
CA VAL D 392 -13.53 -36.39 25.92
C VAL D 392 -13.30 -37.78 26.50
N ASP D 393 -13.14 -37.86 27.82
CA ASP D 393 -12.80 -39.13 28.43
C ASP D 393 -13.94 -40.14 28.40
N ASP D 394 -15.16 -39.67 28.61
CA ASP D 394 -16.33 -40.54 28.69
C ASP D 394 -17.52 -39.66 28.37
N ALA D 395 -18.18 -39.95 27.25
CA ALA D 395 -19.30 -39.13 26.81
C ALA D 395 -20.44 -39.08 27.82
N ARG D 396 -20.58 -40.14 28.61
CA ARG D 396 -21.70 -40.27 29.55
C ARG D 396 -21.40 -39.68 30.92
N ASN D 397 -20.13 -39.57 31.24
CA ASN D 397 -19.72 -38.97 32.47
C ASN D 397 -18.40 -38.28 32.35
N THR D 398 -18.45 -37.04 31.90
CA THR D 398 -17.28 -36.34 31.40
C THR D 398 -16.53 -35.55 32.47
N ARG D 399 -15.25 -35.85 32.65
CA ARG D 399 -14.39 -35.06 33.51
C ARG D 399 -13.30 -34.35 32.71
N LEU D 400 -12.88 -34.99 31.63
CA LEU D 400 -11.79 -34.46 30.92
C LEU D 400 -11.87 -34.35 29.45
N GLY D 401 -11.26 -33.31 28.96
CA GLY D 401 -11.00 -33.14 27.54
C GLY D 401 -9.65 -33.78 27.22
N LEU D 402 -9.61 -34.51 26.10
CA LEU D 402 -8.40 -35.16 25.63
C LEU D 402 -8.16 -34.60 24.24
N PHE D 403 -7.33 -33.57 24.19
CA PHE D 403 -7.31 -32.67 23.05
C PHE D 403 -5.99 -32.69 22.28
N PRO D 404 -5.92 -33.42 21.16
CA PRO D 404 -4.73 -33.32 20.30
C PRO D 404 -4.59 -31.93 19.68
N PHE D 405 -3.39 -31.38 19.77
CA PHE D 405 -3.09 -30.03 19.27
C PHE D 405 -1.96 -30.07 18.24
N PHE D 406 -1.86 -31.19 17.52
CA PHE D 406 -0.88 -31.36 16.43
C PHE D 406 0.55 -31.24 16.97
N ALA D 407 1.26 -30.18 16.60
CA ALA D 407 2.61 -29.99 17.15
C ALA D 407 2.63 -29.71 18.65
N GLY D 408 1.50 -29.29 19.20
CA GLY D 408 1.41 -29.06 20.64
C GLY D 408 1.23 -30.33 21.47
N GLY D 409 1.22 -31.48 20.81
CA GLY D 409 1.05 -32.73 21.51
C GLY D 409 -0.39 -32.95 21.93
N VAL D 410 -0.59 -33.78 22.94
CA VAL D 410 -1.93 -34.08 23.45
C VAL D 410 -2.13 -33.34 24.76
N ARG D 411 -3.17 -32.51 24.82
CA ARG D 411 -3.48 -31.74 26.03
C ARG D 411 -4.63 -32.32 26.83
N ILE D 412 -4.47 -32.36 28.12
CA ILE D 412 -5.44 -32.94 29.01
C ILE D 412 -6.09 -31.86 29.85
N VAL D 413 -7.40 -31.73 29.69
CA VAL D 413 -8.10 -30.57 30.18
C VAL D 413 -9.26 -30.92 31.14
N ASP D 414 -9.24 -30.27 32.30
CA ASP D 414 -10.32 -30.41 33.29
C ASP D 414 -11.54 -29.66 32.77
N LEU D 415 -12.63 -30.38 32.51
CA LEU D 415 -13.82 -29.75 31.94
C LEU D 415 -14.93 -29.56 32.98
N ARG D 416 -14.65 -29.88 34.24
CA ARG D 416 -15.69 -29.86 35.27
C ARG D 416 -16.42 -28.51 35.38
N ASP D 417 -15.72 -27.42 35.10
CA ASP D 417 -16.35 -26.15 34.84
C ASP D 417 -16.28 -25.87 33.35
N PRO D 418 -17.39 -26.05 32.62
CA PRO D 418 -17.53 -25.82 31.18
C PRO D 418 -17.25 -24.38 30.76
N THR D 419 -17.42 -23.43 31.67
CA THR D 419 -17.11 -22.06 31.34
C THR D 419 -15.62 -21.80 31.52
N LYS D 420 -14.96 -22.68 32.25
CA LYS D 420 -13.56 -22.50 32.53
C LYS D 420 -12.68 -23.74 32.44
N PRO D 421 -12.62 -24.33 31.26
CA PRO D 421 -11.77 -25.52 31.08
C PRO D 421 -10.31 -25.18 31.36
N VAL D 422 -9.62 -26.03 32.09
CA VAL D 422 -8.24 -25.74 32.46
C VAL D 422 -7.33 -26.94 32.23
N GLU D 423 -6.12 -26.68 31.76
CA GLU D 423 -5.18 -27.76 31.48
C GLU D 423 -4.61 -28.35 32.75
N VAL D 424 -4.58 -29.67 32.84
CA VAL D 424 -4.01 -30.33 34.01
C VAL D 424 -2.90 -31.29 33.64
N GLY D 425 -2.61 -31.40 32.33
CA GLY D 425 -1.56 -32.28 31.88
C GLY D 425 -1.36 -32.21 30.38
N TYR D 426 -0.29 -32.84 29.88
CA TYR D 426 -0.04 -32.92 28.45
C TYR D 426 1.04 -33.96 28.21
N TYR D 427 1.15 -34.40 26.95
CA TYR D 427 2.22 -35.28 26.53
C TYR D 427 2.61 -34.90 25.10
N LYS D 428 3.87 -34.51 24.90
CA LYS D 428 4.43 -34.34 23.56
C LYS D 428 5.47 -35.44 23.36
N PRO D 429 5.37 -36.20 22.26
CA PRO D 429 6.11 -37.45 22.12
C PRO D 429 7.58 -37.33 21.73
N GLY D 430 8.03 -36.12 21.42
CA GLY D 430 9.38 -35.93 20.95
C GLY D 430 9.43 -36.05 19.44
N ALA D 431 10.49 -36.65 18.91
CA ALA D 431 10.63 -36.75 17.46
C ALA D 431 11.17 -38.10 17.03
N ASN D 432 10.82 -38.48 15.81
CA ASN D 432 11.24 -39.73 15.19
C ASN D 432 11.54 -39.48 13.71
N PRO D 433 12.69 -38.87 13.43
CA PRO D 433 13.06 -38.46 12.06
C PRO D 433 13.36 -39.67 11.16
N ASP D 434 13.24 -39.47 9.86
CA ASP D 434 13.66 -40.42 8.85
C ASP D 434 12.88 -41.70 8.74
N THR D 435 11.60 -41.67 9.07
CA THR D 435 10.75 -42.84 8.86
C THR D 435 10.46 -43.00 7.36
N PRO D 436 10.08 -44.21 6.93
CA PRO D 436 9.85 -44.31 5.48
C PRO D 436 8.56 -43.63 5.00
N LEU D 437 7.61 -43.34 5.88
CA LEU D 437 6.40 -42.65 5.41
C LEU D 437 6.36 -41.16 5.74
N SER D 438 7.25 -40.69 6.61
CA SER D 438 7.24 -39.27 6.98
C SER D 438 8.57 -38.56 6.71
N GLY D 439 9.53 -39.25 6.09
CA GLY D 439 10.85 -38.68 5.87
C GLY D 439 11.07 -37.98 4.54
N ASN D 440 12.35 -37.83 4.17
CA ASN D 440 12.75 -37.25 2.89
C ASN D 440 12.29 -35.81 2.67
N GLY D 441 11.77 -35.20 3.72
CA GLY D 441 11.26 -33.84 3.65
C GLY D 441 10.09 -33.66 2.70
N LEU D 442 9.34 -34.72 2.44
CA LEU D 442 8.23 -34.65 1.50
C LEU D 442 6.85 -34.48 2.13
N ASN D 443 6.78 -34.09 3.40
CA ASN D 443 5.49 -33.90 4.04
C ASN D 443 4.73 -32.67 3.52
N TRP D 444 3.41 -32.71 3.57
CA TRP D 444 2.60 -31.58 3.11
C TRP D 444 1.80 -30.90 4.22
N THR D 445 1.91 -31.44 5.43
CA THR D 445 1.12 -30.94 6.55
C THR D 445 1.76 -29.75 7.28
N GLY D 446 3.02 -29.45 6.98
CA GLY D 446 3.73 -28.42 7.71
C GLY D 446 4.42 -28.95 8.96
N LEU D 447 4.19 -30.22 9.29
CA LEU D 447 4.90 -30.83 10.40
C LEU D 447 6.37 -31.07 10.08
N ASN D 448 7.25 -30.53 10.91
CA ASN D 448 8.68 -30.74 10.76
C ASN D 448 9.10 -32.04 11.44
N ASP D 449 9.18 -33.12 10.67
CA ASP D 449 9.42 -34.46 11.21
C ASP D 449 10.83 -34.61 11.71
N GLN D 450 11.67 -33.65 11.34
CA GLN D 450 13.06 -33.69 11.74
C GLN D 450 13.26 -33.38 13.23
N VAL D 451 12.39 -32.53 13.80
CA VAL D 451 12.64 -32.01 15.14
C VAL D 451 11.44 -32.08 16.08
N THR D 452 10.29 -32.43 15.56
CA THR D 452 9.11 -32.56 16.41
C THR D 452 8.17 -33.61 15.84
N ASP D 453 6.98 -33.73 16.42
CA ASP D 453 6.02 -34.71 15.94
C ASP D 453 4.64 -34.15 16.21
N GLY D 454 3.64 -34.77 15.60
CA GLY D 454 2.29 -34.23 15.66
C GLY D 454 1.30 -35.28 16.10
N CYS D 455 0.49 -34.96 17.09
CA CYS D 455 -0.71 -35.75 17.37
CA CYS D 455 -0.74 -35.80 17.30
C CYS D 455 -2.12 -35.26 16.70
N MET D 456 -2.57 -36.24 15.92
CA MET D 456 -3.76 -35.87 15.17
C MET D 456 -4.78 -37.00 15.11
N SER D 457 -4.70 -37.94 16.05
CA SER D 457 -5.66 -39.04 16.10
C SER D 457 -6.75 -38.74 17.10
N HIS D 458 -7.85 -39.47 17.00
CA HIS D 458 -8.80 -39.59 18.09
C HIS D 458 -8.12 -40.22 19.29
N VAL D 459 -8.64 -39.91 20.47
CA VAL D 459 -8.03 -40.36 21.70
C VAL D 459 -9.02 -41.21 22.48
N ARG D 460 -8.57 -42.34 22.98
CA ARG D 460 -9.38 -43.23 23.80
C ARG D 460 -9.07 -43.11 25.29
N TYR D 461 -10.10 -43.11 26.12
CA TYR D 461 -9.93 -43.30 27.57
C TYR D 461 -10.60 -44.60 27.99
N VAL D 462 -9.85 -45.46 28.68
CA VAL D 462 -10.40 -46.72 29.18
C VAL D 462 -10.68 -46.58 30.66
N PRO D 463 -11.96 -46.54 31.04
CA PRO D 463 -12.34 -46.20 32.41
C PRO D 463 -11.85 -47.20 33.45
N GLU D 464 -11.72 -48.47 33.06
CA GLU D 464 -11.28 -49.55 33.95
C GLU D 464 -9.88 -49.33 34.44
N SER D 465 -8.99 -48.99 33.54
CA SER D 465 -7.57 -48.92 33.84
C SER D 465 -7.06 -47.48 33.96
N GLY D 466 -7.86 -46.54 33.47
CA GLY D 466 -7.43 -45.16 33.38
C GLY D 466 -6.44 -44.89 32.25
N HIS D 467 -6.19 -45.91 31.42
CA HIS D 467 -5.27 -45.72 30.28
C HIS D 467 -5.84 -44.86 29.16
N ILE D 468 -4.97 -44.06 28.54
CA ILE D 468 -5.32 -43.18 27.45
C ILE D 468 -4.52 -43.63 26.23
N TRP D 469 -5.19 -43.81 25.09
CA TRP D 469 -4.55 -44.27 23.85
C TRP D 469 -4.59 -43.16 22.80
N PHE D 470 -3.46 -42.93 22.15
CA PHE D 470 -3.43 -42.03 20.99
C PHE D 470 -2.29 -42.37 20.05
N ALA D 471 -2.35 -41.83 18.84
CA ALA D 471 -1.30 -42.03 17.85
C ALA D 471 -0.71 -40.71 17.39
N CYS D 472 0.61 -40.74 17.17
CA CYS D 472 1.30 -39.57 16.67
C CYS D 472 1.91 -39.92 15.31
N VAL D 473 2.02 -38.92 14.44
CA VAL D 473 2.44 -39.19 13.06
C VAL D 473 3.74 -40.03 12.97
N THR D 474 4.82 -39.56 13.56
CA THR D 474 6.10 -40.28 13.43
C THR D 474 6.41 -41.25 14.56
N THR D 475 6.03 -40.92 15.79
CA THR D 475 6.43 -41.76 16.92
C THR D 475 5.52 -42.96 17.20
N GLY D 476 4.33 -42.98 16.60
CA GLY D 476 3.48 -44.15 16.68
C GLY D 476 2.40 -44.15 17.76
N PHE D 477 2.11 -45.34 18.26
CA PHE D 477 0.99 -45.56 19.17
C PHE D 477 1.48 -45.47 20.60
N HIS D 478 0.76 -44.71 21.42
CA HIS D 478 1.14 -44.50 22.82
C HIS D 478 0.03 -44.87 23.77
N VAL D 479 0.42 -45.40 24.94
CA VAL D 479 -0.51 -45.61 26.04
C VAL D 479 0.02 -44.80 27.22
N VAL D 480 -0.80 -43.89 27.73
CA VAL D 480 -0.39 -43.11 28.90
C VAL D 480 -1.46 -43.22 29.96
N GLU D 481 -1.14 -42.74 31.17
CA GLU D 481 -2.09 -42.76 32.28
C GLU D 481 -1.94 -41.47 33.08
N LEU D 482 -3.02 -41.05 33.73
CA LEU D 482 -2.92 -39.89 34.60
C LEU D 482 -2.09 -40.24 35.82
N ASN D 483 -1.44 -39.24 36.40
CA ASN D 483 -0.84 -39.34 37.71
C ASN D 483 -1.86 -39.79 38.74
N PRO D 484 -1.43 -40.57 39.74
CA PRO D 484 -2.30 -40.83 40.90
C PRO D 484 -2.81 -39.51 41.48
N ASP D 485 -1.92 -38.53 41.53
CA ASP D 485 -2.22 -37.23 42.08
C ASP D 485 -3.36 -36.56 41.36
N LEU D 486 -3.34 -36.66 40.05
CA LEU D 486 -4.33 -36.04 39.18
C LEU D 486 -5.68 -36.75 39.22
N ARG D 487 -5.66 -38.08 39.19
CA ARG D 487 -6.88 -38.89 39.32
C ARG D 487 -7.62 -38.57 40.61
N ALA D 488 -6.87 -38.54 41.72
CA ALA D 488 -7.46 -38.24 43.00
C ALA D 488 -8.10 -36.84 43.01
N ARG D 489 -7.37 -35.86 42.50
CA ARG D 489 -7.85 -34.47 42.50
C ARG D 489 -9.11 -34.25 41.64
N LEU D 490 -9.19 -34.94 40.52
CA LEU D 490 -10.30 -34.83 39.59
C LEU D 490 -11.50 -35.66 39.99
N GLY D 491 -11.31 -36.49 41.00
CA GLY D 491 -12.35 -37.34 41.55
C GLY D 491 -12.72 -38.58 40.78
N PHE D 492 -11.73 -39.24 40.24
CA PHE D 492 -11.94 -40.45 39.48
C PHE D 492 -12.02 -41.65 40.41
N PRO D 493 -12.92 -42.62 40.15
CA PRO D 493 -12.92 -43.85 40.95
C PRO D 493 -11.54 -44.48 40.87
N THR D 494 -11.26 -45.43 41.71
CA THR D 494 -9.88 -45.82 41.81
C THR D 494 -9.62 -47.29 41.77
N VAL D 495 -9.12 -47.74 40.62
CA VAL D 495 -8.49 -49.04 40.50
C VAL D 495 -7.20 -48.96 39.71
MN MN E . 6.46 37.11 -7.67
MN MN F . 9.33 36.14 -5.81
MN MN G . -22.97 19.63 7.72
MN MN H . -20.74 17.13 6.31
MN MN I . 19.57 -11.36 -3.59
MN MN J . 19.83 -14.59 -5.17
MN MN K . -8.27 -33.10 9.72
MN MN L . -10.43 -33.79 6.97
#